data_4G0P
# 
_entry.id   4G0P 
# 
_audit_conform.dict_name       mmcif_pdbx.dic 
_audit_conform.dict_version    5.387 
_audit_conform.dict_location   http://mmcif.pdb.org/dictionaries/ascii/mmcif_pdbx.dic 
# 
loop_
_database_2.database_id 
_database_2.database_code 
_database_2.pdbx_database_accession 
_database_2.pdbx_DOI 
PDB   4G0P         pdb_00004g0p 10.2210/pdb4g0p/pdb 
RCSB  RCSB073590   ?            ?                   
WWPDB D_1000073590 ?            ?                   
# 
loop_
_pdbx_audit_revision_history.ordinal 
_pdbx_audit_revision_history.data_content_type 
_pdbx_audit_revision_history.major_revision 
_pdbx_audit_revision_history.minor_revision 
_pdbx_audit_revision_history.revision_date 
1 'Structure model' 1 0 2012-07-25 
2 'Structure model' 1 1 2012-08-29 
3 'Structure model' 1 2 2012-09-12 
4 'Structure model' 1 3 2024-02-28 
# 
_pdbx_audit_revision_details.ordinal             1 
_pdbx_audit_revision_details.revision_ordinal    1 
_pdbx_audit_revision_details.data_content_type   'Structure model' 
_pdbx_audit_revision_details.provider            repository 
_pdbx_audit_revision_details.type                'Initial release' 
_pdbx_audit_revision_details.description         ? 
_pdbx_audit_revision_details.details             ? 
# 
loop_
_pdbx_audit_revision_group.ordinal 
_pdbx_audit_revision_group.revision_ordinal 
_pdbx_audit_revision_group.data_content_type 
_pdbx_audit_revision_group.group 
1 2 'Structure model' 'Database references'  
2 3 'Structure model' 'Database references'  
3 4 'Structure model' 'Data collection'      
4 4 'Structure model' 'Database references'  
5 4 'Structure model' 'Derived calculations' 
# 
loop_
_pdbx_audit_revision_category.ordinal 
_pdbx_audit_revision_category.revision_ordinal 
_pdbx_audit_revision_category.data_content_type 
_pdbx_audit_revision_category.category 
1 4 'Structure model' chem_comp_atom     
2 4 'Structure model' chem_comp_bond     
3 4 'Structure model' database_2         
4 4 'Structure model' struct_ref_seq_dif 
5 4 'Structure model' struct_site        
# 
loop_
_pdbx_audit_revision_item.ordinal 
_pdbx_audit_revision_item.revision_ordinal 
_pdbx_audit_revision_item.data_content_type 
_pdbx_audit_revision_item.item 
1 4 'Structure model' '_database_2.pdbx_DOI'                
2 4 'Structure model' '_database_2.pdbx_database_accession' 
3 4 'Structure model' '_struct_ref_seq_dif.details'         
4 4 'Structure model' '_struct_site.pdbx_auth_asym_id'      
5 4 'Structure model' '_struct_site.pdbx_auth_comp_id'      
6 4 'Structure model' '_struct_site.pdbx_auth_seq_id'       
# 
_pdbx_database_status.status_code                     REL 
_pdbx_database_status.entry_id                        4G0P 
_pdbx_database_status.recvd_initial_deposition_date   2012-07-09 
_pdbx_database_status.deposit_site                    RCSB 
_pdbx_database_status.process_site                    RCSB 
_pdbx_database_status.status_code_sf                  REL 
_pdbx_database_status.status_code_mr                  ? 
_pdbx_database_status.SG_entry                        ? 
_pdbx_database_status.status_code_cs                  ? 
_pdbx_database_status.methods_development_category    ? 
_pdbx_database_status.pdb_format_compatible           Y 
_pdbx_database_status.status_code_nmr_data            ? 
# 
loop_
_pdbx_database_related.db_name 
_pdbx_database_related.db_id 
_pdbx_database_related.details 
_pdbx_database_related.content_type 
PDB 4G0M 'Crystal structure of Arabidopsis thaliana AGO2 MID domain'             unspecified 
PDB 4G0O 'Crystal structure of Arabidopsis thaliana AGO5 MID domain'             unspecified 
PDB 4G0Q 'Structure of Arabidopsis thaliana AGO1 MID domain in complex with CMP' unspecified 
PDB 4G0X 'Crystal Structure of Arabidopsis thaliana AGO1 MID domain'             unspecified 
PDB 4G0Y 'Structure of Arabidopsis AGO1 in complex with AMP'                     unspecified 
PDB 4G0Z 'Structure of Arabidopsis thaliana AGO1 MID domain in complex with GMP' unspecified 
# 
loop_
_audit_author.name 
_audit_author.pdbx_ordinal 
'Frank, F.'     1 
'Hauver, J.'    2 
'Sonenberg, N.' 3 
'Nagar, B.'     4 
# 
_citation.id                        primary 
_citation.title                     'Arabidopsis Argonaute MID domains use their nucleotide specificity loop to sort small RNAs.' 
_citation.journal_abbrev            'Embo J.' 
_citation.journal_volume            31 
_citation.page_first                3588 
_citation.page_last                 3595 
_citation.year                      2012 
_citation.journal_id_ASTM           EMJODG 
_citation.country                   UK 
_citation.journal_id_ISSN           0261-4189 
_citation.journal_id_CSD            0897 
_citation.book_publisher            ? 
_citation.pdbx_database_id_PubMed   22850669 
_citation.pdbx_database_id_DOI      10.1038/emboj.2012.204 
# 
loop_
_citation_author.citation_id 
_citation_author.name 
_citation_author.ordinal 
_citation_author.identifier_ORCID 
primary 'Frank, F.'     1 ? 
primary 'Hauver, J.'    2 ? 
primary 'Sonenberg, N.' 3 ? 
primary 'Nagar, B.'     4 ? 
# 
loop_
_entity.id 
_entity.type 
_entity.src_method 
_entity.pdbx_description 
_entity.formula_weight 
_entity.pdbx_number_of_molecules 
_entity.pdbx_ec 
_entity.pdbx_mutation 
_entity.pdbx_fragment 
_entity.details 
1 polymer     man 'Protein argonaute 1'      16439.156 1   ? ? 'MID domain, UNP residues 593-738' ? 
2 non-polymer syn "URIDINE-5'-MONOPHOSPHATE" 324.181   1   ? ? ?                                  ? 
3 water       nat water                      18.015    161 ? ? ?                                  ? 
# 
_entity_poly.entity_id                      1 
_entity_poly.type                           'polypeptide(L)' 
_entity_poly.nstd_linkage                   no 
_entity_poly.nstd_monomer                   no 
_entity_poly.pdbx_seq_one_letter_code       
;SNKKMINGGTVNNWICINFSRQVQDNLARTFCQELAQMCYVSGMAFNPEPVLPPVSARPEQVEKVLKTRYHDATSKLSQG
KEIDLLIVILPDNNGSLYGDLKRICETELGIVSQCCLTKHVFKMSKQYMANVALKINVKVGGRNTVL
;
_entity_poly.pdbx_seq_one_letter_code_can   
;SNKKMINGGTVNNWICINFSRQVQDNLARTFCQELAQMCYVSGMAFNPEPVLPPVSARPEQVEKVLKTRYHDATSKLSQG
KEIDLLIVILPDNNGSLYGDLKRICETELGIVSQCCLTKHVFKMSKQYMANVALKINVKVGGRNTVL
;
_entity_poly.pdbx_strand_id                 A 
_entity_poly.pdbx_target_identifier         ? 
# 
loop_
_pdbx_entity_nonpoly.entity_id 
_pdbx_entity_nonpoly.name 
_pdbx_entity_nonpoly.comp_id 
2 "URIDINE-5'-MONOPHOSPHATE" U5P 
3 water                      HOH 
# 
loop_
_entity_poly_seq.entity_id 
_entity_poly_seq.num 
_entity_poly_seq.mon_id 
_entity_poly_seq.hetero 
1 1   SER n 
1 2   ASN n 
1 3   LYS n 
1 4   LYS n 
1 5   MET n 
1 6   ILE n 
1 7   ASN n 
1 8   GLY n 
1 9   GLY n 
1 10  THR n 
1 11  VAL n 
1 12  ASN n 
1 13  ASN n 
1 14  TRP n 
1 15  ILE n 
1 16  CYS n 
1 17  ILE n 
1 18  ASN n 
1 19  PHE n 
1 20  SER n 
1 21  ARG n 
1 22  GLN n 
1 23  VAL n 
1 24  GLN n 
1 25  ASP n 
1 26  ASN n 
1 27  LEU n 
1 28  ALA n 
1 29  ARG n 
1 30  THR n 
1 31  PHE n 
1 32  CYS n 
1 33  GLN n 
1 34  GLU n 
1 35  LEU n 
1 36  ALA n 
1 37  GLN n 
1 38  MET n 
1 39  CYS n 
1 40  TYR n 
1 41  VAL n 
1 42  SER n 
1 43  GLY n 
1 44  MET n 
1 45  ALA n 
1 46  PHE n 
1 47  ASN n 
1 48  PRO n 
1 49  GLU n 
1 50  PRO n 
1 51  VAL n 
1 52  LEU n 
1 53  PRO n 
1 54  PRO n 
1 55  VAL n 
1 56  SER n 
1 57  ALA n 
1 58  ARG n 
1 59  PRO n 
1 60  GLU n 
1 61  GLN n 
1 62  VAL n 
1 63  GLU n 
1 64  LYS n 
1 65  VAL n 
1 66  LEU n 
1 67  LYS n 
1 68  THR n 
1 69  ARG n 
1 70  TYR n 
1 71  HIS n 
1 72  ASP n 
1 73  ALA n 
1 74  THR n 
1 75  SER n 
1 76  LYS n 
1 77  LEU n 
1 78  SER n 
1 79  GLN n 
1 80  GLY n 
1 81  LYS n 
1 82  GLU n 
1 83  ILE n 
1 84  ASP n 
1 85  LEU n 
1 86  LEU n 
1 87  ILE n 
1 88  VAL n 
1 89  ILE n 
1 90  LEU n 
1 91  PRO n 
1 92  ASP n 
1 93  ASN n 
1 94  ASN n 
1 95  GLY n 
1 96  SER n 
1 97  LEU n 
1 98  TYR n 
1 99  GLY n 
1 100 ASP n 
1 101 LEU n 
1 102 LYS n 
1 103 ARG n 
1 104 ILE n 
1 105 CYS n 
1 106 GLU n 
1 107 THR n 
1 108 GLU n 
1 109 LEU n 
1 110 GLY n 
1 111 ILE n 
1 112 VAL n 
1 113 SER n 
1 114 GLN n 
1 115 CYS n 
1 116 CYS n 
1 117 LEU n 
1 118 THR n 
1 119 LYS n 
1 120 HIS n 
1 121 VAL n 
1 122 PHE n 
1 123 LYS n 
1 124 MET n 
1 125 SER n 
1 126 LYS n 
1 127 GLN n 
1 128 TYR n 
1 129 MET n 
1 130 ALA n 
1 131 ASN n 
1 132 VAL n 
1 133 ALA n 
1 134 LEU n 
1 135 LYS n 
1 136 ILE n 
1 137 ASN n 
1 138 VAL n 
1 139 LYS n 
1 140 VAL n 
1 141 GLY n 
1 142 GLY n 
1 143 ARG n 
1 144 ASN n 
1 145 THR n 
1 146 VAL n 
1 147 LEU n 
# 
_entity_src_gen.entity_id                          1 
_entity_src_gen.pdbx_src_id                        1 
_entity_src_gen.pdbx_alt_source_flag               sample 
_entity_src_gen.pdbx_seq_type                      ? 
_entity_src_gen.pdbx_beg_seq_num                   ? 
_entity_src_gen.pdbx_end_seq_num                   ? 
_entity_src_gen.gene_src_common_name               'mouse-ear cress,thale-cress' 
_entity_src_gen.gene_src_genus                     ? 
_entity_src_gen.pdbx_gene_src_gene                 'AGO1, At1g48410, F11A17.3, T1N15.2' 
_entity_src_gen.gene_src_species                   ? 
_entity_src_gen.gene_src_strain                    ? 
_entity_src_gen.gene_src_tissue                    ? 
_entity_src_gen.gene_src_tissue_fraction           ? 
_entity_src_gen.gene_src_details                   ? 
_entity_src_gen.pdbx_gene_src_fragment             ? 
_entity_src_gen.pdbx_gene_src_scientific_name      'Arabidopsis thaliana' 
_entity_src_gen.pdbx_gene_src_ncbi_taxonomy_id     3702 
_entity_src_gen.pdbx_gene_src_variant              ? 
_entity_src_gen.pdbx_gene_src_cell_line            ? 
_entity_src_gen.pdbx_gene_src_atcc                 ? 
_entity_src_gen.pdbx_gene_src_organ                ? 
_entity_src_gen.pdbx_gene_src_organelle            ? 
_entity_src_gen.pdbx_gene_src_cell                 ? 
_entity_src_gen.pdbx_gene_src_cellular_location    ? 
_entity_src_gen.host_org_common_name               ? 
_entity_src_gen.pdbx_host_org_scientific_name      'Escherichia coli' 
_entity_src_gen.pdbx_host_org_ncbi_taxonomy_id     469008 
_entity_src_gen.host_org_genus                     ? 
_entity_src_gen.pdbx_host_org_gene                 ? 
_entity_src_gen.pdbx_host_org_organ                ? 
_entity_src_gen.host_org_species                   ? 
_entity_src_gen.pdbx_host_org_tissue               ? 
_entity_src_gen.pdbx_host_org_tissue_fraction      ? 
_entity_src_gen.pdbx_host_org_strain               'BL21 DE3' 
_entity_src_gen.pdbx_host_org_variant              ? 
_entity_src_gen.pdbx_host_org_cell_line            ? 
_entity_src_gen.pdbx_host_org_atcc                 ? 
_entity_src_gen.pdbx_host_org_culture_collection   ? 
_entity_src_gen.pdbx_host_org_cell                 ? 
_entity_src_gen.pdbx_host_org_organelle            ? 
_entity_src_gen.pdbx_host_org_cellular_location    ? 
_entity_src_gen.pdbx_host_org_vector_type          ? 
_entity_src_gen.pdbx_host_org_vector               ? 
_entity_src_gen.host_org_details                   ? 
_entity_src_gen.expression_system_id               ? 
_entity_src_gen.plasmid_name                       ? 
_entity_src_gen.plasmid_details                    ? 
_entity_src_gen.pdbx_description                   ? 
# 
loop_
_chem_comp.id 
_chem_comp.type 
_chem_comp.mon_nstd_flag 
_chem_comp.name 
_chem_comp.pdbx_synonyms 
_chem_comp.formula 
_chem_comp.formula_weight 
ALA 'L-peptide linking' y ALANINE                    ? 'C3 H7 N O2'     89.093  
ARG 'L-peptide linking' y ARGININE                   ? 'C6 H15 N4 O2 1' 175.209 
ASN 'L-peptide linking' y ASPARAGINE                 ? 'C4 H8 N2 O3'    132.118 
ASP 'L-peptide linking' y 'ASPARTIC ACID'            ? 'C4 H7 N O4'     133.103 
CYS 'L-peptide linking' y CYSTEINE                   ? 'C3 H7 N O2 S'   121.158 
GLN 'L-peptide linking' y GLUTAMINE                  ? 'C5 H10 N2 O3'   146.144 
GLU 'L-peptide linking' y 'GLUTAMIC ACID'            ? 'C5 H9 N O4'     147.129 
GLY 'peptide linking'   y GLYCINE                    ? 'C2 H5 N O2'     75.067  
HIS 'L-peptide linking' y HISTIDINE                  ? 'C6 H10 N3 O2 1' 156.162 
HOH non-polymer         . WATER                      ? 'H2 O'           18.015  
ILE 'L-peptide linking' y ISOLEUCINE                 ? 'C6 H13 N O2'    131.173 
LEU 'L-peptide linking' y LEUCINE                    ? 'C6 H13 N O2'    131.173 
LYS 'L-peptide linking' y LYSINE                     ? 'C6 H15 N2 O2 1' 147.195 
MET 'L-peptide linking' y METHIONINE                 ? 'C5 H11 N O2 S'  149.211 
PHE 'L-peptide linking' y PHENYLALANINE              ? 'C9 H11 N O2'    165.189 
PRO 'L-peptide linking' y PROLINE                    ? 'C5 H9 N O2'     115.130 
SER 'L-peptide linking' y SERINE                     ? 'C3 H7 N O3'     105.093 
THR 'L-peptide linking' y THREONINE                  ? 'C4 H9 N O3'     119.119 
TRP 'L-peptide linking' y TRYPTOPHAN                 ? 'C11 H12 N2 O2'  204.225 
TYR 'L-peptide linking' y TYROSINE                   ? 'C9 H11 N O3'    181.189 
U5P non-polymer         . "URIDINE-5'-MONOPHOSPHATE" ? 'C9 H13 N2 O9 P' 324.181 
VAL 'L-peptide linking' y VALINE                     ? 'C5 H11 N O2'    117.146 
# 
loop_
_pdbx_poly_seq_scheme.asym_id 
_pdbx_poly_seq_scheme.entity_id 
_pdbx_poly_seq_scheme.seq_id 
_pdbx_poly_seq_scheme.mon_id 
_pdbx_poly_seq_scheme.ndb_seq_num 
_pdbx_poly_seq_scheme.pdb_seq_num 
_pdbx_poly_seq_scheme.auth_seq_num 
_pdbx_poly_seq_scheme.pdb_mon_id 
_pdbx_poly_seq_scheme.auth_mon_id 
_pdbx_poly_seq_scheme.pdb_strand_id 
_pdbx_poly_seq_scheme.pdb_ins_code 
_pdbx_poly_seq_scheme.hetero 
A 1 1   SER 1   594 594 SER SER A . n 
A 1 2   ASN 2   595 595 ASN ASN A . n 
A 1 3   LYS 3   596 596 LYS LYS A . n 
A 1 4   LYS 4   597 597 LYS LYS A . n 
A 1 5   MET 5   598 598 MET MET A . n 
A 1 6   ILE 6   599 599 ILE ILE A . n 
A 1 7   ASN 7   600 600 ASN ASN A . n 
A 1 8   GLY 8   601 601 GLY GLY A . n 
A 1 9   GLY 9   602 602 GLY GLY A . n 
A 1 10  THR 10  603 603 THR THR A . n 
A 1 11  VAL 11  604 604 VAL VAL A . n 
A 1 12  ASN 12  605 605 ASN ASN A . n 
A 1 13  ASN 13  606 606 ASN ASN A . n 
A 1 14  TRP 14  607 607 TRP TRP A . n 
A 1 15  ILE 15  608 608 ILE ILE A . n 
A 1 16  CYS 16  609 609 CYS CYS A . n 
A 1 17  ILE 17  610 610 ILE ILE A . n 
A 1 18  ASN 18  611 611 ASN ASN A . n 
A 1 19  PHE 19  612 612 PHE PHE A . n 
A 1 20  SER 20  613 613 SER SER A . n 
A 1 21  ARG 21  614 614 ARG ARG A . n 
A 1 22  GLN 22  615 615 GLN GLN A . n 
A 1 23  VAL 23  616 616 VAL VAL A . n 
A 1 24  GLN 24  617 617 GLN GLN A . n 
A 1 25  ASP 25  618 618 ASP ASP A . n 
A 1 26  ASN 26  619 619 ASN ASN A . n 
A 1 27  LEU 27  620 620 LEU LEU A . n 
A 1 28  ALA 28  621 621 ALA ALA A . n 
A 1 29  ARG 29  622 622 ARG ARG A . n 
A 1 30  THR 30  623 623 THR THR A . n 
A 1 31  PHE 31  624 624 PHE PHE A . n 
A 1 32  CYS 32  625 625 CYS CYS A . n 
A 1 33  GLN 33  626 626 GLN GLN A . n 
A 1 34  GLU 34  627 627 GLU GLU A . n 
A 1 35  LEU 35  628 628 LEU LEU A . n 
A 1 36  ALA 36  629 629 ALA ALA A . n 
A 1 37  GLN 37  630 630 GLN GLN A . n 
A 1 38  MET 38  631 631 MET MET A . n 
A 1 39  CYS 39  632 632 CYS CYS A . n 
A 1 40  TYR 40  633 633 TYR TYR A . n 
A 1 41  VAL 41  634 634 VAL VAL A . n 
A 1 42  SER 42  635 635 SER SER A . n 
A 1 43  GLY 43  636 636 GLY GLY A . n 
A 1 44  MET 44  637 637 MET MET A . n 
A 1 45  ALA 45  638 638 ALA ALA A . n 
A 1 46  PHE 46  639 639 PHE PHE A . n 
A 1 47  ASN 47  640 640 ASN ASN A . n 
A 1 48  PRO 48  641 641 PRO PRO A . n 
A 1 49  GLU 49  642 642 GLU GLU A . n 
A 1 50  PRO 50  643 643 PRO PRO A . n 
A 1 51  VAL 51  644 644 VAL VAL A . n 
A 1 52  LEU 52  645 645 LEU LEU A . n 
A 1 53  PRO 53  646 646 PRO PRO A . n 
A 1 54  PRO 54  647 647 PRO PRO A . n 
A 1 55  VAL 55  648 648 VAL VAL A . n 
A 1 56  SER 56  649 649 SER SER A . n 
A 1 57  ALA 57  650 650 ALA ALA A . n 
A 1 58  ARG 58  651 651 ARG ARG A . n 
A 1 59  PRO 59  652 652 PRO PRO A . n 
A 1 60  GLU 60  653 653 GLU GLU A . n 
A 1 61  GLN 61  654 654 GLN GLN A . n 
A 1 62  VAL 62  655 655 VAL VAL A . n 
A 1 63  GLU 63  656 656 GLU GLU A . n 
A 1 64  LYS 64  657 657 LYS LYS A . n 
A 1 65  VAL 65  658 658 VAL VAL A . n 
A 1 66  LEU 66  659 659 LEU LEU A . n 
A 1 67  LYS 67  660 660 LYS LYS A . n 
A 1 68  THR 68  661 661 THR THR A . n 
A 1 69  ARG 69  662 662 ARG ARG A . n 
A 1 70  TYR 70  663 663 TYR TYR A . n 
A 1 71  HIS 71  664 664 HIS HIS A . n 
A 1 72  ASP 72  665 665 ASP ASP A . n 
A 1 73  ALA 73  666 666 ALA ALA A . n 
A 1 74  THR 74  667 667 THR THR A . n 
A 1 75  SER 75  668 668 SER SER A . n 
A 1 76  LYS 76  669 669 LYS LYS A . n 
A 1 77  LEU 77  670 670 LEU LEU A . n 
A 1 78  SER 78  671 671 SER SER A . n 
A 1 79  GLN 79  672 672 GLN GLN A . n 
A 1 80  GLY 80  673 673 GLY GLY A . n 
A 1 81  LYS 81  674 674 LYS LYS A . n 
A 1 82  GLU 82  675 675 GLU GLU A . n 
A 1 83  ILE 83  676 676 ILE ILE A . n 
A 1 84  ASP 84  677 677 ASP ASP A . n 
A 1 85  LEU 85  678 678 LEU LEU A . n 
A 1 86  LEU 86  679 679 LEU LEU A . n 
A 1 87  ILE 87  680 680 ILE ILE A . n 
A 1 88  VAL 88  681 681 VAL VAL A . n 
A 1 89  ILE 89  682 682 ILE ILE A . n 
A 1 90  LEU 90  683 683 LEU LEU A . n 
A 1 91  PRO 91  684 684 PRO PRO A . n 
A 1 92  ASP 92  685 685 ASP ASP A . n 
A 1 93  ASN 93  686 686 ASN ASN A . n 
A 1 94  ASN 94  687 687 ASN ASN A . n 
A 1 95  GLY 95  688 688 GLY GLY A . n 
A 1 96  SER 96  689 689 SER SER A . n 
A 1 97  LEU 97  690 690 LEU LEU A . n 
A 1 98  TYR 98  691 691 TYR TYR A . n 
A 1 99  GLY 99  692 692 GLY GLY A . n 
A 1 100 ASP 100 693 693 ASP ASP A . n 
A 1 101 LEU 101 694 694 LEU LEU A . n 
A 1 102 LYS 102 695 695 LYS LYS A . n 
A 1 103 ARG 103 696 696 ARG ARG A . n 
A 1 104 ILE 104 697 697 ILE ILE A . n 
A 1 105 CYS 105 698 698 CYS CYS A . n 
A 1 106 GLU 106 699 699 GLU GLU A . n 
A 1 107 THR 107 700 700 THR THR A . n 
A 1 108 GLU 108 701 701 GLU GLU A . n 
A 1 109 LEU 109 702 702 LEU LEU A . n 
A 1 110 GLY 110 703 703 GLY GLY A . n 
A 1 111 ILE 111 704 704 ILE ILE A . n 
A 1 112 VAL 112 705 705 VAL VAL A . n 
A 1 113 SER 113 706 706 SER SER A . n 
A 1 114 GLN 114 707 707 GLN GLN A . n 
A 1 115 CYS 115 708 708 CYS CYS A . n 
A 1 116 CYS 116 709 709 CYS CYS A . n 
A 1 117 LEU 117 710 710 LEU LEU A . n 
A 1 118 THR 118 711 711 THR THR A . n 
A 1 119 LYS 119 712 712 LYS LYS A . n 
A 1 120 HIS 120 713 713 HIS HIS A . n 
A 1 121 VAL 121 714 714 VAL VAL A . n 
A 1 122 PHE 122 715 715 PHE PHE A . n 
A 1 123 LYS 123 716 716 LYS LYS A . n 
A 1 124 MET 124 717 717 MET MET A . n 
A 1 125 SER 125 718 718 SER SER A . n 
A 1 126 LYS 126 719 719 LYS LYS A . n 
A 1 127 GLN 127 720 720 GLN GLN A . n 
A 1 128 TYR 128 721 721 TYR TYR A . n 
A 1 129 MET 129 722 722 MET MET A . n 
A 1 130 ALA 130 723 723 ALA ALA A . n 
A 1 131 ASN 131 724 724 ASN ASN A . n 
A 1 132 VAL 132 725 725 VAL VAL A . n 
A 1 133 ALA 133 726 726 ALA ALA A . n 
A 1 134 LEU 134 727 727 LEU LEU A . n 
A 1 135 LYS 135 728 728 LYS LYS A . n 
A 1 136 ILE 136 729 729 ILE ILE A . n 
A 1 137 ASN 137 730 730 ASN ASN A . n 
A 1 138 VAL 138 731 731 VAL VAL A . n 
A 1 139 LYS 139 732 732 LYS LYS A . n 
A 1 140 VAL 140 733 733 VAL VAL A . n 
A 1 141 GLY 141 734 734 GLY GLY A . n 
A 1 142 GLY 142 735 735 GLY GLY A . n 
A 1 143 ARG 143 736 736 ARG ARG A . n 
A 1 144 ASN 144 737 737 ASN ASN A . n 
A 1 145 THR 145 738 738 THR THR A . n 
A 1 146 VAL 146 739 739 VAL VAL A . n 
A 1 147 LEU 147 740 740 LEU LEU A . n 
# 
loop_
_pdbx_nonpoly_scheme.asym_id 
_pdbx_nonpoly_scheme.entity_id 
_pdbx_nonpoly_scheme.mon_id 
_pdbx_nonpoly_scheme.ndb_seq_num 
_pdbx_nonpoly_scheme.pdb_seq_num 
_pdbx_nonpoly_scheme.auth_seq_num 
_pdbx_nonpoly_scheme.pdb_mon_id 
_pdbx_nonpoly_scheme.auth_mon_id 
_pdbx_nonpoly_scheme.pdb_strand_id 
_pdbx_nonpoly_scheme.pdb_ins_code 
B 2 U5P 1   801  1   U5P U5P A . 
C 3 HOH 1   901  1   HOH HOH A . 
C 3 HOH 2   902  2   HOH HOH A . 
C 3 HOH 3   903  3   HOH HOH A . 
C 3 HOH 4   904  4   HOH HOH A . 
C 3 HOH 5   905  5   HOH HOH A . 
C 3 HOH 6   906  6   HOH HOH A . 
C 3 HOH 7   907  7   HOH HOH A . 
C 3 HOH 8   908  8   HOH HOH A . 
C 3 HOH 9   909  9   HOH HOH A . 
C 3 HOH 10  910  10  HOH HOH A . 
C 3 HOH 11  911  11  HOH HOH A . 
C 3 HOH 12  912  12  HOH HOH A . 
C 3 HOH 13  913  13  HOH HOH A . 
C 3 HOH 14  914  14  HOH HOH A . 
C 3 HOH 15  915  15  HOH HOH A . 
C 3 HOH 16  916  16  HOH HOH A . 
C 3 HOH 17  917  17  HOH HOH A . 
C 3 HOH 18  918  18  HOH HOH A . 
C 3 HOH 19  919  19  HOH HOH A . 
C 3 HOH 20  920  20  HOH HOH A . 
C 3 HOH 21  921  21  HOH HOH A . 
C 3 HOH 22  922  22  HOH HOH A . 
C 3 HOH 23  923  23  HOH HOH A . 
C 3 HOH 24  924  24  HOH HOH A . 
C 3 HOH 25  925  25  HOH HOH A . 
C 3 HOH 26  926  26  HOH HOH A . 
C 3 HOH 27  927  29  HOH HOH A . 
C 3 HOH 28  928  30  HOH HOH A . 
C 3 HOH 29  929  31  HOH HOH A . 
C 3 HOH 30  930  32  HOH HOH A . 
C 3 HOH 31  931  33  HOH HOH A . 
C 3 HOH 32  932  34  HOH HOH A . 
C 3 HOH 33  933  35  HOH HOH A . 
C 3 HOH 34  934  36  HOH HOH A . 
C 3 HOH 35  935  37  HOH HOH A . 
C 3 HOH 36  936  38  HOH HOH A . 
C 3 HOH 37  937  39  HOH HOH A . 
C 3 HOH 38  938  40  HOH HOH A . 
C 3 HOH 39  939  41  HOH HOH A . 
C 3 HOH 40  940  42  HOH HOH A . 
C 3 HOH 41  941  43  HOH HOH A . 
C 3 HOH 42  942  44  HOH HOH A . 
C 3 HOH 43  943  45  HOH HOH A . 
C 3 HOH 44  944  47  HOH HOH A . 
C 3 HOH 45  945  48  HOH HOH A . 
C 3 HOH 46  946  49  HOH HOH A . 
C 3 HOH 47  947  50  HOH HOH A . 
C 3 HOH 48  948  51  HOH HOH A . 
C 3 HOH 49  949  52  HOH HOH A . 
C 3 HOH 50  950  53  HOH HOH A . 
C 3 HOH 51  951  54  HOH HOH A . 
C 3 HOH 52  952  56  HOH HOH A . 
C 3 HOH 53  953  57  HOH HOH A . 
C 3 HOH 54  954  58  HOH HOH A . 
C 3 HOH 55  955  59  HOH HOH A . 
C 3 HOH 56  956  60  HOH HOH A . 
C 3 HOH 57  957  62  HOH HOH A . 
C 3 HOH 58  958  64  HOH HOH A . 
C 3 HOH 59  959  65  HOH HOH A . 
C 3 HOH 60  960  66  HOH HOH A . 
C 3 HOH 61  961  67  HOH HOH A . 
C 3 HOH 62  962  68  HOH HOH A . 
C 3 HOH 63  963  69  HOH HOH A . 
C 3 HOH 64  964  71  HOH HOH A . 
C 3 HOH 65  965  72  HOH HOH A . 
C 3 HOH 66  966  73  HOH HOH A . 
C 3 HOH 67  967  74  HOH HOH A . 
C 3 HOH 68  968  75  HOH HOH A . 
C 3 HOH 69  969  76  HOH HOH A . 
C 3 HOH 70  970  77  HOH HOH A . 
C 3 HOH 71  971  78  HOH HOH A . 
C 3 HOH 72  972  79  HOH HOH A . 
C 3 HOH 73  973  80  HOH HOH A . 
C 3 HOH 74  974  81  HOH HOH A . 
C 3 HOH 75  975  82  HOH HOH A . 
C 3 HOH 76  976  83  HOH HOH A . 
C 3 HOH 77  977  84  HOH HOH A . 
C 3 HOH 78  978  85  HOH HOH A . 
C 3 HOH 79  979  86  HOH HOH A . 
C 3 HOH 80  980  87  HOH HOH A . 
C 3 HOH 81  981  88  HOH HOH A . 
C 3 HOH 82  982  89  HOH HOH A . 
C 3 HOH 83  983  90  HOH HOH A . 
C 3 HOH 84  984  92  HOH HOH A . 
C 3 HOH 85  985  93  HOH HOH A . 
C 3 HOH 86  986  94  HOH HOH A . 
C 3 HOH 87  987  95  HOH HOH A . 
C 3 HOH 88  988  99  HOH HOH A . 
C 3 HOH 89  989  101 HOH HOH A . 
C 3 HOH 90  990  102 HOH HOH A . 
C 3 HOH 91  991  105 HOH HOH A . 
C 3 HOH 92  992  107 HOH HOH A . 
C 3 HOH 93  993  109 HOH HOH A . 
C 3 HOH 94  994  110 HOH HOH A . 
C 3 HOH 95  995  111 HOH HOH A . 
C 3 HOH 96  996  114 HOH HOH A . 
C 3 HOH 97  997  116 HOH HOH A . 
C 3 HOH 98  998  117 HOH HOH A . 
C 3 HOH 99  999  118 HOH HOH A . 
C 3 HOH 100 1000 119 HOH HOH A . 
C 3 HOH 101 1001 120 HOH HOH A . 
C 3 HOH 102 1002 122 HOH HOH A . 
C 3 HOH 103 1003 123 HOH HOH A . 
C 3 HOH 104 1004 124 HOH HOH A . 
C 3 HOH 105 1005 125 HOH HOH A . 
C 3 HOH 106 1006 126 HOH HOH A . 
C 3 HOH 107 1007 127 HOH HOH A . 
C 3 HOH 108 1008 129 HOH HOH A . 
C 3 HOH 109 1009 131 HOH HOH A . 
C 3 HOH 110 1010 132 HOH HOH A . 
C 3 HOH 111 1011 134 HOH HOH A . 
C 3 HOH 112 1012 135 HOH HOH A . 
C 3 HOH 113 1013 138 HOH HOH A . 
C 3 HOH 114 1014 139 HOH HOH A . 
C 3 HOH 115 1015 141 HOH HOH A . 
C 3 HOH 116 1016 143 HOH HOH A . 
C 3 HOH 117 1017 144 HOH HOH A . 
C 3 HOH 118 1018 145 HOH HOH A . 
C 3 HOH 119 1019 150 HOH HOH A . 
C 3 HOH 120 1020 151 HOH HOH A . 
C 3 HOH 121 1021 152 HOH HOH A . 
C 3 HOH 122 1022 153 HOH HOH A . 
C 3 HOH 123 1023 154 HOH HOH A . 
C 3 HOH 124 1024 155 HOH HOH A . 
C 3 HOH 125 1025 157 HOH HOH A . 
C 3 HOH 126 1026 160 HOH HOH A . 
C 3 HOH 127 1027 162 HOH HOH A . 
C 3 HOH 128 1028 163 HOH HOH A . 
C 3 HOH 129 1029 166 HOH HOH A . 
C 3 HOH 130 1030 167 HOH HOH A . 
C 3 HOH 131 1031 168 HOH HOH A . 
C 3 HOH 132 1032 171 HOH HOH A . 
C 3 HOH 133 1033 172 HOH HOH A . 
C 3 HOH 134 1034 174 HOH HOH A . 
C 3 HOH 135 1035 175 HOH HOH A . 
C 3 HOH 136 1036 176 HOH HOH A . 
C 3 HOH 137 1037 182 HOH HOH A . 
C 3 HOH 138 1038 185 HOH HOH A . 
C 3 HOH 139 1039 186 HOH HOH A . 
C 3 HOH 140 1040 187 HOH HOH A . 
C 3 HOH 141 1041 189 HOH HOH A . 
C 3 HOH 142 1042 190 HOH HOH A . 
C 3 HOH 143 1043 196 HOH HOH A . 
C 3 HOH 144 1044 198 HOH HOH A . 
C 3 HOH 145 1045 201 HOH HOH A . 
C 3 HOH 146 1046 204 HOH HOH A . 
C 3 HOH 147 1047 205 HOH HOH A . 
C 3 HOH 148 1048 206 HOH HOH A . 
C 3 HOH 149 1049 207 HOH HOH A . 
C 3 HOH 150 1050 208 HOH HOH A . 
C 3 HOH 151 1051 209 HOH HOH A . 
C 3 HOH 152 1052 210 HOH HOH A . 
C 3 HOH 153 1053 211 HOH HOH A . 
C 3 HOH 154 1054 212 HOH HOH A . 
C 3 HOH 155 1055 213 HOH HOH A . 
C 3 HOH 156 1056 214 HOH HOH A . 
C 3 HOH 157 1057 216 HOH HOH A . 
C 3 HOH 158 1058 217 HOH HOH A . 
C 3 HOH 159 1059 218 HOH HOH A . 
C 3 HOH 160 1060 219 HOH HOH A . 
C 3 HOH 161 1061 220 HOH HOH A . 
# 
loop_
_software.name 
_software.classification 
_software.version 
_software.citation_id 
_software.pdbx_ordinal 
HKL-2000 'data collection' .                        ? 1 
PHENIX   'model building'  '(phenix.refine: 1.5_2)' ? 2 
PHENIX   refinement        '(phenix.refine: 1.5_2)' ? 3 
HKL-2000 'data reduction'  .                        ? 4 
HKL-2000 'data scaling'    .                        ? 5 
PHENIX   phasing           1.5_2                    ? 6 
# 
_cell.entry_id           4G0P 
_cell.length_a           37.291 
_cell.length_b           60.842 
_cell.length_c           69.076 
_cell.angle_alpha        90.00 
_cell.angle_beta         90.00 
_cell.angle_gamma        90.00 
_cell.Z_PDB              4 
_cell.pdbx_unique_axis   ? 
_cell.length_a_esd       ? 
_cell.length_b_esd       ? 
_cell.length_c_esd       ? 
_cell.angle_alpha_esd    ? 
_cell.angle_beta_esd     ? 
_cell.angle_gamma_esd    ? 
# 
_symmetry.entry_id                         4G0P 
_symmetry.space_group_name_H-M             'P 21 21 21' 
_symmetry.pdbx_full_space_group_name_H-M   ? 
_symmetry.cell_setting                     ? 
_symmetry.Int_Tables_number                19 
_symmetry.space_group_name_Hall            ? 
# 
_exptl.entry_id          4G0P 
_exptl.method            'X-RAY DIFFRACTION' 
_exptl.crystals_number   1 
# 
_exptl_crystal.id                    1 
_exptl_crystal.density_meas          ? 
_exptl_crystal.density_Matthews      2.38 
_exptl_crystal.density_percent_sol   48.39 
_exptl_crystal.description           ? 
_exptl_crystal.F_000                 ? 
_exptl_crystal.preparation           ? 
# 
_exptl_crystal_grow.crystal_id      1 
_exptl_crystal_grow.method          'VAPOR DIFFUSION, HANGING DROP' 
_exptl_crystal_grow.temp            277 
_exptl_crystal_grow.temp_details    ? 
_exptl_crystal_grow.pH              4.5 
_exptl_crystal_grow.pdbx_details    
'0.1 M citric acid, 2 M ammonium sulfate, pH 4.5, VAPOR DIFFUSION, HANGING DROP, temperature 277K' 
_exptl_crystal_grow.pdbx_pH_range   ? 
# 
_diffrn.id                     1 
_diffrn.ambient_temp           200 
_diffrn.ambient_temp_details   ? 
_diffrn.crystal_id             1 
# 
_diffrn_detector.diffrn_id              1 
_diffrn_detector.detector               CCD 
_diffrn_detector.type                   'RIGAKU SATURN 944+' 
_diffrn_detector.pdbx_collection_date   ? 
_diffrn_detector.details                ? 
# 
_diffrn_radiation.diffrn_id                        1 
_diffrn_radiation.wavelength_id                    1 
_diffrn_radiation.pdbx_monochromatic_or_laue_m_l   M 
_diffrn_radiation.monochromator                    'Varimax HF' 
_diffrn_radiation.pdbx_diffrn_protocol             'SINGLE WAVELENGTH' 
_diffrn_radiation.pdbx_scattering_type             x-ray 
# 
_diffrn_radiation_wavelength.id           1 
_diffrn_radiation_wavelength.wavelength   . 
_diffrn_radiation_wavelength.wt           1.0 
# 
_diffrn_source.diffrn_id                   1 
_diffrn_source.source                      'ROTATING ANODE' 
_diffrn_source.type                        'RIGAKU MICROMAX-007 HF' 
_diffrn_source.pdbx_synchrotron_site       ? 
_diffrn_source.pdbx_synchrotron_beamline   ? 
_diffrn_source.pdbx_wavelength             ? 
_diffrn_source.pdbx_wavelength_list        ? 
# 
_reflns.entry_id                     4G0P 
_reflns.observed_criterion_sigma_I   -3 
_reflns.observed_criterion_sigma_F   0 
_reflns.d_resolution_low             31.794 
_reflns.d_resolution_high            1.8 
_reflns.number_obs                   13152 
_reflns.number_all                   14695 
_reflns.percent_possible_obs         89.5 
_reflns.pdbx_netI_over_sigmaI        ? 
_reflns.B_iso_Wilson_estimate        ? 
_reflns.pdbx_redundancy              ? 
_reflns.R_free_details               ? 
_reflns.limit_h_max                  ? 
_reflns.limit_h_min                  ? 
_reflns.limit_k_max                  ? 
_reflns.limit_k_min                  ? 
_reflns.limit_l_max                  ? 
_reflns.limit_l_min                  ? 
_reflns.observed_criterion_F_max     ? 
_reflns.observed_criterion_F_min     ? 
_reflns.pdbx_chi_squared             ? 
_reflns.pdbx_scaling_rejects         ? 
_reflns.pdbx_Rmerge_I_obs            ? 
_reflns.pdbx_Rsym_value              ? 
_reflns.pdbx_ordinal                 1 
_reflns.pdbx_diffrn_id               1 
# 
_reflns_shell.d_res_high             1.8 
_reflns_shell.d_res_low              1.86 
_reflns_shell.percent_possible_all   78.1 
_reflns_shell.Rmerge_I_obs           ? 
_reflns_shell.pdbx_Rsym_value        ? 
_reflns_shell.meanI_over_sigI_obs    ? 
_reflns_shell.pdbx_redundancy        ? 
_reflns_shell.percent_possible_obs   ? 
_reflns_shell.number_unique_all      ? 
_reflns_shell.number_measured_all    ? 
_reflns_shell.number_measured_obs    ? 
_reflns_shell.number_unique_obs      ? 
_reflns_shell.pdbx_chi_squared       ? 
_reflns_shell.pdbx_ordinal           1 
_reflns_shell.pdbx_diffrn_id         1 
# 
_refine.entry_id                                 4G0P 
_refine.ls_number_reflns_obs                     13152 
_refine.ls_number_reflns_all                     15159 
_refine.pdbx_ls_sigma_I                          ? 
_refine.pdbx_ls_sigma_F                          0.08 
_refine.pdbx_data_cutoff_high_absF               ? 
_refine.pdbx_data_cutoff_low_absF                ? 
_refine.pdbx_data_cutoff_high_rms_absF           ? 
_refine.ls_d_res_low                             31.794 
_refine.ls_d_res_high                            1.800 
_refine.ls_percent_reflns_obs                    86.82 
_refine.ls_R_factor_obs                          0.1769 
_refine.ls_R_factor_all                          ? 
_refine.ls_R_factor_R_work                       0.1751 
_refine.ls_R_factor_R_free                       0.2161 
_refine.ls_R_factor_R_free_error                 ? 
_refine.ls_R_factor_R_free_error_details         ? 
_refine.ls_percent_reflns_R_free                 4.36 
_refine.ls_number_reflns_R_free                  574 
_refine.ls_number_parameters                     ? 
_refine.ls_number_restraints                     ? 
_refine.occupancy_min                            ? 
_refine.occupancy_max                            ? 
_refine.correlation_coeff_Fo_to_Fc               ? 
_refine.correlation_coeff_Fo_to_Fc_free          ? 
_refine.B_iso_mean                               ? 
_refine.aniso_B[1][1]                            1.4076 
_refine.aniso_B[2][2]                            -5.0036 
_refine.aniso_B[3][3]                            3.5960 
_refine.aniso_B[1][2]                            -0.0000 
_refine.aniso_B[1][3]                            0.0000 
_refine.aniso_B[2][3]                            -0.0000 
_refine.solvent_model_details                    'FLAT BULK SOLVENT MODEL' 
_refine.solvent_model_param_ksol                 0.346 
_refine.solvent_model_param_bsol                 27.225 
_refine.pdbx_solvent_vdw_probe_radii             1.11 
_refine.pdbx_solvent_ion_probe_radii             ? 
_refine.pdbx_solvent_shrinkage_radii             0.90 
_refine.pdbx_ls_cross_valid_method               ? 
_refine.details                                  ? 
_refine.pdbx_starting_model                      ? 
_refine.pdbx_method_to_determine_struct          'FOURIER SYNTHESIS' 
_refine.pdbx_isotropic_thermal_model             ? 
_refine.pdbx_stereochemistry_target_values       ML 
_refine.pdbx_stereochem_target_val_spec_case     ? 
_refine.pdbx_R_Free_selection_details            random 
_refine.pdbx_overall_ESU_R                       ? 
_refine.pdbx_overall_ESU_R_Free                  ? 
_refine.overall_SU_ML                            0.17 
_refine.pdbx_overall_phase_error                 20.40 
_refine.overall_SU_B                             ? 
_refine.overall_SU_R_Cruickshank_DPI             ? 
_refine.ls_redundancy_reflns_obs                 ? 
_refine.B_iso_min                                ? 
_refine.B_iso_max                                ? 
_refine.overall_SU_R_free                        ? 
_refine.ls_wR_factor_R_free                      ? 
_refine.ls_wR_factor_R_work                      ? 
_refine.overall_FOM_free_R_set                   ? 
_refine.overall_FOM_work_R_set                   ? 
_refine.pdbx_diffrn_id                           1 
_refine.pdbx_refine_id                           'X-RAY DIFFRACTION' 
_refine.pdbx_TLS_residual_ADP_flag               ? 
_refine.pdbx_overall_SU_R_free_Cruickshank_DPI   ? 
_refine.pdbx_overall_SU_R_Blow_DPI               ? 
_refine.pdbx_overall_SU_R_free_Blow_DPI          ? 
# 
_refine_hist.pdbx_refine_id                   'X-RAY DIFFRACTION' 
_refine_hist.cycle_id                         LAST 
_refine_hist.pdbx_number_atoms_protein        1146 
_refine_hist.pdbx_number_atoms_nucleic_acid   0 
_refine_hist.pdbx_number_atoms_ligand         21 
_refine_hist.number_atoms_solvent             161 
_refine_hist.number_atoms_total               1328 
_refine_hist.d_res_high                       1.800 
_refine_hist.d_res_low                        31.794 
# 
loop_
_refine_ls_restr.type 
_refine_ls_restr.dev_ideal 
_refine_ls_restr.dev_ideal_target 
_refine_ls_restr.weight 
_refine_ls_restr.number 
_refine_ls_restr.pdbx_restraint_function 
_refine_ls_restr.pdbx_refine_id 
f_bond_d           0.016  ? ? 1197 ? 'X-RAY DIFFRACTION' 
f_angle_d          1.362  ? ? 1623 ? 'X-RAY DIFFRACTION' 
f_dihedral_angle_d 19.971 ? ? 488  ? 'X-RAY DIFFRACTION' 
f_chiral_restr     0.085  ? ? 189  ? 'X-RAY DIFFRACTION' 
f_plane_restr      0.007  ? ? 207  ? 'X-RAY DIFFRACTION' 
# 
loop_
_refine_ls_shell.pdbx_total_number_of_bins_used 
_refine_ls_shell.d_res_high 
_refine_ls_shell.d_res_low 
_refine_ls_shell.number_reflns_R_work 
_refine_ls_shell.R_factor_R_work 
_refine_ls_shell.percent_reflns_obs 
_refine_ls_shell.R_factor_R_free 
_refine_ls_shell.R_factor_R_free_error 
_refine_ls_shell.percent_reflns_R_free 
_refine_ls_shell.number_reflns_R_free 
_refine_ls_shell.number_reflns_all 
_refine_ls_shell.R_factor_all 
_refine_ls_shell.number_reflns_obs 
_refine_ls_shell.redundancy_reflns_obs 
_refine_ls_shell.pdbx_refine_id 
. 1.8000 1.9811 2814 0.2104 79.00 0.2825 . . 129 . . . . 'X-RAY DIFFRACTION' 
. 1.9811 2.2678 3139 0.1800 88.00 0.2241 . . 136 . . . . 'X-RAY DIFFRACTION' 
. 2.2678 2.8569 3257 0.1752 90.00 0.2322 . . 150 . . . . 'X-RAY DIFFRACTION' 
. 2.8569 31.794 3368 0.1631 90.00 0.1896 . . 159 . . . . 'X-RAY DIFFRACTION' 
# 
_struct.entry_id                  4G0P 
_struct.title                     'Crystal Structure of Arabidopsis thaliana AGO1 MID domain in complex with UMP' 
_struct.pdbx_model_details        ? 
_struct.pdbx_CASP_flag            ? 
_struct.pdbx_model_type_details   ? 
# 
_struct_keywords.entry_id        4G0P 
_struct_keywords.pdbx_keywords   'GENE REGULATION' 
_struct_keywords.text            
;MID domain, small RNA 5' nucleotide recognition, GENE REGULATION
;
# 
loop_
_struct_asym.id 
_struct_asym.pdbx_blank_PDB_chainid_flag 
_struct_asym.pdbx_modified 
_struct_asym.entity_id 
_struct_asym.details 
A N N 1 ? 
B N N 2 ? 
C N N 3 ? 
# 
_struct_ref.id                         1 
_struct_ref.db_name                    UNP 
_struct_ref.db_code                    AGO1_ARATH 
_struct_ref.pdbx_db_accession          O04379 
_struct_ref.entity_id                  1 
_struct_ref.pdbx_seq_one_letter_code   
;NKKMINGGTVNNWICINFSRQVQDNLARTFCQELAQMCYVSGMAFNPEPVLPPVSARPEQVEKVLKTRYHDATSKLSQGK
EIDLLIVILPDNNGSLYGDLKRICETELGIVSQCCLTKHVFKMSKQYMANVALKINVKVGGRNTVL
;
_struct_ref.pdbx_align_begin           593 
_struct_ref.pdbx_db_isoform            ? 
# 
_struct_ref_seq.align_id                      1 
_struct_ref_seq.ref_id                        1 
_struct_ref_seq.pdbx_PDB_id_code              4G0P 
_struct_ref_seq.pdbx_strand_id                A 
_struct_ref_seq.seq_align_beg                 2 
_struct_ref_seq.pdbx_seq_align_beg_ins_code   ? 
_struct_ref_seq.seq_align_end                 147 
_struct_ref_seq.pdbx_seq_align_end_ins_code   ? 
_struct_ref_seq.pdbx_db_accession             O04379 
_struct_ref_seq.db_align_beg                  593 
_struct_ref_seq.pdbx_db_align_beg_ins_code    ? 
_struct_ref_seq.db_align_end                  738 
_struct_ref_seq.pdbx_db_align_end_ins_code    ? 
_struct_ref_seq.pdbx_auth_seq_align_beg       595 
_struct_ref_seq.pdbx_auth_seq_align_end       740 
# 
_struct_ref_seq_dif.align_id                     1 
_struct_ref_seq_dif.pdbx_pdb_id_code             4G0P 
_struct_ref_seq_dif.mon_id                       SER 
_struct_ref_seq_dif.pdbx_pdb_strand_id           A 
_struct_ref_seq_dif.seq_num                      1 
_struct_ref_seq_dif.pdbx_pdb_ins_code            ? 
_struct_ref_seq_dif.pdbx_seq_db_name             UNP 
_struct_ref_seq_dif.pdbx_seq_db_accession_code   O04379 
_struct_ref_seq_dif.db_mon_id                    ? 
_struct_ref_seq_dif.pdbx_seq_db_seq_num          ? 
_struct_ref_seq_dif.details                      'expression tag' 
_struct_ref_seq_dif.pdbx_auth_seq_num            594 
_struct_ref_seq_dif.pdbx_ordinal                 1 
# 
_pdbx_struct_assembly.id                   1 
_pdbx_struct_assembly.details              author_and_software_defined_assembly 
_pdbx_struct_assembly.method_details       PISA 
_pdbx_struct_assembly.oligomeric_details   monomeric 
_pdbx_struct_assembly.oligomeric_count     1 
# 
_pdbx_struct_assembly_gen.assembly_id       1 
_pdbx_struct_assembly_gen.oper_expression   1 
_pdbx_struct_assembly_gen.asym_id_list      A,B,C 
# 
_pdbx_struct_oper_list.id                   1 
_pdbx_struct_oper_list.type                 'identity operation' 
_pdbx_struct_oper_list.name                 1_555 
_pdbx_struct_oper_list.symmetry_operation   x,y,z 
_pdbx_struct_oper_list.matrix[1][1]         1.0000000000 
_pdbx_struct_oper_list.matrix[1][2]         0.0000000000 
_pdbx_struct_oper_list.matrix[1][3]         0.0000000000 
_pdbx_struct_oper_list.vector[1]            0.0000000000 
_pdbx_struct_oper_list.matrix[2][1]         0.0000000000 
_pdbx_struct_oper_list.matrix[2][2]         1.0000000000 
_pdbx_struct_oper_list.matrix[2][3]         0.0000000000 
_pdbx_struct_oper_list.vector[2]            0.0000000000 
_pdbx_struct_oper_list.matrix[3][1]         0.0000000000 
_pdbx_struct_oper_list.matrix[3][2]         0.0000000000 
_pdbx_struct_oper_list.matrix[3][3]         1.0000000000 
_pdbx_struct_oper_list.vector[3]            0.0000000000 
# 
_struct_biol.id        1 
_struct_biol.details   ? 
# 
loop_
_struct_conf.conf_type_id 
_struct_conf.id 
_struct_conf.pdbx_PDB_helix_id 
_struct_conf.beg_label_comp_id 
_struct_conf.beg_label_asym_id 
_struct_conf.beg_label_seq_id 
_struct_conf.pdbx_beg_PDB_ins_code 
_struct_conf.end_label_comp_id 
_struct_conf.end_label_asym_id 
_struct_conf.end_label_seq_id 
_struct_conf.pdbx_end_PDB_ins_code 
_struct_conf.beg_auth_comp_id 
_struct_conf.beg_auth_asym_id 
_struct_conf.beg_auth_seq_id 
_struct_conf.end_auth_comp_id 
_struct_conf.end_auth_asym_id 
_struct_conf.end_auth_seq_id 
_struct_conf.pdbx_PDB_helix_class 
_struct_conf.details 
_struct_conf.pdbx_PDB_helix_length 
HELX_P HELX_P1 1 GLN A 24  ? SER A 42  ? GLN A 617 SER A 635 1 ? 19 
HELX_P HELX_P2 2 ARG A 58  ? GLU A 60  ? ARG A 651 GLU A 653 5 ? 3  
HELX_P HELX_P3 3 GLN A 61  ? LYS A 76  ? GLN A 654 LYS A 669 1 ? 16 
HELX_P HELX_P4 4 SER A 96  ? GLU A 108 ? SER A 689 GLU A 701 1 ? 13 
HELX_P HELX_P5 5 THR A 118 ? MET A 124 ? THR A 711 MET A 717 1 ? 7  
HELX_P HELX_P6 6 SER A 125 ? VAL A 140 ? SER A 718 VAL A 733 1 ? 16 
# 
_struct_conf_type.id          HELX_P 
_struct_conf_type.criteria    ? 
_struct_conf_type.reference   ? 
# 
loop_
_struct_sheet.id 
_struct_sheet.type 
_struct_sheet.number_strands 
_struct_sheet.details 
A ? 2 ? 
B ? 2 ? 
C ? 4 ? 
# 
loop_
_struct_sheet_order.sheet_id 
_struct_sheet_order.range_id_1 
_struct_sheet_order.range_id_2 
_struct_sheet_order.offset 
_struct_sheet_order.sense 
A 1 2 ? anti-parallel 
B 1 2 ? parallel      
C 1 2 ? parallel      
C 2 3 ? parallel      
C 3 4 ? parallel      
# 
loop_
_struct_sheet_range.sheet_id 
_struct_sheet_range.id 
_struct_sheet_range.beg_label_comp_id 
_struct_sheet_range.beg_label_asym_id 
_struct_sheet_range.beg_label_seq_id 
_struct_sheet_range.pdbx_beg_PDB_ins_code 
_struct_sheet_range.end_label_comp_id 
_struct_sheet_range.end_label_asym_id 
_struct_sheet_range.end_label_seq_id 
_struct_sheet_range.pdbx_end_PDB_ins_code 
_struct_sheet_range.beg_auth_comp_id 
_struct_sheet_range.beg_auth_asym_id 
_struct_sheet_range.beg_auth_seq_id 
_struct_sheet_range.end_auth_comp_id 
_struct_sheet_range.end_auth_asym_id 
_struct_sheet_range.end_auth_seq_id 
A 1 MET A 5   ? ASN A 7   ? MET A 598 ASN A 600 
A 2 ARG A 143 ? ASN A 144 ? ARG A 736 ASN A 737 
B 1 THR A 10  ? VAL A 11  ? THR A 603 VAL A 604 
B 2 ALA A 45  ? PHE A 46  ? ALA A 638 PHE A 639 
C 1 VAL A 55  ? SER A 56  ? VAL A 648 SER A 649 
C 2 TRP A 14  ? ASN A 18  ? TRP A 607 ASN A 611 
C 3 LEU A 85  ? LEU A 90  ? LEU A 678 LEU A 683 
C 4 SER A 113 ? LEU A 117 ? SER A 706 LEU A 710 
# 
loop_
_pdbx_struct_sheet_hbond.sheet_id 
_pdbx_struct_sheet_hbond.range_id_1 
_pdbx_struct_sheet_hbond.range_id_2 
_pdbx_struct_sheet_hbond.range_1_label_atom_id 
_pdbx_struct_sheet_hbond.range_1_label_comp_id 
_pdbx_struct_sheet_hbond.range_1_label_asym_id 
_pdbx_struct_sheet_hbond.range_1_label_seq_id 
_pdbx_struct_sheet_hbond.range_1_PDB_ins_code 
_pdbx_struct_sheet_hbond.range_1_auth_atom_id 
_pdbx_struct_sheet_hbond.range_1_auth_comp_id 
_pdbx_struct_sheet_hbond.range_1_auth_asym_id 
_pdbx_struct_sheet_hbond.range_1_auth_seq_id 
_pdbx_struct_sheet_hbond.range_2_label_atom_id 
_pdbx_struct_sheet_hbond.range_2_label_comp_id 
_pdbx_struct_sheet_hbond.range_2_label_asym_id 
_pdbx_struct_sheet_hbond.range_2_label_seq_id 
_pdbx_struct_sheet_hbond.range_2_PDB_ins_code 
_pdbx_struct_sheet_hbond.range_2_auth_atom_id 
_pdbx_struct_sheet_hbond.range_2_auth_comp_id 
_pdbx_struct_sheet_hbond.range_2_auth_asym_id 
_pdbx_struct_sheet_hbond.range_2_auth_seq_id 
A 1 2 N ILE A 6  ? N ILE A 599 O ARG A 143 ? O ARG A 736 
B 1 2 N VAL A 11 ? N VAL A 604 O ALA A 45  ? O ALA A 638 
C 1 2 O VAL A 55 ? O VAL A 648 N ASN A 18  ? N ASN A 611 
C 2 3 N ILE A 15 ? N ILE A 608 O ILE A 87  ? O ILE A 680 
C 3 4 N VAL A 88 ? N VAL A 681 O CYS A 116 ? O CYS A 709 
# 
_struct_site.id                   AC1 
_struct_site.pdbx_evidence_code   Software 
_struct_site.pdbx_auth_asym_id    A 
_struct_site.pdbx_auth_comp_id    U5P 
_struct_site.pdbx_auth_seq_id     801 
_struct_site.pdbx_auth_ins_code   ? 
_struct_site.pdbx_num_residues    13 
_struct_site.details              'BINDING SITE FOR RESIDUE U5P A 801' 
# 
loop_
_struct_site_gen.id 
_struct_site_gen.site_id 
_struct_site_gen.pdbx_num_res 
_struct_site_gen.label_comp_id 
_struct_site_gen.label_asym_id 
_struct_site_gen.label_seq_id 
_struct_site_gen.pdbx_auth_ins_code 
_struct_site_gen.auth_comp_id 
_struct_site_gen.auth_asym_id 
_struct_site_gen.auth_seq_id 
_struct_site_gen.label_atom_id 
_struct_site_gen.label_alt_id 
_struct_site_gen.symmetry 
_struct_site_gen.details 
1  AC1 13 ASN A 94  ? ASN A 687  . ? 1_555 ? 
2  AC1 13 TYR A 98  ? TYR A 691  . ? 1_555 ? 
3  AC1 13 LYS A 102 ? LYS A 695  . ? 1_555 ? 
4  AC1 13 SER A 113 ? SER A 706  . ? 1_555 ? 
5  AC1 13 GLN A 114 ? GLN A 707  . ? 1_555 ? 
6  AC1 13 CYS A 115 ? CYS A 708  . ? 1_555 ? 
7  AC1 13 LEU A 117 ? LEU A 710  . ? 1_555 ? 
8  AC1 13 LYS A 135 ? LYS A 728  . ? 1_555 ? 
9  AC1 13 LYS A 139 ? LYS A 732  . ? 1_555 ? 
10 AC1 13 HOH C .   ? HOH A 937  . ? 1_555 ? 
11 AC1 13 HOH C .   ? HOH A 1032 . ? 1_555 ? 
12 AC1 13 HOH C .   ? HOH A 1033 . ? 1_555 ? 
13 AC1 13 HOH C .   ? HOH A 1035 . ? 1_555 ? 
# 
loop_
_chem_comp_atom.comp_id 
_chem_comp_atom.atom_id 
_chem_comp_atom.type_symbol 
_chem_comp_atom.pdbx_aromatic_flag 
_chem_comp_atom.pdbx_stereo_config 
_chem_comp_atom.pdbx_ordinal 
ALA N      N N N 1   
ALA CA     C N S 2   
ALA C      C N N 3   
ALA O      O N N 4   
ALA CB     C N N 5   
ALA OXT    O N N 6   
ALA H      H N N 7   
ALA H2     H N N 8   
ALA HA     H N N 9   
ALA HB1    H N N 10  
ALA HB2    H N N 11  
ALA HB3    H N N 12  
ALA HXT    H N N 13  
ARG N      N N N 14  
ARG CA     C N S 15  
ARG C      C N N 16  
ARG O      O N N 17  
ARG CB     C N N 18  
ARG CG     C N N 19  
ARG CD     C N N 20  
ARG NE     N N N 21  
ARG CZ     C N N 22  
ARG NH1    N N N 23  
ARG NH2    N N N 24  
ARG OXT    O N N 25  
ARG H      H N N 26  
ARG H2     H N N 27  
ARG HA     H N N 28  
ARG HB2    H N N 29  
ARG HB3    H N N 30  
ARG HG2    H N N 31  
ARG HG3    H N N 32  
ARG HD2    H N N 33  
ARG HD3    H N N 34  
ARG HE     H N N 35  
ARG HH11   H N N 36  
ARG HH12   H N N 37  
ARG HH21   H N N 38  
ARG HH22   H N N 39  
ARG HXT    H N N 40  
ASN N      N N N 41  
ASN CA     C N S 42  
ASN C      C N N 43  
ASN O      O N N 44  
ASN CB     C N N 45  
ASN CG     C N N 46  
ASN OD1    O N N 47  
ASN ND2    N N N 48  
ASN OXT    O N N 49  
ASN H      H N N 50  
ASN H2     H N N 51  
ASN HA     H N N 52  
ASN HB2    H N N 53  
ASN HB3    H N N 54  
ASN HD21   H N N 55  
ASN HD22   H N N 56  
ASN HXT    H N N 57  
ASP N      N N N 58  
ASP CA     C N S 59  
ASP C      C N N 60  
ASP O      O N N 61  
ASP CB     C N N 62  
ASP CG     C N N 63  
ASP OD1    O N N 64  
ASP OD2    O N N 65  
ASP OXT    O N N 66  
ASP H      H N N 67  
ASP H2     H N N 68  
ASP HA     H N N 69  
ASP HB2    H N N 70  
ASP HB3    H N N 71  
ASP HD2    H N N 72  
ASP HXT    H N N 73  
CYS N      N N N 74  
CYS CA     C N R 75  
CYS C      C N N 76  
CYS O      O N N 77  
CYS CB     C N N 78  
CYS SG     S N N 79  
CYS OXT    O N N 80  
CYS H      H N N 81  
CYS H2     H N N 82  
CYS HA     H N N 83  
CYS HB2    H N N 84  
CYS HB3    H N N 85  
CYS HG     H N N 86  
CYS HXT    H N N 87  
GLN N      N N N 88  
GLN CA     C N S 89  
GLN C      C N N 90  
GLN O      O N N 91  
GLN CB     C N N 92  
GLN CG     C N N 93  
GLN CD     C N N 94  
GLN OE1    O N N 95  
GLN NE2    N N N 96  
GLN OXT    O N N 97  
GLN H      H N N 98  
GLN H2     H N N 99  
GLN HA     H N N 100 
GLN HB2    H N N 101 
GLN HB3    H N N 102 
GLN HG2    H N N 103 
GLN HG3    H N N 104 
GLN HE21   H N N 105 
GLN HE22   H N N 106 
GLN HXT    H N N 107 
GLU N      N N N 108 
GLU CA     C N S 109 
GLU C      C N N 110 
GLU O      O N N 111 
GLU CB     C N N 112 
GLU CG     C N N 113 
GLU CD     C N N 114 
GLU OE1    O N N 115 
GLU OE2    O N N 116 
GLU OXT    O N N 117 
GLU H      H N N 118 
GLU H2     H N N 119 
GLU HA     H N N 120 
GLU HB2    H N N 121 
GLU HB3    H N N 122 
GLU HG2    H N N 123 
GLU HG3    H N N 124 
GLU HE2    H N N 125 
GLU HXT    H N N 126 
GLY N      N N N 127 
GLY CA     C N N 128 
GLY C      C N N 129 
GLY O      O N N 130 
GLY OXT    O N N 131 
GLY H      H N N 132 
GLY H2     H N N 133 
GLY HA2    H N N 134 
GLY HA3    H N N 135 
GLY HXT    H N N 136 
HIS N      N N N 137 
HIS CA     C N S 138 
HIS C      C N N 139 
HIS O      O N N 140 
HIS CB     C N N 141 
HIS CG     C Y N 142 
HIS ND1    N Y N 143 
HIS CD2    C Y N 144 
HIS CE1    C Y N 145 
HIS NE2    N Y N 146 
HIS OXT    O N N 147 
HIS H      H N N 148 
HIS H2     H N N 149 
HIS HA     H N N 150 
HIS HB2    H N N 151 
HIS HB3    H N N 152 
HIS HD1    H N N 153 
HIS HD2    H N N 154 
HIS HE1    H N N 155 
HIS HE2    H N N 156 
HIS HXT    H N N 157 
HOH O      O N N 158 
HOH H1     H N N 159 
HOH H2     H N N 160 
ILE N      N N N 161 
ILE CA     C N S 162 
ILE C      C N N 163 
ILE O      O N N 164 
ILE CB     C N S 165 
ILE CG1    C N N 166 
ILE CG2    C N N 167 
ILE CD1    C N N 168 
ILE OXT    O N N 169 
ILE H      H N N 170 
ILE H2     H N N 171 
ILE HA     H N N 172 
ILE HB     H N N 173 
ILE HG12   H N N 174 
ILE HG13   H N N 175 
ILE HG21   H N N 176 
ILE HG22   H N N 177 
ILE HG23   H N N 178 
ILE HD11   H N N 179 
ILE HD12   H N N 180 
ILE HD13   H N N 181 
ILE HXT    H N N 182 
LEU N      N N N 183 
LEU CA     C N S 184 
LEU C      C N N 185 
LEU O      O N N 186 
LEU CB     C N N 187 
LEU CG     C N N 188 
LEU CD1    C N N 189 
LEU CD2    C N N 190 
LEU OXT    O N N 191 
LEU H      H N N 192 
LEU H2     H N N 193 
LEU HA     H N N 194 
LEU HB2    H N N 195 
LEU HB3    H N N 196 
LEU HG     H N N 197 
LEU HD11   H N N 198 
LEU HD12   H N N 199 
LEU HD13   H N N 200 
LEU HD21   H N N 201 
LEU HD22   H N N 202 
LEU HD23   H N N 203 
LEU HXT    H N N 204 
LYS N      N N N 205 
LYS CA     C N S 206 
LYS C      C N N 207 
LYS O      O N N 208 
LYS CB     C N N 209 
LYS CG     C N N 210 
LYS CD     C N N 211 
LYS CE     C N N 212 
LYS NZ     N N N 213 
LYS OXT    O N N 214 
LYS H      H N N 215 
LYS H2     H N N 216 
LYS HA     H N N 217 
LYS HB2    H N N 218 
LYS HB3    H N N 219 
LYS HG2    H N N 220 
LYS HG3    H N N 221 
LYS HD2    H N N 222 
LYS HD3    H N N 223 
LYS HE2    H N N 224 
LYS HE3    H N N 225 
LYS HZ1    H N N 226 
LYS HZ2    H N N 227 
LYS HZ3    H N N 228 
LYS HXT    H N N 229 
MET N      N N N 230 
MET CA     C N S 231 
MET C      C N N 232 
MET O      O N N 233 
MET CB     C N N 234 
MET CG     C N N 235 
MET SD     S N N 236 
MET CE     C N N 237 
MET OXT    O N N 238 
MET H      H N N 239 
MET H2     H N N 240 
MET HA     H N N 241 
MET HB2    H N N 242 
MET HB3    H N N 243 
MET HG2    H N N 244 
MET HG3    H N N 245 
MET HE1    H N N 246 
MET HE2    H N N 247 
MET HE3    H N N 248 
MET HXT    H N N 249 
PHE N      N N N 250 
PHE CA     C N S 251 
PHE C      C N N 252 
PHE O      O N N 253 
PHE CB     C N N 254 
PHE CG     C Y N 255 
PHE CD1    C Y N 256 
PHE CD2    C Y N 257 
PHE CE1    C Y N 258 
PHE CE2    C Y N 259 
PHE CZ     C Y N 260 
PHE OXT    O N N 261 
PHE H      H N N 262 
PHE H2     H N N 263 
PHE HA     H N N 264 
PHE HB2    H N N 265 
PHE HB3    H N N 266 
PHE HD1    H N N 267 
PHE HD2    H N N 268 
PHE HE1    H N N 269 
PHE HE2    H N N 270 
PHE HZ     H N N 271 
PHE HXT    H N N 272 
PRO N      N N N 273 
PRO CA     C N S 274 
PRO C      C N N 275 
PRO O      O N N 276 
PRO CB     C N N 277 
PRO CG     C N N 278 
PRO CD     C N N 279 
PRO OXT    O N N 280 
PRO H      H N N 281 
PRO HA     H N N 282 
PRO HB2    H N N 283 
PRO HB3    H N N 284 
PRO HG2    H N N 285 
PRO HG3    H N N 286 
PRO HD2    H N N 287 
PRO HD3    H N N 288 
PRO HXT    H N N 289 
SER N      N N N 290 
SER CA     C N S 291 
SER C      C N N 292 
SER O      O N N 293 
SER CB     C N N 294 
SER OG     O N N 295 
SER OXT    O N N 296 
SER H      H N N 297 
SER H2     H N N 298 
SER HA     H N N 299 
SER HB2    H N N 300 
SER HB3    H N N 301 
SER HG     H N N 302 
SER HXT    H N N 303 
THR N      N N N 304 
THR CA     C N S 305 
THR C      C N N 306 
THR O      O N N 307 
THR CB     C N R 308 
THR OG1    O N N 309 
THR CG2    C N N 310 
THR OXT    O N N 311 
THR H      H N N 312 
THR H2     H N N 313 
THR HA     H N N 314 
THR HB     H N N 315 
THR HG1    H N N 316 
THR HG21   H N N 317 
THR HG22   H N N 318 
THR HG23   H N N 319 
THR HXT    H N N 320 
TRP N      N N N 321 
TRP CA     C N S 322 
TRP C      C N N 323 
TRP O      O N N 324 
TRP CB     C N N 325 
TRP CG     C Y N 326 
TRP CD1    C Y N 327 
TRP CD2    C Y N 328 
TRP NE1    N Y N 329 
TRP CE2    C Y N 330 
TRP CE3    C Y N 331 
TRP CZ2    C Y N 332 
TRP CZ3    C Y N 333 
TRP CH2    C Y N 334 
TRP OXT    O N N 335 
TRP H      H N N 336 
TRP H2     H N N 337 
TRP HA     H N N 338 
TRP HB2    H N N 339 
TRP HB3    H N N 340 
TRP HD1    H N N 341 
TRP HE1    H N N 342 
TRP HE3    H N N 343 
TRP HZ2    H N N 344 
TRP HZ3    H N N 345 
TRP HH2    H N N 346 
TRP HXT    H N N 347 
TYR N      N N N 348 
TYR CA     C N S 349 
TYR C      C N N 350 
TYR O      O N N 351 
TYR CB     C N N 352 
TYR CG     C Y N 353 
TYR CD1    C Y N 354 
TYR CD2    C Y N 355 
TYR CE1    C Y N 356 
TYR CE2    C Y N 357 
TYR CZ     C Y N 358 
TYR OH     O N N 359 
TYR OXT    O N N 360 
TYR H      H N N 361 
TYR H2     H N N 362 
TYR HA     H N N 363 
TYR HB2    H N N 364 
TYR HB3    H N N 365 
TYR HD1    H N N 366 
TYR HD2    H N N 367 
TYR HE1    H N N 368 
TYR HE2    H N N 369 
TYR HH     H N N 370 
TYR HXT    H N N 371 
U5P N1     N N N 372 
U5P C2     C N N 373 
U5P N3     N N N 374 
U5P C4     C N N 375 
U5P C5     C N N 376 
U5P C6     C N N 377 
U5P O2     O N N 378 
U5P O4     O N N 379 
U5P "C1'"  C N R 380 
U5P "C2'"  C N R 381 
U5P "O2'"  O N N 382 
U5P "C3'"  C N S 383 
U5P "C4'"  C N R 384 
U5P "O3'"  O N N 385 
U5P "O4'"  O N N 386 
U5P "C5'"  C N N 387 
U5P "O5'"  O N N 388 
U5P P      P N N 389 
U5P O1P    O N N 390 
U5P O2P    O N N 391 
U5P O3P    O N N 392 
U5P HN3    H N N 393 
U5P H5     H N N 394 
U5P H6     H N N 395 
U5P "H1'"  H N N 396 
U5P "H2'"  H N N 397 
U5P "HO2'" H N N 398 
U5P "H3'"  H N N 399 
U5P "H4'"  H N N 400 
U5P "HO3'" H N N 401 
U5P "H5'1" H N N 402 
U5P "H5'2" H N N 403 
U5P HOP2   H N N 404 
U5P HOP3   H N N 405 
VAL N      N N N 406 
VAL CA     C N S 407 
VAL C      C N N 408 
VAL O      O N N 409 
VAL CB     C N N 410 
VAL CG1    C N N 411 
VAL CG2    C N N 412 
VAL OXT    O N N 413 
VAL H      H N N 414 
VAL H2     H N N 415 
VAL HA     H N N 416 
VAL HB     H N N 417 
VAL HG11   H N N 418 
VAL HG12   H N N 419 
VAL HG13   H N N 420 
VAL HG21   H N N 421 
VAL HG22   H N N 422 
VAL HG23   H N N 423 
VAL HXT    H N N 424 
# 
loop_
_chem_comp_bond.comp_id 
_chem_comp_bond.atom_id_1 
_chem_comp_bond.atom_id_2 
_chem_comp_bond.value_order 
_chem_comp_bond.pdbx_aromatic_flag 
_chem_comp_bond.pdbx_stereo_config 
_chem_comp_bond.pdbx_ordinal 
ALA N     CA     sing N N 1   
ALA N     H      sing N N 2   
ALA N     H2     sing N N 3   
ALA CA    C      sing N N 4   
ALA CA    CB     sing N N 5   
ALA CA    HA     sing N N 6   
ALA C     O      doub N N 7   
ALA C     OXT    sing N N 8   
ALA CB    HB1    sing N N 9   
ALA CB    HB2    sing N N 10  
ALA CB    HB3    sing N N 11  
ALA OXT   HXT    sing N N 12  
ARG N     CA     sing N N 13  
ARG N     H      sing N N 14  
ARG N     H2     sing N N 15  
ARG CA    C      sing N N 16  
ARG CA    CB     sing N N 17  
ARG CA    HA     sing N N 18  
ARG C     O      doub N N 19  
ARG C     OXT    sing N N 20  
ARG CB    CG     sing N N 21  
ARG CB    HB2    sing N N 22  
ARG CB    HB3    sing N N 23  
ARG CG    CD     sing N N 24  
ARG CG    HG2    sing N N 25  
ARG CG    HG3    sing N N 26  
ARG CD    NE     sing N N 27  
ARG CD    HD2    sing N N 28  
ARG CD    HD3    sing N N 29  
ARG NE    CZ     sing N N 30  
ARG NE    HE     sing N N 31  
ARG CZ    NH1    sing N N 32  
ARG CZ    NH2    doub N N 33  
ARG NH1   HH11   sing N N 34  
ARG NH1   HH12   sing N N 35  
ARG NH2   HH21   sing N N 36  
ARG NH2   HH22   sing N N 37  
ARG OXT   HXT    sing N N 38  
ASN N     CA     sing N N 39  
ASN N     H      sing N N 40  
ASN N     H2     sing N N 41  
ASN CA    C      sing N N 42  
ASN CA    CB     sing N N 43  
ASN CA    HA     sing N N 44  
ASN C     O      doub N N 45  
ASN C     OXT    sing N N 46  
ASN CB    CG     sing N N 47  
ASN CB    HB2    sing N N 48  
ASN CB    HB3    sing N N 49  
ASN CG    OD1    doub N N 50  
ASN CG    ND2    sing N N 51  
ASN ND2   HD21   sing N N 52  
ASN ND2   HD22   sing N N 53  
ASN OXT   HXT    sing N N 54  
ASP N     CA     sing N N 55  
ASP N     H      sing N N 56  
ASP N     H2     sing N N 57  
ASP CA    C      sing N N 58  
ASP CA    CB     sing N N 59  
ASP CA    HA     sing N N 60  
ASP C     O      doub N N 61  
ASP C     OXT    sing N N 62  
ASP CB    CG     sing N N 63  
ASP CB    HB2    sing N N 64  
ASP CB    HB3    sing N N 65  
ASP CG    OD1    doub N N 66  
ASP CG    OD2    sing N N 67  
ASP OD2   HD2    sing N N 68  
ASP OXT   HXT    sing N N 69  
CYS N     CA     sing N N 70  
CYS N     H      sing N N 71  
CYS N     H2     sing N N 72  
CYS CA    C      sing N N 73  
CYS CA    CB     sing N N 74  
CYS CA    HA     sing N N 75  
CYS C     O      doub N N 76  
CYS C     OXT    sing N N 77  
CYS CB    SG     sing N N 78  
CYS CB    HB2    sing N N 79  
CYS CB    HB3    sing N N 80  
CYS SG    HG     sing N N 81  
CYS OXT   HXT    sing N N 82  
GLN N     CA     sing N N 83  
GLN N     H      sing N N 84  
GLN N     H2     sing N N 85  
GLN CA    C      sing N N 86  
GLN CA    CB     sing N N 87  
GLN CA    HA     sing N N 88  
GLN C     O      doub N N 89  
GLN C     OXT    sing N N 90  
GLN CB    CG     sing N N 91  
GLN CB    HB2    sing N N 92  
GLN CB    HB3    sing N N 93  
GLN CG    CD     sing N N 94  
GLN CG    HG2    sing N N 95  
GLN CG    HG3    sing N N 96  
GLN CD    OE1    doub N N 97  
GLN CD    NE2    sing N N 98  
GLN NE2   HE21   sing N N 99  
GLN NE2   HE22   sing N N 100 
GLN OXT   HXT    sing N N 101 
GLU N     CA     sing N N 102 
GLU N     H      sing N N 103 
GLU N     H2     sing N N 104 
GLU CA    C      sing N N 105 
GLU CA    CB     sing N N 106 
GLU CA    HA     sing N N 107 
GLU C     O      doub N N 108 
GLU C     OXT    sing N N 109 
GLU CB    CG     sing N N 110 
GLU CB    HB2    sing N N 111 
GLU CB    HB3    sing N N 112 
GLU CG    CD     sing N N 113 
GLU CG    HG2    sing N N 114 
GLU CG    HG3    sing N N 115 
GLU CD    OE1    doub N N 116 
GLU CD    OE2    sing N N 117 
GLU OE2   HE2    sing N N 118 
GLU OXT   HXT    sing N N 119 
GLY N     CA     sing N N 120 
GLY N     H      sing N N 121 
GLY N     H2     sing N N 122 
GLY CA    C      sing N N 123 
GLY CA    HA2    sing N N 124 
GLY CA    HA3    sing N N 125 
GLY C     O      doub N N 126 
GLY C     OXT    sing N N 127 
GLY OXT   HXT    sing N N 128 
HIS N     CA     sing N N 129 
HIS N     H      sing N N 130 
HIS N     H2     sing N N 131 
HIS CA    C      sing N N 132 
HIS CA    CB     sing N N 133 
HIS CA    HA     sing N N 134 
HIS C     O      doub N N 135 
HIS C     OXT    sing N N 136 
HIS CB    CG     sing N N 137 
HIS CB    HB2    sing N N 138 
HIS CB    HB3    sing N N 139 
HIS CG    ND1    sing Y N 140 
HIS CG    CD2    doub Y N 141 
HIS ND1   CE1    doub Y N 142 
HIS ND1   HD1    sing N N 143 
HIS CD2   NE2    sing Y N 144 
HIS CD2   HD2    sing N N 145 
HIS CE1   NE2    sing Y N 146 
HIS CE1   HE1    sing N N 147 
HIS NE2   HE2    sing N N 148 
HIS OXT   HXT    sing N N 149 
HOH O     H1     sing N N 150 
HOH O     H2     sing N N 151 
ILE N     CA     sing N N 152 
ILE N     H      sing N N 153 
ILE N     H2     sing N N 154 
ILE CA    C      sing N N 155 
ILE CA    CB     sing N N 156 
ILE CA    HA     sing N N 157 
ILE C     O      doub N N 158 
ILE C     OXT    sing N N 159 
ILE CB    CG1    sing N N 160 
ILE CB    CG2    sing N N 161 
ILE CB    HB     sing N N 162 
ILE CG1   CD1    sing N N 163 
ILE CG1   HG12   sing N N 164 
ILE CG1   HG13   sing N N 165 
ILE CG2   HG21   sing N N 166 
ILE CG2   HG22   sing N N 167 
ILE CG2   HG23   sing N N 168 
ILE CD1   HD11   sing N N 169 
ILE CD1   HD12   sing N N 170 
ILE CD1   HD13   sing N N 171 
ILE OXT   HXT    sing N N 172 
LEU N     CA     sing N N 173 
LEU N     H      sing N N 174 
LEU N     H2     sing N N 175 
LEU CA    C      sing N N 176 
LEU CA    CB     sing N N 177 
LEU CA    HA     sing N N 178 
LEU C     O      doub N N 179 
LEU C     OXT    sing N N 180 
LEU CB    CG     sing N N 181 
LEU CB    HB2    sing N N 182 
LEU CB    HB3    sing N N 183 
LEU CG    CD1    sing N N 184 
LEU CG    CD2    sing N N 185 
LEU CG    HG     sing N N 186 
LEU CD1   HD11   sing N N 187 
LEU CD1   HD12   sing N N 188 
LEU CD1   HD13   sing N N 189 
LEU CD2   HD21   sing N N 190 
LEU CD2   HD22   sing N N 191 
LEU CD2   HD23   sing N N 192 
LEU OXT   HXT    sing N N 193 
LYS N     CA     sing N N 194 
LYS N     H      sing N N 195 
LYS N     H2     sing N N 196 
LYS CA    C      sing N N 197 
LYS CA    CB     sing N N 198 
LYS CA    HA     sing N N 199 
LYS C     O      doub N N 200 
LYS C     OXT    sing N N 201 
LYS CB    CG     sing N N 202 
LYS CB    HB2    sing N N 203 
LYS CB    HB3    sing N N 204 
LYS CG    CD     sing N N 205 
LYS CG    HG2    sing N N 206 
LYS CG    HG3    sing N N 207 
LYS CD    CE     sing N N 208 
LYS CD    HD2    sing N N 209 
LYS CD    HD3    sing N N 210 
LYS CE    NZ     sing N N 211 
LYS CE    HE2    sing N N 212 
LYS CE    HE3    sing N N 213 
LYS NZ    HZ1    sing N N 214 
LYS NZ    HZ2    sing N N 215 
LYS NZ    HZ3    sing N N 216 
LYS OXT   HXT    sing N N 217 
MET N     CA     sing N N 218 
MET N     H      sing N N 219 
MET N     H2     sing N N 220 
MET CA    C      sing N N 221 
MET CA    CB     sing N N 222 
MET CA    HA     sing N N 223 
MET C     O      doub N N 224 
MET C     OXT    sing N N 225 
MET CB    CG     sing N N 226 
MET CB    HB2    sing N N 227 
MET CB    HB3    sing N N 228 
MET CG    SD     sing N N 229 
MET CG    HG2    sing N N 230 
MET CG    HG3    sing N N 231 
MET SD    CE     sing N N 232 
MET CE    HE1    sing N N 233 
MET CE    HE2    sing N N 234 
MET CE    HE3    sing N N 235 
MET OXT   HXT    sing N N 236 
PHE N     CA     sing N N 237 
PHE N     H      sing N N 238 
PHE N     H2     sing N N 239 
PHE CA    C      sing N N 240 
PHE CA    CB     sing N N 241 
PHE CA    HA     sing N N 242 
PHE C     O      doub N N 243 
PHE C     OXT    sing N N 244 
PHE CB    CG     sing N N 245 
PHE CB    HB2    sing N N 246 
PHE CB    HB3    sing N N 247 
PHE CG    CD1    doub Y N 248 
PHE CG    CD2    sing Y N 249 
PHE CD1   CE1    sing Y N 250 
PHE CD1   HD1    sing N N 251 
PHE CD2   CE2    doub Y N 252 
PHE CD2   HD2    sing N N 253 
PHE CE1   CZ     doub Y N 254 
PHE CE1   HE1    sing N N 255 
PHE CE2   CZ     sing Y N 256 
PHE CE2   HE2    sing N N 257 
PHE CZ    HZ     sing N N 258 
PHE OXT   HXT    sing N N 259 
PRO N     CA     sing N N 260 
PRO N     CD     sing N N 261 
PRO N     H      sing N N 262 
PRO CA    C      sing N N 263 
PRO CA    CB     sing N N 264 
PRO CA    HA     sing N N 265 
PRO C     O      doub N N 266 
PRO C     OXT    sing N N 267 
PRO CB    CG     sing N N 268 
PRO CB    HB2    sing N N 269 
PRO CB    HB3    sing N N 270 
PRO CG    CD     sing N N 271 
PRO CG    HG2    sing N N 272 
PRO CG    HG3    sing N N 273 
PRO CD    HD2    sing N N 274 
PRO CD    HD3    sing N N 275 
PRO OXT   HXT    sing N N 276 
SER N     CA     sing N N 277 
SER N     H      sing N N 278 
SER N     H2     sing N N 279 
SER CA    C      sing N N 280 
SER CA    CB     sing N N 281 
SER CA    HA     sing N N 282 
SER C     O      doub N N 283 
SER C     OXT    sing N N 284 
SER CB    OG     sing N N 285 
SER CB    HB2    sing N N 286 
SER CB    HB3    sing N N 287 
SER OG    HG     sing N N 288 
SER OXT   HXT    sing N N 289 
THR N     CA     sing N N 290 
THR N     H      sing N N 291 
THR N     H2     sing N N 292 
THR CA    C      sing N N 293 
THR CA    CB     sing N N 294 
THR CA    HA     sing N N 295 
THR C     O      doub N N 296 
THR C     OXT    sing N N 297 
THR CB    OG1    sing N N 298 
THR CB    CG2    sing N N 299 
THR CB    HB     sing N N 300 
THR OG1   HG1    sing N N 301 
THR CG2   HG21   sing N N 302 
THR CG2   HG22   sing N N 303 
THR CG2   HG23   sing N N 304 
THR OXT   HXT    sing N N 305 
TRP N     CA     sing N N 306 
TRP N     H      sing N N 307 
TRP N     H2     sing N N 308 
TRP CA    C      sing N N 309 
TRP CA    CB     sing N N 310 
TRP CA    HA     sing N N 311 
TRP C     O      doub N N 312 
TRP C     OXT    sing N N 313 
TRP CB    CG     sing N N 314 
TRP CB    HB2    sing N N 315 
TRP CB    HB3    sing N N 316 
TRP CG    CD1    doub Y N 317 
TRP CG    CD2    sing Y N 318 
TRP CD1   NE1    sing Y N 319 
TRP CD1   HD1    sing N N 320 
TRP CD2   CE2    doub Y N 321 
TRP CD2   CE3    sing Y N 322 
TRP NE1   CE2    sing Y N 323 
TRP NE1   HE1    sing N N 324 
TRP CE2   CZ2    sing Y N 325 
TRP CE3   CZ3    doub Y N 326 
TRP CE3   HE3    sing N N 327 
TRP CZ2   CH2    doub Y N 328 
TRP CZ2   HZ2    sing N N 329 
TRP CZ3   CH2    sing Y N 330 
TRP CZ3   HZ3    sing N N 331 
TRP CH2   HH2    sing N N 332 
TRP OXT   HXT    sing N N 333 
TYR N     CA     sing N N 334 
TYR N     H      sing N N 335 
TYR N     H2     sing N N 336 
TYR CA    C      sing N N 337 
TYR CA    CB     sing N N 338 
TYR CA    HA     sing N N 339 
TYR C     O      doub N N 340 
TYR C     OXT    sing N N 341 
TYR CB    CG     sing N N 342 
TYR CB    HB2    sing N N 343 
TYR CB    HB3    sing N N 344 
TYR CG    CD1    doub Y N 345 
TYR CG    CD2    sing Y N 346 
TYR CD1   CE1    sing Y N 347 
TYR CD1   HD1    sing N N 348 
TYR CD2   CE2    doub Y N 349 
TYR CD2   HD2    sing N N 350 
TYR CE1   CZ     doub Y N 351 
TYR CE1   HE1    sing N N 352 
TYR CE2   CZ     sing Y N 353 
TYR CE2   HE2    sing N N 354 
TYR CZ    OH     sing N N 355 
TYR OH    HH     sing N N 356 
TYR OXT   HXT    sing N N 357 
U5P N1    C2     sing N N 358 
U5P N1    C6     sing N N 359 
U5P N1    "C1'"  sing N N 360 
U5P C2    N3     sing N N 361 
U5P C2    O2     doub N N 362 
U5P N3    C4     sing N N 363 
U5P N3    HN3    sing N N 364 
U5P C4    C5     sing N N 365 
U5P C4    O4     doub N N 366 
U5P C5    C6     doub N N 367 
U5P C5    H5     sing N N 368 
U5P C6    H6     sing N N 369 
U5P "C1'" "C2'"  sing N N 370 
U5P "C1'" "O4'"  sing N N 371 
U5P "C1'" "H1'"  sing N N 372 
U5P "C2'" "O2'"  sing N N 373 
U5P "C2'" "C3'"  sing N N 374 
U5P "C2'" "H2'"  sing N N 375 
U5P "O2'" "HO2'" sing N N 376 
U5P "C3'" "C4'"  sing N N 377 
U5P "C3'" "O3'"  sing N N 378 
U5P "C3'" "H3'"  sing N N 379 
U5P "C4'" "O4'"  sing N N 380 
U5P "C4'" "C5'"  sing N N 381 
U5P "C4'" "H4'"  sing N N 382 
U5P "O3'" "HO3'" sing N N 383 
U5P "C5'" "O5'"  sing N N 384 
U5P "C5'" "H5'1" sing N N 385 
U5P "C5'" "H5'2" sing N N 386 
U5P "O5'" P      sing N N 387 
U5P P     O1P    doub N N 388 
U5P P     O2P    sing N N 389 
U5P P     O3P    sing N N 390 
U5P O2P   HOP2   sing N N 391 
U5P O3P   HOP3   sing N N 392 
VAL N     CA     sing N N 393 
VAL N     H      sing N N 394 
VAL N     H2     sing N N 395 
VAL CA    C      sing N N 396 
VAL CA    CB     sing N N 397 
VAL CA    HA     sing N N 398 
VAL C     O      doub N N 399 
VAL C     OXT    sing N N 400 
VAL CB    CG1    sing N N 401 
VAL CB    CG2    sing N N 402 
VAL CB    HB     sing N N 403 
VAL CG1   HG11   sing N N 404 
VAL CG1   HG12   sing N N 405 
VAL CG1   HG13   sing N N 406 
VAL CG2   HG21   sing N N 407 
VAL CG2   HG22   sing N N 408 
VAL CG2   HG23   sing N N 409 
VAL OXT   HXT    sing N N 410 
# 
_atom_sites.entry_id                    4G0P 
_atom_sites.fract_transf_matrix[1][1]   -0.01597696 
_atom_sites.fract_transf_matrix[1][2]   0.02064973 
_atom_sites.fract_transf_matrix[1][3]   -0.00611745 
_atom_sites.fract_transf_matrix[2][1]   0.00708316 
_atom_sites.fract_transf_matrix[2][2]   0.00897771 
_atom_sites.fract_transf_matrix[2][3]   0.01180557 
_atom_sites.fract_transf_matrix[3][1]   0.00981132 
_atom_sites.fract_transf_matrix[3][2]   0.00477214 
_atom_sites.fract_transf_matrix[3][3]   -0.00951568 
_atom_sites.fract_transf_vector[1]      0.513873 
_atom_sites.fract_transf_vector[2]      0.579511 
_atom_sites.fract_transf_vector[3]      0.643875 
# 
loop_
_atom_type.symbol 
C 
N 
O 
P 
S 
# 
loop_
_atom_site.group_PDB 
_atom_site.id 
_atom_site.type_symbol 
_atom_site.label_atom_id 
_atom_site.label_alt_id 
_atom_site.label_comp_id 
_atom_site.label_asym_id 
_atom_site.label_entity_id 
_atom_site.label_seq_id 
_atom_site.pdbx_PDB_ins_code 
_atom_site.Cartn_x 
_atom_site.Cartn_y 
_atom_site.Cartn_z 
_atom_site.occupancy 
_atom_site.B_iso_or_equiv 
_atom_site.pdbx_formal_charge 
_atom_site.auth_seq_id 
_atom_site.auth_comp_id 
_atom_site.auth_asym_id 
_atom_site.auth_atom_id 
_atom_site.pdbx_PDB_model_num 
ATOM   1    N N     . SER A 1 1   ? -4.410  26.418  6.513   1.00 40.79 ? 594  SER A N     1 
ATOM   2    C CA    . SER A 1 1   ? -3.599  25.226  6.720   1.00 29.01 ? 594  SER A CA    1 
ATOM   3    C C     . SER A 1 1   ? -4.283  23.984  6.143   1.00 25.64 ? 594  SER A C     1 
ATOM   4    O O     . SER A 1 1   ? -5.446  23.689  6.454   1.00 26.44 ? 594  SER A O     1 
ATOM   5    C CB    . SER A 1 1   ? -3.250  25.056  8.207   1.00 37.49 ? 594  SER A CB    1 
ATOM   6    O OG    . SER A 1 1   ? -2.498  26.170  8.700   1.00 36.75 ? 594  SER A OG    1 
ATOM   7    N N     . ASN A 1 2   ? -3.548  23.233  5.280   1.00 20.56 ? 595  ASN A N     1 
ATOM   8    C CA    . ASN A 1 2   ? -3.831  21.820  5.068   1.00 21.20 ? 595  ASN A CA    1 
ATOM   9    C C     . ASN A 1 2   ? -3.308  20.947  6.176   1.00 21.18 ? 595  ASN A C     1 
ATOM   10   O O     . ASN A 1 2   ? -2.379  21.313  6.855   1.00 17.61 ? 595  ASN A O     1 
ATOM   11   C CB    . ASN A 1 2   ? -3.238  21.352  3.760   1.00 21.41 ? 595  ASN A CB    1 
ATOM   12   C CG    . ASN A 1 2   ? -3.877  22.022  2.570   1.00 21.54 ? 595  ASN A CG    1 
ATOM   13   O OD1   . ASN A 1 2   ? -4.931  22.667  2.685   1.00 22.13 ? 595  ASN A OD1   1 
ATOM   14   N ND2   . ASN A 1 2   ? -3.237  21.887  1.415   1.00 26.56 ? 595  ASN A ND2   1 
ATOM   15   N N     . LYS A 1 3   ? -3.890  19.771  6.345   1.00 16.11 ? 596  LYS A N     1 
ATOM   16   C CA    . LYS A 1 3   ? -3.356  18.789  7.285   1.00 16.90 ? 596  LYS A CA    1 
ATOM   17   C C     . LYS A 1 3   ? -1.898  18.434  6.967   1.00 20.84 ? 596  LYS A C     1 
ATOM   18   O O     . LYS A 1 3   ? -1.489  18.404  5.800   1.00 17.17 ? 596  LYS A O     1 
ATOM   19   C CB    . LYS A 1 3   ? -4.198  17.506  7.274   1.00 17.28 ? 596  LYS A CB    1 
ATOM   20   C CG    . LYS A 1 3   ? -5.542  17.637  7.927   1.00 22.50 ? 596  LYS A CG    1 
ATOM   21   C CD    . LYS A 1 3   ? -6.209  16.269  7.973   1.00 24.58 ? 596  LYS A CD    1 
ATOM   22   C CE    . LYS A 1 3   ? -7.656  16.418  8.336   1.00 30.20 ? 596  LYS A CE    1 
ATOM   23   N NZ    . LYS A 1 3   ? -8.185  15.088  8.746   1.00 28.09 ? 596  LYS A NZ    1 
ATOM   24   N N     . LYS A 1 4   ? -1.151  18.139  8.056   1.00 18.38 ? 597  LYS A N     1 
ATOM   25   C CA    . LYS A 1 4   ? 0.242   17.695  7.995   1.00 16.80 ? 597  LYS A CA    1 
ATOM   26   C C     . LYS A 1 4   ? 0.496   16.577  8.977   1.00 15.48 ? 597  LYS A C     1 
ATOM   27   O O     . LYS A 1 4   ? -0.325  16.273  9.839   1.00 15.14 ? 597  LYS A O     1 
ATOM   28   C CB    . LYS A 1 4   ? 1.185   18.862  8.324   1.00 17.74 ? 597  LYS A CB    1 
ATOM   29   C CG    . LYS A 1 4   ? 0.920   20.126  7.516   1.00 17.14 ? 597  LYS A CG    1 
ATOM   30   C CD    . LYS A 1 4   ? 0.755   19.836  5.995   1.00 19.54 ? 597  LYS A CD    1 
ATOM   31   C CE    . LYS A 1 4   ? 1.052   21.085  5.157   1.00 18.49 ? 597  LYS A CE    1 
ATOM   32   N NZ    . LYS A 1 4   ? 2.027   20.758  4.028   1.00 24.54 ? 597  LYS A NZ    1 
ATOM   33   N N     . MET A 1 5   ? 1.676   15.969  8.837   1.00 11.28 ? 598  MET A N     1 
ATOM   34   C CA    . MET A 1 5   ? 2.120   15.010  9.843   1.00 11.86 ? 598  MET A CA    1 
ATOM   35   C C     . MET A 1 5   ? 2.662   15.714  11.087  1.00 14.49 ? 598  MET A C     1 
ATOM   36   O O     . MET A 1 5   ? 3.479   16.649  10.985  1.00 17.92 ? 598  MET A O     1 
ATOM   37   C CB    . MET A 1 5   ? 3.179   14.101  9.231   1.00 19.93 ? 598  MET A CB    1 
ATOM   38   C CG    . MET A 1 5   ? 2.640   13.413  8.004   1.00 19.93 ? 598  MET A CG    1 
ATOM   39   S SD    . MET A 1 5   ? 3.571   11.983  7.439   1.00 19.93 ? 598  MET A SD    1 
ATOM   40   C CE    . MET A 1 5   ? 2.586   11.510  5.993   1.00 19.93 ? 598  MET A CE    1 
ATOM   41   N N     . ILE A 1 6   ? 2.181   15.285  12.256  1.00 11.82 ? 599  ILE A N     1 
ATOM   42   C CA    . ILE A 1 6   ? 2.813   15.683  13.511  1.00 13.52 ? 599  ILE A CA    1 
ATOM   43   C C     . ILE A 1 6   ? 3.978   14.754  13.857  1.00 15.20 ? 599  ILE A C     1 
ATOM   44   O O     . ILE A 1 6   ? 5.109   15.207  14.065  1.00 14.61 ? 599  ILE A O     1 
ATOM   45   C CB    . ILE A 1 6   ? 1.804   15.737  14.685  1.00 15.37 ? 599  ILE A CB    1 
ATOM   46   C CG1   . ILE A 1 6   ? 0.735   16.817  14.427  1.00 14.09 ? 599  ILE A CG1   1 
ATOM   47   C CG2   . ILE A 1 6   ? 2.534   16.039  15.982  1.00 14.74 ? 599  ILE A CG2   1 
ATOM   48   C CD1   . ILE A 1 6   ? -0.481  16.788  15.416  1.00 12.01 ? 599  ILE A CD1   1 
ATOM   49   N N     . ASN A 1 7   ? 3.683   13.458  13.935  1.00 14.48 ? 600  ASN A N     1 
ATOM   50   C CA    . ASN A 1 7   ? 4.689   12.416  14.051  1.00 14.73 ? 600  ASN A CA    1 
ATOM   51   C C     . ASN A 1 7   ? 4.586   11.523  12.824  1.00 14.03 ? 600  ASN A C     1 
ATOM   52   O O     . ASN A 1 7   ? 3.527   10.947  12.578  1.00 11.96 ? 600  ASN A O     1 
ATOM   53   C CB    . ASN A 1 7   ? 4.431   11.594  15.307  1.00 16.16 ? 600  ASN A CB    1 
ATOM   54   C CG    . ASN A 1 7   ? 4.231   12.461  16.532  1.00 18.37 ? 600  ASN A CG    1 
ATOM   55   O OD1   . ASN A 1 7   ? 3.191   12.388  17.172  1.00 27.47 ? 600  ASN A OD1   1 
ATOM   56   N ND2   . ASN A 1 7   ? 5.208   13.290  16.850  1.00 17.92 ? 600  ASN A ND2   1 
ATOM   57   N N     . GLY A 1 8   ? 5.665   11.409  12.044  1.00 14.51 ? 601  GLY A N     1 
ATOM   58   C CA    . GLY A 1 8   ? 5.683   10.449  10.960  1.00 12.14 ? 601  GLY A CA    1 
ATOM   59   C C     . GLY A 1 8   ? 5.962   9.054   11.483  1.00 14.40 ? 601  GLY A C     1 
ATOM   60   O O     . GLY A 1 8   ? 6.856   8.857   12.303  1.00 14.10 ? 601  GLY A O     1 
ATOM   61   N N     . GLY A 1 9   ? 5.175   8.074   11.037  1.00 13.82 ? 602  GLY A N     1 
ATOM   62   C CA    . GLY A 1 9   ? 5.458   6.677   11.317  1.00 14.83 ? 602  GLY A CA    1 
ATOM   63   C C     . GLY A 1 9   ? 6.578   6.087   10.452  1.00 13.83 ? 602  GLY A C     1 
ATOM   64   O O     . GLY A 1 9   ? 7.264   6.799   9.707   1.00 14.55 ? 602  GLY A O     1 
ATOM   65   N N     . THR A 1 10  ? 6.755   4.780   10.536  1.00 15.33 ? 603  THR A N     1 
ATOM   66   C CA    . THR A 1 10  ? 7.901   4.121   9.913   1.00 12.81 ? 603  THR A CA    1 
ATOM   67   C C     . THR A 1 10  ? 7.394   2.987   9.034   1.00 12.94 ? 603  THR A C     1 
ATOM   68   O O     . THR A 1 10  ? 6.641   2.126   9.495   1.00 12.42 ? 603  THR A O     1 
ATOM   69   C CB    . THR A 1 10  ? 8.835   3.575   10.978  1.00 18.93 ? 603  THR A CB    1 
ATOM   70   O OG1   . THR A 1 10  ? 9.570   4.676   11.542  1.00 20.09 ? 603  THR A OG1   1 
ATOM   71   C CG2   . THR A 1 10  ? 9.803   2.597   10.374  1.00 21.02 ? 603  THR A CG2   1 
ATOM   72   N N     . VAL A 1 11  ? 7.762   3.001   7.756   1.00 12.35 ? 604  VAL A N     1 
ATOM   73   C CA    . VAL A 1 11  ? 7.500   1.867   6.864   1.00 10.89 ? 604  VAL A CA    1 
ATOM   74   C C     . VAL A 1 11  ? 8.830   1.396   6.318   1.00 12.58 ? 604  VAL A C     1 
ATOM   75   O O     . VAL A 1 11  ? 9.330   1.903   5.319   1.00 17.58 ? 604  VAL A O     1 
ATOM   76   C CB    . VAL A 1 11  ? 6.481   2.222   5.750   1.00 11.33 ? 604  VAL A CB    1 
ATOM   77   C CG1   . VAL A 1 11  ? 6.231   1.035   4.827   1.00 13.26 ? 604  VAL A CG1   1 
ATOM   78   C CG2   . VAL A 1 11  ? 5.174   2.723   6.378   1.00 14.45 ? 604  VAL A CG2   1 
ATOM   79   N N     . ASN A 1 12  ? 9.427   0.435   7.007   1.00 15.23 ? 605  ASN A N     1 
ATOM   80   C CA    . ASN A 1 12  ? 10.731  -0.086  6.582   1.00 16.81 ? 605  ASN A CA    1 
ATOM   81   C C     . ASN A 1 12  ? 10.565  -1.212  5.558   1.00 20.35 ? 605  ASN A C     1 
ATOM   82   O O     . ASN A 1 12  ? 11.424  -1.449  4.715   1.00 17.42 ? 605  ASN A O     1 
ATOM   83   C CB    . ASN A 1 12  ? 11.548  -0.576  7.785   1.00 16.46 ? 605  ASN A CB    1 
ATOM   84   C CG    . ASN A 1 12  ? 12.037  0.569   8.693   1.00 25.52 ? 605  ASN A CG    1 
ATOM   85   O OD1   . ASN A 1 12  ? 12.382  1.669   8.239   1.00 22.33 ? 605  ASN A OD1   1 
ATOM   86   N ND2   . ASN A 1 12  ? 12.040  0.308   9.991   1.00 23.27 ? 605  ASN A ND2   1 
ATOM   87   N N     . ASN A 1 13  ? 9.453   -1.904  5.627   1.00 17.90 ? 606  ASN A N     1 
ATOM   88   C CA    . ASN A 1 13  ? 9.215   -3.047  4.738   1.00 16.92 ? 606  ASN A CA    1 
ATOM   89   C C     . ASN A 1 13  ? 7.785   -3.055  4.213   1.00 14.27 ? 606  ASN A C     1 
ATOM   90   O O     . ASN A 1 13  ? 6.802   -3.082  4.989   1.00 15.81 ? 606  ASN A O     1 
ATOM   91   C CB    . ASN A 1 13  ? 9.488   -4.348  5.475   1.00 16.27 ? 606  ASN A CB    1 
ATOM   92   C CG    . ASN A 1 13  ? 10.928  -4.446  5.954   1.00 16.42 ? 606  ASN A CG    1 
ATOM   93   O OD1   . ASN A 1 13  ? 11.200  -4.224  7.117   1.00 23.43 ? 606  ASN A OD1   1 
ATOM   94   N ND2   . ASN A 1 13  ? 11.847  -4.785  5.052   1.00 21.05 ? 606  ASN A ND2   1 
ATOM   95   N N     . TRP A 1 14  ? 7.643   -3.025  2.901   1.00 20.07 ? 607  TRP A N     1 
ATOM   96   C CA    . TRP A 1 14  ? 6.318   -2.999  2.315   1.00 20.07 ? 607  TRP A CA    1 
ATOM   97   C C     . TRP A 1 14  ? 6.310   -3.733  0.999   1.00 20.07 ? 607  TRP A C     1 
ATOM   98   O O     . TRP A 1 14  ? 7.344   -3.982  0.426   1.00 20.07 ? 607  TRP A O     1 
ATOM   99   C CB    . TRP A 1 14  ? 5.921   -1.550  2.085   1.00 20.07 ? 607  TRP A CB    1 
ATOM   100  C CG    . TRP A 1 14  ? 6.862   -0.799  1.220   1.00 20.07 ? 607  TRP A CG    1 
ATOM   101  C CD1   . TRP A 1 14  ? 8.000   -0.160  1.623   1.00 20.07 ? 607  TRP A CD1   1 
ATOM   102  C CD2   . TRP A 1 14  ? 6.751   -0.573  -0.198  1.00 20.07 ? 607  TRP A CD2   1 
ATOM   103  N NE1   . TRP A 1 14  ? 8.598   0.446   0.539   1.00 20.07 ? 607  TRP A NE1   1 
ATOM   104  C CE2   . TRP A 1 14  ? 7.849   0.213   -0.584  1.00 20.07 ? 607  TRP A CE2   1 
ATOM   105  C CE3   . TRP A 1 14  ? 5.826   -0.969  -1.178  1.00 20.07 ? 607  TRP A CE3   1 
ATOM   106  C CZ2   . TRP A 1 14  ? 8.063   0.617   -1.910  1.00 20.07 ? 607  TRP A CZ2   1 
ATOM   107  C CZ3   . TRP A 1 14  ? 6.025   -0.556  -2.490  1.00 20.07 ? 607  TRP A CZ3   1 
ATOM   108  C CH2   . TRP A 1 14  ? 7.156   0.213   -2.846  1.00 20.07 ? 607  TRP A CH2   1 
ATOM   109  N N     . ILE A 1 15  ? 5.123   -4.039  0.500   1.00 13.33 ? 608  ILE A N     1 
ATOM   110  C CA    . ILE A 1 15  ? 4.968   -4.697  -0.812  1.00 11.49 ? 608  ILE A CA    1 
ATOM   111  C C     . ILE A 1 15  ? 3.712   -4.199  -1.499  1.00 11.44 ? 608  ILE A C     1 
ATOM   112  O O     . ILE A 1 15  ? 2.868   -3.556  -0.889  1.00 10.37 ? 608  ILE A O     1 
ATOM   113  C CB    . ILE A 1 15  ? 4.860   -6.220  -0.681  1.00 13.98 ? 608  ILE A CB    1 
ATOM   114  C CG1   . ILE A 1 15  ? 3.701   -6.572  0.252   1.00 12.28 ? 608  ILE A CG1   1 
ATOM   115  C CG2   . ILE A 1 15  ? 6.251   -6.841  -0.316  1.00 13.27 ? 608  ILE A CG2   1 
ATOM   116  C CD1   . ILE A 1 15  ? 3.363   -8.049  0.322   1.00 14.08 ? 608  ILE A CD1   1 
ATOM   117  N N     . CYS A 1 16  ? 3.633   -4.442  -2.797  1.00 12.89 ? 609  CYS A N     1 
ATOM   118  C CA    . CYS A 1 16  ? 2.516   -3.958  -3.573  1.00 14.62 ? 609  CYS A CA    1 
ATOM   119  C C     . CYS A 1 16  ? 1.948   -5.151  -4.290  1.00 13.12 ? 609  CYS A C     1 
ATOM   120  O O     . CYS A 1 16  ? 2.684   -5.935  -4.893  1.00 13.74 ? 609  CYS A O     1 
ATOM   121  C CB    . CYS A 1 16  ? 2.951   -2.903  -4.604  1.00 12.51 ? 609  CYS A CB    1 
ATOM   122  S SG    . CYS A 1 16  ? 1.645   -2.474  -5.787  1.00 12.41 ? 609  CYS A SG    1 
ATOM   123  N N     . ILE A 1 17  ? 0.633   -5.295  -4.209  1.00 12.30 ? 610  ILE A N     1 
ATOM   124  C CA    . ILE A 1 17  ? -0.079  -6.212  -5.071  1.00 11.99 ? 610  ILE A CA    1 
ATOM   125  C C     . ILE A 1 17  ? -1.082  -5.442  -5.942  1.00 12.53 ? 610  ILE A C     1 
ATOM   126  O O     . ILE A 1 17  ? -1.833  -4.578  -5.463  1.00 12.73 ? 610  ILE A O     1 
ATOM   127  C CB    . ILE A 1 17  ? -0.815  -7.305  -4.264  1.00 12.46 ? 610  ILE A CB    1 
ATOM   128  C CG1   . ILE A 1 17  ? 0.183   -8.168  -3.479  1.00 12.65 ? 610  ILE A CG1   1 
ATOM   129  C CG2   . ILE A 1 17  ? -1.714  -8.174  -5.211  1.00 13.13 ? 610  ILE A CG2   1 
ATOM   130  C CD1   . ILE A 1 17  ? -0.462  -8.961  -2.382  1.00 11.93 ? 610  ILE A CD1   1 
ATOM   131  N N     . ASN A 1 18  ? -1.097  -5.800  -7.227  1.00 11.57 ? 611  ASN A N     1 
ATOM   132  C CA    . ASN A 1 18  ? -1.927  -5.158  -8.244  1.00 13.11 ? 611  ASN A CA    1 
ATOM   133  C C     . ASN A 1 18  ? -3.014  -6.096  -8.760  1.00 13.05 ? 611  ASN A C     1 
ATOM   134  O O     . ASN A 1 18  ? -2.735  -7.256  -9.093  1.00 13.98 ? 611  ASN A O     1 
ATOM   135  C CB    . ASN A 1 18  ? -1.066  -4.690  -9.438  1.00 12.05 ? 611  ASN A CB    1 
ATOM   136  C CG    . ASN A 1 18  ? -1.912  -4.245  -10.621 1.00 14.12 ? 611  ASN A CG    1 
ATOM   137  O OD1   . ASN A 1 18  ? -2.888  -3.517  -10.444 1.00 10.95 ? 611  ASN A OD1   1 
ATOM   138  N ND2   . ASN A 1 18  ? -1.581  -4.708  -11.807 1.00 11.33 ? 611  ASN A ND2   1 
ATOM   139  N N     . PHE A 1 19  ? -4.241  -5.584  -8.835  1.00 13.04 ? 612  PHE A N     1 
ATOM   140  C CA    . PHE A 1 19  ? -5.371  -6.362  -9.281  1.00 11.66 ? 612  PHE A CA    1 
ATOM   141  C C     . PHE A 1 19  ? -5.994  -5.741  -10.526 1.00 12.76 ? 612  PHE A C     1 
ATOM   142  O O     . PHE A 1 19  ? -7.054  -6.190  -10.973 1.00 12.89 ? 612  PHE A O     1 
ATOM   143  C CB    . PHE A 1 19  ? -6.442  -6.472  -8.171  1.00 10.73 ? 612  PHE A CB    1 
ATOM   144  C CG    . PHE A 1 19  ? -6.087  -7.412  -7.062  1.00 13.08 ? 612  PHE A CG    1 
ATOM   145  C CD1   . PHE A 1 19  ? -5.668  -6.919  -5.815  1.00 13.52 ? 612  PHE A CD1   1 
ATOM   146  C CD2   . PHE A 1 19  ? -6.202  -8.797  -7.230  1.00 14.47 ? 612  PHE A CD2   1 
ATOM   147  C CE1   . PHE A 1 19  ? -5.338  -7.796  -4.761  1.00 14.92 ? 612  PHE A CE1   1 
ATOM   148  C CE2   . PHE A 1 19  ? -5.871  -9.679  -6.174  1.00 15.76 ? 612  PHE A CE2   1 
ATOM   149  C CZ    . PHE A 1 19  ? -5.431  -9.178  -4.957  1.00 14.30 ? 612  PHE A CZ    1 
ATOM   150  N N     . SER A 1 20  ? -5.378  -4.685  -11.053 1.00 10.79 ? 613  SER A N     1 
ATOM   151  C CA    . SER A 1 20  ? -5.920  -3.999  -12.210 1.00 10.67 ? 613  SER A CA    1 
ATOM   152  C C     . SER A 1 20  ? -5.268  -4.491  -13.492 1.00 10.63 ? 613  SER A C     1 
ATOM   153  O O     . SER A 1 20  ? -4.053  -4.358  -13.657 1.00 12.21 ? 613  SER A O     1 
ATOM   154  C CB    . SER A 1 20  ? -5.713  -2.492  -12.110 1.00 14.28 ? 613  SER A CB    1 
ATOM   155  O OG    . SER A 1 20  ? -6.291  -1.825  -13.218 1.00 13.92 ? 613  SER A OG    1 
ATOM   156  N N     . ARG A 1 21  ? -6.139  -5.060  -14.406 1.00 12.37 ? 614  ARG A N     1 
ATOM   157  C CA    . ARG A 1 21  ? -5.647  -5.418  -15.735 1.00 13.21 ? 614  ARG A CA    1 
ATOM   158  C C     . ARG A 1 21  ? -5.167  -4.256  -16.643 1.00 12.66 ? 614  ARG A C     1 
ATOM   159  O O     . ARG A 1 21  ? -4.548  -4.482  -17.667 1.00 14.25 ? 614  ARG A O     1 
ATOM   160  C CB    . ARG A 1 21  ? -6.704  -6.304  -16.445 1.00 17.07 ? 614  ARG A CB    1 
ATOM   161  C CG    . ARG A 1 21  ? -7.025  -7.589  -15.590 1.00 22.49 ? 614  ARG A CG    1 
ATOM   162  C CD    . ARG A 1 21  ? -6.832  -8.889  -16.292 1.00 28.24 ? 614  ARG A CD    1 
ATOM   163  N NE    . ARG A 1 21  ? -7.931  -9.774  -15.916 1.00 43.01 ? 614  ARG A NE    1 
ATOM   164  C CZ    . ARG A 1 21  ? -8.202  -10.973 -16.460 1.00 42.16 ? 614  ARG A CZ    1 
ATOM   165  N NH1   . ARG A 1 21  ? -9.230  -11.660 -15.998 1.00 54.94 ? 614  ARG A NH1   1 
ATOM   166  N NH2   . ARG A 1 21  ? -7.477  -11.483 -17.433 1.00 29.55 ? 614  ARG A NH2   1 
ATOM   167  N N     . GLN A 1 22  ? -5.458  -3.006  -16.277 1.00 15.43 ? 615  GLN A N     1 
ATOM   168  C CA    . GLN A 1 22  ? -5.012  -1.840  -17.007 1.00 18.47 ? 615  GLN A CA    1 
ATOM   169  C C     . GLN A 1 22  ? -3.651  -1.336  -16.546 1.00 16.92 ? 615  GLN A C     1 
ATOM   170  O O     . GLN A 1 22  ? -3.144  -0.366  -17.074 1.00 16.13 ? 615  GLN A O     1 
ATOM   171  C CB    . GLN A 1 22  ? -6.050  -0.709  -16.888 1.00 17.11 ? 615  GLN A CB    1 
ATOM   172  C CG    . GLN A 1 22  ? -7.446  -1.111  -17.294 1.00 21.84 ? 615  GLN A CG    1 
ATOM   173  C CD    . GLN A 1 22  ? -8.490  -0.106  -16.838 1.00 32.83 ? 615  GLN A CD    1 
ATOM   174  O OE1   . GLN A 1 22  ? -8.684  0.889   -17.483 1.00 37.47 ? 615  GLN A OE1   1 
ATOM   175  N NE2   . GLN A 1 22  ? -9.147  -0.369  -15.711 1.00 43.83 ? 615  GLN A NE2   1 
ATOM   176  N N     . VAL A 1 23  ? -3.067  -2.009  -15.566 1.00 13.79 ? 616  VAL A N     1 
ATOM   177  C CA    . VAL A 1 23  ? -1.839  -1.548  -14.910 1.00 12.40 ? 616  VAL A CA    1 
ATOM   178  C C     . VAL A 1 23  ? -0.726  -2.587  -15.082 1.00 13.24 ? 616  VAL A C     1 
ATOM   179  O O     . VAL A 1 23  ? -0.824  -3.695  -14.574 1.00 14.38 ? 616  VAL A O     1 
ATOM   180  C CB    . VAL A 1 23  ? -2.062  -1.255  -13.388 1.00 15.18 ? 616  VAL A CB    1 
ATOM   181  C CG1   . VAL A 1 23  ? -0.680  -1.113  -12.642 1.00 15.87 ? 616  VAL A CG1   1 
ATOM   182  C CG2   . VAL A 1 23  ? -2.995  -0.009  -13.204 1.00 13.79 ? 616  VAL A CG2   1 
ATOM   183  N N     . GLN A 1 24  ? 0.297   -2.230  -15.830 1.00 12.43 ? 617  GLN A N     1 
ATOM   184  C CA    . GLN A 1 24  ? 1.466   -3.122  -16.007 1.00 11.82 ? 617  GLN A CA    1 
ATOM   185  C C     . GLN A 1 24  ? 2.414   -2.982  -14.804 1.00 14.67 ? 617  GLN A C     1 
ATOM   186  O O     . GLN A 1 24  ? 2.353   -1.974  -14.087 1.00 14.15 ? 617  GLN A O     1 
ATOM   187  C CB    . GLN A 1 24  ? 2.215   -2.794  -17.312 1.00 16.69 ? 617  GLN A CB    1 
ATOM   188  C CG    . GLN A 1 24  ? 2.983   -1.459  -17.292 1.00 13.00 ? 617  GLN A CG    1 
ATOM   189  C CD    . GLN A 1 24  ? 2.123   -0.201  -17.652 1.00 17.02 ? 617  GLN A CD    1 
ATOM   190  O OE1   . GLN A 1 24  ? 0.928   -0.157  -17.396 1.00 22.49 ? 617  GLN A OE1   1 
ATOM   191  N NE2   . GLN A 1 24  ? 2.786   0.858   -18.205 1.00 23.80 ? 617  GLN A NE2   1 
ATOM   192  N N     . ASP A 1 25  ? 3.281   -3.969  -14.618 1.00 17.25 ? 618  ASP A N     1 
ATOM   193  C CA    . ASP A 1 25  ? 4.199   -4.015  -13.455 1.00 16.90 ? 618  ASP A CA    1 
ATOM   194  C C     . ASP A 1 25  ? 4.927   -2.684  -13.240 1.00 18.18 ? 618  ASP A C     1 
ATOM   195  O O     . ASP A 1 25  ? 4.988   -2.175  -12.111 1.00 17.45 ? 618  ASP A O     1 
ATOM   196  C CB    . ASP A 1 25  ? 5.227   -5.210  -13.565 1.00 18.62 ? 618  ASP A CB    1 
ATOM   197  C CG    . ASP A 1 25  ? 6.039   -5.208  -14.909 1.00 22.55 ? 618  ASP A CG    1 
ATOM   198  O OD1   . ASP A 1 25  ? 5.911   -4.256  -15.733 1.00 13.09 ? 618  ASP A OD1   1 
ATOM   199  O OD2   . ASP A 1 25  ? 6.803   -6.183  -15.147 1.00 22.05 ? 618  ASP A OD2   1 
ATOM   200  N N     . ASN A 1 26  ? 5.404   -2.132  -14.301 1.00 18.25 ? 619  ASN A N     1 
ATOM   201  C CA    . ASN A 1 26  ? 6.251   -0.954  -14.212 1.00 18.54 ? 619  ASN A CA    1 
ATOM   202  C C     . ASN A 1 26  ? 5.530   0.272   -13.714 1.00 16.68 ? 619  ASN A C     1 
ATOM   203  O O     . ASN A 1 26  ? 6.111   1.111   -13.043 1.00 15.69 ? 619  ASN A O     1 
ATOM   204  C CB    . ASN A 1 26  ? 6.875   -0.632  -15.571 1.00 18.58 ? 619  ASN A CB    1 
ATOM   205  C CG    . ASN A 1 26  ? 8.022   0.334   -15.449 1.00 34.57 ? 619  ASN A CG    1 
ATOM   206  O OD1   . ASN A 1 26  ? 9.073   -0.005  -14.873 1.00 41.59 ? 619  ASN A OD1   1 
ATOM   207  N ND2   . ASN A 1 26  ? 7.825   1.577   -15.941 1.00 36.06 ? 619  ASN A ND2   1 
ATOM   208  N N     . LEU A 1 27  ? 4.251   0.377   -14.065 1.00 14.87 ? 620  LEU A N     1 
ATOM   209  C CA    . LEU A 1 27  ? 3.408   1.460   -13.586 1.00 15.10 ? 620  LEU A CA    1 
ATOM   210  C C     . LEU A 1 27  ? 3.120   1.300   -12.102 1.00 14.16 ? 620  LEU A C     1 
ATOM   211  O O     . LEU A 1 27  ? 3.226   2.274   -11.375 1.00 14.11 ? 620  LEU A O     1 
ATOM   212  C CB    . LEU A 1 27  ? 2.109   1.493   -14.368 1.00 16.29 ? 620  LEU A CB    1 
ATOM   213  C CG    . LEU A 1 27  ? 1.082   2.517   -13.918 1.00 18.47 ? 620  LEU A CG    1 
ATOM   214  C CD1   . LEU A 1 27  ? 1.693   3.927   -13.969 1.00 18.98 ? 620  LEU A CD1   1 
ATOM   215  C CD2   . LEU A 1 27  ? -0.182  2.398   -14.764 1.00 15.68 ? 620  LEU A CD2   1 
ATOM   216  N N     . ALA A 1 28  ? 2.789   0.090   -11.644 1.00 12.97 ? 621  ALA A N     1 
ATOM   217  C CA    . ALA A 1 28  ? 2.567   -0.130  -10.205 1.00 14.83 ? 621  ALA A CA    1 
ATOM   218  C C     . ALA A 1 28  ? 3.839   0.266   -9.444  1.00 13.86 ? 621  ALA A C     1 
ATOM   219  O O     . ALA A 1 28  ? 3.798   0.907   -8.409  1.00 14.22 ? 621  ALA A O     1 
ATOM   220  C CB    . ALA A 1 28  ? 2.212   -1.585  -9.931  1.00 13.05 ? 621  ALA A CB    1 
ATOM   221  N N     . ARG A 1 29  ? 4.975   -0.135  -10.004 1.00 11.64 ? 622  ARG A N     1 
ATOM   222  C CA    . ARG A 1 29  ? 6.291   0.174   -9.457  1.00 17.17 ? 622  ARG A CA    1 
ATOM   223  C C     . ARG A 1 29  ? 6.526   1.703   -9.389  1.00 14.48 ? 622  ARG A C     1 
ATOM   224  O O     . ARG A 1 29  ? 6.886   2.236   -8.347  1.00 14.67 ? 622  ARG A O     1 
ATOM   225  C CB    . ARG A 1 29  ? 7.309   -0.540  -10.342 1.00 19.49 ? 622  ARG A CB    1 
ATOM   226  C CG    . ARG A 1 29  ? 8.715   -0.590  -9.870  1.00 27.03 ? 622  ARG A CG    1 
ATOM   227  C CD    . ARG A 1 29  ? 9.363   -1.964  -10.319 1.00 40.67 ? 622  ARG A CD    1 
ATOM   228  N NE    . ARG A 1 29  ? 9.462   -2.125  -11.788 1.00 41.03 ? 622  ARG A NE    1 
ATOM   229  C CZ    . ARG A 1 29  ? 8.878   -3.108  -12.481 1.00 36.26 ? 622  ARG A CZ    1 
ATOM   230  N NH1   . ARG A 1 29  ? 9.034   -3.213  -13.817 1.00 33.31 ? 622  ARG A NH1   1 
ATOM   231  N NH2   . ARG A 1 29  ? 8.105   -3.978  -11.853 1.00 27.65 ? 622  ARG A NH2   1 
ATOM   232  N N     . THR A 1 30  ? 6.306   2.403   -10.492 1.00 11.87 ? 623  THR A N     1 
ATOM   233  C CA    . THR A 1 30  ? 6.462   3.861   -10.531 1.00 15.84 ? 623  THR A CA    1 
ATOM   234  C C     . THR A 1 30  ? 5.487   4.555   -9.562  1.00 16.80 ? 623  THR A C     1 
ATOM   235  O O     . THR A 1 30  ? 5.875   5.431   -8.786  1.00 16.53 ? 623  THR A O     1 
ATOM   236  C CB    . THR A 1 30  ? 6.211   4.356   -11.924 1.00 15.44 ? 623  THR A CB    1 
ATOM   237  O OG1   . THR A 1 30  ? 7.275   3.901   -12.749 1.00 21.91 ? 623  THR A OG1   1 
ATOM   238  C CG2   . THR A 1 30  ? 6.135   5.880   -11.950 1.00 25.41 ? 623  THR A CG2   1 
ATOM   239  N N     . PHE A 1 31  ? 4.241   4.120   -9.573  1.00 13.76 ? 624  PHE A N     1 
ATOM   240  C CA    . PHE A 1 31  ? 3.271   4.600   -8.602  1.00 15.85 ? 624  PHE A CA    1 
ATOM   241  C C     . PHE A 1 31  ? 3.748   4.482   -7.145  1.00 16.43 ? 624  PHE A C     1 
ATOM   242  O O     . PHE A 1 31  ? 3.726   5.463   -6.392  1.00 12.73 ? 624  PHE A O     1 
ATOM   243  C CB    . PHE A 1 31  ? 1.939   3.873   -8.770  1.00 14.71 ? 624  PHE A CB    1 
ATOM   244  C CG    . PHE A 1 31  ? 0.934   4.261   -7.747  1.00 15.91 ? 624  PHE A CG    1 
ATOM   245  C CD1   . PHE A 1 31  ? 0.715   3.459   -6.635  1.00 15.19 ? 624  PHE A CD1   1 
ATOM   246  C CD2   . PHE A 1 31  ? 0.230   5.453   -7.886  1.00 17.27 ? 624  PHE A CD2   1 
ATOM   247  C CE1   . PHE A 1 31  ? -0.229  3.820   -5.692  1.00 17.05 ? 624  PHE A CE1   1 
ATOM   248  C CE2   . PHE A 1 31  ? -0.706  5.831   -6.943  1.00 13.53 ? 624  PHE A CE2   1 
ATOM   249  C CZ    . PHE A 1 31  ? -0.940  5.027   -5.851  1.00 18.56 ? 624  PHE A CZ    1 
ATOM   250  N N     . CYS A 1 32  ? 4.141   3.271   -6.758  1.00 11.15 ? 625  CYS A N     1 
ATOM   251  C CA    . CYS A 1 32  ? 4.612   3.033   -5.402  1.00 12.86 ? 625  CYS A CA    1 
ATOM   252  C C     . CYS A 1 32  ? 5.836   3.906   -5.044  1.00 14.93 ? 625  CYS A C     1 
ATOM   253  O O     . CYS A 1 32  ? 5.958   4.393   -3.937  1.00 14.72 ? 625  CYS A O     1 
ATOM   254  C CB    . CYS A 1 32  ? 4.914   1.540   -5.190  1.00 12.96 ? 625  CYS A CB    1 
ATOM   255  S SG    . CYS A 1 32  ? 3.425   0.534   -5.171  1.00 15.93 ? 625  CYS A SG    1 
ATOM   256  N N     . GLN A 1 33  ? 6.661   4.134   -6.023  1.00 13.73 ? 626  GLN A N     1 
ATOM   257  C CA    . GLN A 1 33  ? 7.836   4.968   -5.811  1.00 17.96 ? 626  GLN A CA    1 
ATOM   258  C C     . GLN A 1 33  ? 7.454   6.403   -5.501  1.00 17.15 ? 626  GLN A C     1 
ATOM   259  O O     . GLN A 1 33  ? 7.953   7.000   -4.629  1.00 16.70 ? 626  GLN A O     1 
ATOM   260  C CB    . GLN A 1 33  ? 8.767   4.880   -6.997  1.00 18.08 ? 626  GLN A CB    1 
ATOM   261  C CG    . GLN A 1 33  ? 9.337   3.572   -7.156  1.00 19.92 ? 626  GLN A CG    1 
ATOM   262  C CD    . GLN A 1 33  ? 10.318  3.479   -8.321  1.00 27.08 ? 626  GLN A CD    1 
ATOM   263  O OE1   . GLN A 1 33  ? 11.165  2.581   -8.373  1.00 23.38 ? 626  GLN A OE1   1 
ATOM   264  N NE2   . GLN A 1 33  ? 10.202  4.375   -9.228  1.00 26.18 ? 626  GLN A NE2   1 
ATOM   265  N N     . GLU A 1 34  ? 6.522   6.936   -6.233  1.00 16.44 ? 627  GLU A N     1 
ATOM   266  C CA    . GLU A 1 34  ? 6.021   8.290   -5.994  1.00 17.79 ? 627  GLU A CA    1 
ATOM   267  C C     . GLU A 1 34  ? 5.320   8.416   -4.643  1.00 15.59 ? 627  GLU A C     1 
ATOM   268  O O     . GLU A 1 34  ? 5.487   9.402   -3.916  1.00 14.37 ? 627  GLU A O     1 
ATOM   269  C CB    . GLU A 1 34  ? 5.097   8.720   -7.118  1.00 19.60 ? 627  GLU A CB    1 
ATOM   270  C CG    . GLU A 1 34  ? 5.828   8.869   -8.488  1.00 22.07 ? 627  GLU A CG    1 
ATOM   271  C CD    . GLU A 1 34  ? 6.889   9.932   -8.457  1.00 27.41 ? 627  GLU A CD    1 
ATOM   272  O OE1   . GLU A 1 34  ? 6.562   11.067  -8.054  1.00 30.34 ? 627  GLU A OE1   1 
ATOM   273  O OE2   . GLU A 1 34  ? 8.066   9.628   -8.783  1.00 30.85 ? 627  GLU A OE2   1 
ATOM   274  N N     . LEU A 1 35  ? 4.556   7.397   -4.285  1.00 13.97 ? 628  LEU A N     1 
ATOM   275  C CA    . LEU A 1 35  ? 3.879   7.383   -3.012  1.00 14.75 ? 628  LEU A CA    1 
ATOM   276  C C     . LEU A 1 35  ? 4.899   7.296   -1.856  1.00 15.61 ? 628  LEU A C     1 
ATOM   277  O O     . LEU A 1 35  ? 4.817   8.042   -0.865  1.00 11.99 ? 628  LEU A O     1 
ATOM   278  C CB    . LEU A 1 35  ? 2.890   6.208   -2.987  1.00 16.06 ? 628  LEU A CB    1 
ATOM   279  C CG    . LEU A 1 35  ? 2.067   6.069   -1.714  1.00 17.57 ? 628  LEU A CG    1 
ATOM   280  C CD1   . LEU A 1 35  ? 1.368   7.382   -1.345  1.00 18.11 ? 628  LEU A CD1   1 
ATOM   281  C CD2   . LEU A 1 35  ? 1.076   4.920   -1.872  1.00 16.55 ? 628  LEU A CD2   1 
ATOM   282  N N     . ALA A 1 36  ? 5.858   6.385   -1.983  1.00 14.82 ? 629  ALA A N     1 
ATOM   283  C CA    . ALA A 1 36  ? 6.937   6.269   -0.994  1.00 11.74 ? 629  ALA A CA    1 
ATOM   284  C C     . ALA A 1 36  ? 7.708   7.592   -0.787  1.00 14.45 ? 629  ALA A C     1 
ATOM   285  O O     . ALA A 1 36  ? 8.032   7.958   0.347   1.00 15.31 ? 629  ALA A O     1 
ATOM   286  C CB    . ALA A 1 36  ? 7.898   5.152   -1.393  1.00 14.81 ? 629  ALA A CB    1 
ATOM   287  N N     . GLN A 1 37  ? 8.023   8.241   -1.843  1.00 13.18 ? 630  GLN A N     1 
ATOM   288  C CA    . GLN A 1 37  ? 8.728   9.507   -1.763  1.00 14.90 ? 630  GLN A CA    1 
ATOM   289  C C     . GLN A 1 37  ? 7.878   10.595  -1.074  1.00 13.48 ? 630  GLN A C     1 
ATOM   290  O O     . GLN A 1 37  ? 8.365   11.332  -0.225  1.00 12.88 ? 630  GLN A O     1 
ATOM   291  C CB    . GLN A 1 37  ? 9.145   9.932   -3.159  1.00 15.64 ? 630  GLN A CB    1 
ATOM   292  C CG    . GLN A 1 37  ? 9.643   11.368  -3.238  1.00 27.45 ? 630  GLN A CG    1 
ATOM   293  C CD    . GLN A 1 37  ? 9.684   11.842  -4.698  1.00 40.84 ? 630  GLN A CD    1 
ATOM   294  O OE1   . GLN A 1 37  ? 10.412  11.261  -5.535  1.00 33.48 ? 630  GLN A OE1   1 
ATOM   295  N NE2   . GLN A 1 37  ? 8.867   12.851  -5.020  1.00 36.25 ? 630  GLN A NE2   1 
ATOM   296  N N     . MET A 1 38  ? 6.581   10.689  -1.412  1.00 12.54 ? 631  MET A N     1 
ATOM   297  C CA    . MET A 1 38  ? 5.670   11.570  -0.707  1.00 13.23 ? 631  MET A CA    1 
ATOM   298  C C     . MET A 1 38  ? 5.633   11.311  0.812   1.00 13.24 ? 631  MET A C     1 
ATOM   299  O O     . MET A 1 38  ? 5.695   12.258  1.611   1.00 10.48 ? 631  MET A O     1 
ATOM   300  C CB    . MET A 1 38  ? 4.261   11.527  -1.329  1.00 19.93 ? 631  MET A CB    1 
ATOM   301  C CG    . MET A 1 38  ? 3.285   12.458  -0.645  1.00 19.93 ? 631  MET A CG    1 
ATOM   302  S SD    . MET A 1 38  ? 3.736   14.216  -0.640  1.00 19.93 ? 631  MET A SD    1 
ATOM   303  C CE    . MET A 1 38  ? 3.423   14.665  -2.332  1.00 19.93 ? 631  MET A CE    1 
ATOM   304  N N     . CYS A 1 39  ? 5.559   10.046  1.218   1.00 11.97 ? 632  CYS A N     1 
ATOM   305  C CA    . CYS A 1 39  ? 5.419   9.717   2.639   1.00 11.96 ? 632  CYS A CA    1 
ATOM   306  C C     . CYS A 1 39  ? 6.668   10.145  3.362   1.00 12.47 ? 632  CYS A C     1 
ATOM   307  O O     . CYS A 1 39  ? 6.615   10.661  4.470   1.00 10.69 ? 632  CYS A O     1 
ATOM   308  C CB    . CYS A 1 39  ? 5.191   8.221   2.852   1.00 11.54 ? 632  CYS A CB    1 
ATOM   309  S SG    . CYS A 1 39  ? 3.590   7.614   2.327   1.00 12.98 ? 632  CYS A SG    1 
ATOM   310  N N     . TYR A 1 40  ? 7.799   9.960   2.705   1.00 10.85 ? 633  TYR A N     1 
ATOM   311  C CA    . TYR A 1 40  ? 9.088   10.353  3.252   1.00 12.63 ? 633  TYR A CA    1 
ATOM   312  C C     . TYR A 1 40  ? 9.220   11.867  3.497   1.00 9.83  ? 633  TYR A C     1 
ATOM   313  O O     . TYR A 1 40  ? 9.522   12.298  4.619   1.00 10.56 ? 633  TYR A O     1 
ATOM   314  C CB    . TYR A 1 40  ? 10.226  9.856   2.344   1.00 13.74 ? 633  TYR A CB    1 
ATOM   315  C CG    . TYR A 1 40  ? 11.555  10.499  2.641   1.00 13.63 ? 633  TYR A CG    1 
ATOM   316  C CD1   . TYR A 1 40  ? 12.094  10.451  3.937   1.00 11.27 ? 633  TYR A CD1   1 
ATOM   317  C CD2   . TYR A 1 40  ? 12.250  11.194  1.652   1.00 13.93 ? 633  TYR A CD2   1 
ATOM   318  C CE1   . TYR A 1 40  ? 13.308  11.068  4.229   1.00 14.03 ? 633  TYR A CE1   1 
ATOM   319  C CE2   . TYR A 1 40  ? 13.455  11.808  1.935   1.00 14.75 ? 633  TYR A CE2   1 
ATOM   320  C CZ    . TYR A 1 40  ? 13.988  11.716  3.214   1.00 13.91 ? 633  TYR A CZ    1 
ATOM   321  O OH    . TYR A 1 40  ? 15.184  12.315  3.527   1.00 14.50 ? 633  TYR A OH    1 
ATOM   322  N N     . VAL A 1 41  ? 9.014   12.668  2.456   1.00 9.97  ? 634  VAL A N     1 
ATOM   323  C CA    . VAL A 1 41  ? 9.211   14.099  2.564   1.00 9.42  ? 634  VAL A CA    1 
ATOM   324  C C     . VAL A 1 41  ? 8.158   14.721  3.465   1.00 15.26 ? 634  VAL A C     1 
ATOM   325  O O     . VAL A 1 41  ? 8.360   15.830  3.966   1.00 14.57 ? 634  VAL A O     1 
ATOM   326  C CB    . VAL A 1 41  ? 9.270   14.824  1.176   1.00 12.98 ? 634  VAL A CB    1 
ATOM   327  C CG1   . VAL A 1 41  ? 10.494  14.347  0.350   1.00 11.91 ? 634  VAL A CG1   1 
ATOM   328  C CG2   . VAL A 1 41  ? 7.968   14.656  0.351   1.00 13.06 ? 634  VAL A CG2   1 
ATOM   329  N N     . SER A 1 42  ? 7.045   14.012  3.678   1.00 12.17 ? 635  SER A N     1 
ATOM   330  C CA    . SER A 1 42  ? 5.993   14.458  4.590   1.00 11.61 ? 635  SER A CA    1 
ATOM   331  C C     . SER A 1 42  ? 6.359   14.256  6.054   1.00 14.48 ? 635  SER A C     1 
ATOM   332  O O     . SER A 1 42  ? 5.741   14.827  6.939   1.00 16.24 ? 635  SER A O     1 
ATOM   333  C CB    . SER A 1 42  ? 4.653   13.801  4.280   1.00 14.46 ? 635  SER A CB    1 
ATOM   334  O OG    . SER A 1 42  ? 4.230   14.154  2.964   1.00 15.63 ? 635  SER A OG    1 
ATOM   335  N N     . GLY A 1 43  ? 7.398   13.458  6.297   1.00 10.72 ? 636  GLY A N     1 
ATOM   336  C CA    . GLY A 1 43  ? 7.853   13.212  7.647   1.00 14.15 ? 636  GLY A CA    1 
ATOM   337  C C     . GLY A 1 43  ? 7.956   11.763  8.085   1.00 13.70 ? 636  GLY A C     1 
ATOM   338  O O     . GLY A 1 43  ? 8.289   11.510  9.237   1.00 13.53 ? 636  GLY A O     1 
ATOM   339  N N     . MET A 1 44  ? 7.672   10.809  7.194   1.00 10.65 ? 637  MET A N     1 
ATOM   340  C CA    . MET A 1 44  ? 7.854   9.395   7.537   1.00 12.13 ? 637  MET A CA    1 
ATOM   341  C C     . MET A 1 44  ? 9.277   8.880   7.281   1.00 12.69 ? 637  MET A C     1 
ATOM   342  O O     . MET A 1 44  ? 10.013  9.400   6.424   1.00 12.48 ? 637  MET A O     1 
ATOM   343  C CB    . MET A 1 44  ? 6.808   8.490   6.853   1.00 19.93 ? 637  MET A CB    1 
ATOM   344  C CG    . MET A 1 44  ? 5.371   8.919   7.067   1.00 19.93 ? 637  MET A CG    1 
ATOM   345  S SD    . MET A 1 44  ? 4.200   7.785   6.297   1.00 19.93 ? 637  MET A SD    1 
ATOM   346  C CE    . MET A 1 44  ? 4.282   6.330   7.355   1.00 19.93 ? 637  MET A CE    1 
ATOM   347  N N     . ALA A 1 45  ? 9.663   7.844   8.031   1.00 12.61 ? 638  ALA A N     1 
ATOM   348  C CA    . ALA A 1 45  ? 10.655  6.901   7.525   1.00 13.63 ? 638  ALA A CA    1 
ATOM   349  C C     . ALA A 1 45  ? 9.952   5.938   6.582   1.00 14.66 ? 638  ALA A C     1 
ATOM   350  O O     . ALA A 1 45  ? 8.951   5.331   6.952   1.00 15.27 ? 638  ALA A O     1 
ATOM   351  C CB    . ALA A 1 45  ? 11.344  6.154   8.680   1.00 13.59 ? 638  ALA A CB    1 
ATOM   352  N N     . PHE A 1 46  ? 10.452  5.823   5.349   1.00 11.47 ? 639  PHE A N     1 
ATOM   353  C CA    . PHE A 1 46  ? 9.770   5.043   4.289   1.00 13.72 ? 639  PHE A CA    1 
ATOM   354  C C     . PHE A 1 46  ? 10.803  4.522   3.277   1.00 13.56 ? 639  PHE A C     1 
ATOM   355  O O     . PHE A 1 46  ? 11.460  5.301   2.580   1.00 14.71 ? 639  PHE A O     1 
ATOM   356  C CB    . PHE A 1 46  ? 8.655   5.844   3.581   1.00 12.59 ? 639  PHE A CB    1 
ATOM   357  C CG    . PHE A 1 46  ? 7.552   4.983   2.952   1.00 13.64 ? 639  PHE A CG    1 
ATOM   358  C CD1   . PHE A 1 46  ? 7.829   4.106   1.900   1.00 13.11 ? 639  PHE A CD1   1 
ATOM   359  C CD2   . PHE A 1 46  ? 6.237   5.065   3.408   1.00 13.84 ? 639  PHE A CD2   1 
ATOM   360  C CE1   . PHE A 1 46  ? 6.811   3.334   1.337   1.00 13.29 ? 639  PHE A CE1   1 
ATOM   361  C CE2   . PHE A 1 46  ? 5.217   4.280   2.836   1.00 14.66 ? 639  PHE A CE2   1 
ATOM   362  C CZ    . PHE A 1 46  ? 5.511   3.441   1.800   1.00 14.25 ? 639  PHE A CZ    1 
ATOM   363  N N     . ASN A 1 47  ? 10.951  3.206   3.256   1.00 12.37 ? 640  ASN A N     1 
ATOM   364  C CA    . ASN A 1 47  ? 11.930  2.539   2.414   1.00 16.17 ? 640  ASN A CA    1 
ATOM   365  C C     . ASN A 1 47  ? 11.570  2.796   0.963   1.00 14.79 ? 640  ASN A C     1 
ATOM   366  O O     . ASN A 1 47  ? 10.466  2.490   0.541   1.00 16.67 ? 640  ASN A O     1 
ATOM   367  C CB    . ASN A 1 47  ? 11.933  1.045   2.737   1.00 15.64 ? 640  ASN A CB    1 
ATOM   368  C CG    . ASN A 1 47  ? 13.093  0.296   2.087   1.00 20.09 ? 640  ASN A CG    1 
ATOM   369  O OD1   . ASN A 1 47  ? 13.698  0.771   1.120   1.00 14.17 ? 640  ASN A OD1   1 
ATOM   370  N ND2   . ASN A 1 47  ? 13.411  -0.860  2.626   1.00 18.11 ? 640  ASN A ND2   1 
ATOM   371  N N     . PRO A 1 48  ? 12.487  3.399   0.190   1.00 20.07 ? 641  PRO A N     1 
ATOM   372  C CA    . PRO A 1 48  ? 12.122  3.680   -1.203  1.00 20.07 ? 641  PRO A CA    1 
ATOM   373  C C     . PRO A 1 48  ? 11.941  2.406   -2.029  1.00 20.07 ? 641  PRO A C     1 
ATOM   374  O O     . PRO A 1 48  ? 11.425  2.506   -3.133  1.00 20.07 ? 641  PRO A O     1 
ATOM   375  C CB    . PRO A 1 48  ? 13.331  4.490   -1.719  1.00 20.07 ? 641  PRO A CB    1 
ATOM   376  C CG    . PRO A 1 48  ? 14.508  3.897   -0.941  1.00 20.07 ? 641  PRO A CG    1 
ATOM   377  C CD    . PRO A 1 48  ? 13.904  3.726   0.465   1.00 20.07 ? 641  PRO A CD    1 
ATOM   378  N N     . GLU A 1 49  ? 12.344  1.244   -1.516  1.00 15.61 ? 642  GLU A N     1 
ATOM   379  C CA    . GLU A 1 49  ? 12.211  -0.018  -2.239  1.00 20.33 ? 642  GLU A CA    1 
ATOM   380  C C     . GLU A 1 49  ? 11.360  -0.997  -1.488  1.00 15.38 ? 642  GLU A C     1 
ATOM   381  O O     . GLU A 1 49  ? 11.482  -1.111  -0.284  1.00 16.94 ? 642  GLU A O     1 
ATOM   382  C CB    . GLU A 1 49  ? 13.585  -0.636  -2.456  1.00 23.05 ? 642  GLU A CB    1 
ATOM   383  C CG    . GLU A 1 49  ? 14.562  0.340   -3.063  1.00 27.49 ? 642  GLU A CG    1 
ATOM   384  C CD    . GLU A 1 49  ? 14.357  0.501   -4.532  1.00 33.22 ? 642  GLU A CD    1 
ATOM   385  O OE1   . GLU A 1 49  ? 13.625  -0.327  -5.144  1.00 37.15 ? 642  GLU A OE1   1 
ATOM   386  O OE2   . GLU A 1 49  ? 14.934  1.470   -5.102  1.00 44.69 ? 642  GLU A OE2   1 
ATOM   387  N N     . PRO A 1 50  ? 10.535  -1.760  -2.196  1.00 15.91 ? 643  PRO A N     1 
ATOM   388  C CA    . PRO A 1 50  ? 9.739   -2.831  -1.592  1.00 16.28 ? 643  PRO A CA    1 
ATOM   389  C C     . PRO A 1 50  ? 10.547  -4.105  -1.278  1.00 14.30 ? 643  PRO A C     1 
ATOM   390  O O     . PRO A 1 50  ? 11.655  -4.291  -1.776  1.00 15.96 ? 643  PRO A O     1 
ATOM   391  C CB    . PRO A 1 50  ? 8.687   -3.109  -2.665  1.00 13.30 ? 643  PRO A CB    1 
ATOM   392  C CG    . PRO A 1 50  ? 9.405   -2.771  -3.971  1.00 17.80 ? 643  PRO A CG    1 
ATOM   393  C CD    . PRO A 1 50  ? 10.299  -1.621  -3.654  1.00 19.36 ? 643  PRO A CD    1 
ATOM   394  N N     . VAL A 1 51  ? 9.991   -4.962  -0.440  1.00 13.58 ? 644  VAL A N     1 
ATOM   395  C CA    . VAL A 1 51  ? 10.646  -6.218  -0.119  1.00 15.42 ? 644  VAL A CA    1 
ATOM   396  C C     . VAL A 1 51  ? 10.743  -7.086  -1.387  1.00 17.71 ? 644  VAL A C     1 
ATOM   397  O O     . VAL A 1 51  ? 11.766  -7.727  -1.644  1.00 15.78 ? 644  VAL A O     1 
ATOM   398  C CB    . VAL A 1 51  ? 9.854   -6.988  0.967   1.00 17.81 ? 644  VAL A CB    1 
ATOM   399  C CG1   . VAL A 1 51  ? 10.612  -8.260  1.393   1.00 16.68 ? 644  VAL A CG1   1 
ATOM   400  C CG2   . VAL A 1 51  ? 9.555   -6.068  2.189   1.00 16.38 ? 644  VAL A CG2   1 
ATOM   401  N N     . LEU A 1 52  ? 9.650   -7.128  -2.150  1.00 14.06 ? 645  LEU A N     1 
ATOM   402  C CA    . LEU A 1 52  ? 9.575   -7.871  -3.418  1.00 16.99 ? 645  LEU A CA    1 
ATOM   403  C C     . LEU A 1 52  ? 8.908   -6.906  -4.390  1.00 15.40 ? 645  LEU A C     1 
ATOM   404  O O     . LEU A 1 52  ? 8.170   -6.035  -3.952  1.00 16.34 ? 645  LEU A O     1 
ATOM   405  C CB    . LEU A 1 52  ? 8.717   -9.138  -3.285  1.00 21.05 ? 645  LEU A CB    1 
ATOM   406  C CG    . LEU A 1 52  ? 9.201   -10.244 -2.347  1.00 22.98 ? 645  LEU A CG    1 
ATOM   407  C CD1   . LEU A 1 52  ? 8.142   -11.308 -2.204  1.00 21.51 ? 645  LEU A CD1   1 
ATOM   408  C CD2   . LEU A 1 52  ? 10.484  -10.835 -2.895  1.00 26.17 ? 645  LEU A CD2   1 
ATOM   409  N N     . PRO A 1 53  ? 9.168   -7.059  -5.707  1.00 15.15 ? 646  PRO A N     1 
ATOM   410  C CA    . PRO A 1 53  ? 8.526   -6.304  -6.801  1.00 15.00 ? 646  PRO A CA    1 
ATOM   411  C C     . PRO A 1 53  ? 6.995   -6.483  -6.782  1.00 17.06 ? 646  PRO A C     1 
ATOM   412  O O     . PRO A 1 53  ? 6.515   -7.464  -6.215  1.00 17.07 ? 646  PRO A O     1 
ATOM   413  C CB    . PRO A 1 53  ? 9.126   -6.935  -8.073  1.00 20.00 ? 646  PRO A CB    1 
ATOM   414  C CG    . PRO A 1 53  ? 10.276  -7.756  -7.629  1.00 21.57 ? 646  PRO A CG    1 
ATOM   415  C CD    . PRO A 1 53  ? 10.060  -8.116  -6.198  1.00 21.58 ? 646  PRO A CD    1 
ATOM   416  N N     . PRO A 1 54  ? 6.242   -5.558  -7.391  1.00 16.28 ? 647  PRO A N     1 
ATOM   417  C CA    . PRO A 1 54  ? 4.789   -5.763  -7.401  1.00 14.44 ? 647  PRO A CA    1 
ATOM   418  C C     . PRO A 1 54  ? 4.416   -7.037  -8.143  1.00 19.62 ? 647  PRO A C     1 
ATOM   419  O O     . PRO A 1 54  ? 5.138   -7.480  -9.055  1.00 19.93 ? 647  PRO A O     1 
ATOM   420  C CB    . PRO A 1 54  ? 4.234   -4.510  -8.117  1.00 17.76 ? 647  PRO A CB    1 
ATOM   421  C CG    . PRO A 1 54  ? 5.382   -3.735  -8.565  1.00 21.49 ? 647  PRO A CG    1 
ATOM   422  C CD    . PRO A 1 54  ? 6.646   -4.543  -8.356  1.00 19.54 ? 647  PRO A CD    1 
ATOM   423  N N     . VAL A 1 55  ? 3.330   -7.667  -7.731  1.00 15.47 ? 648  VAL A N     1 
ATOM   424  C CA    . VAL A 1 55  ? 2.826   -8.798  -8.481  1.00 17.59 ? 648  VAL A CA    1 
ATOM   425  C C     . VAL A 1 55  ? 1.422   -8.468  -8.964  1.00 15.69 ? 648  VAL A C     1 
ATOM   426  O O     . VAL A 1 55  ? 0.701   -7.712  -8.301  1.00 15.51 ? 648  VAL A O     1 
ATOM   427  C CB    . VAL A 1 55  ? 2.812   -10.064 -7.618  1.00 18.38 ? 648  VAL A CB    1 
ATOM   428  C CG1   . VAL A 1 55  ? 2.015   -9.810  -6.373  1.00 16.83 ? 648  VAL A CG1   1 
ATOM   429  C CG2   . VAL A 1 55  ? 2.287   -11.282 -8.431  1.00 20.88 ? 648  VAL A CG2   1 
ATOM   430  N N     . SER A 1 56  ? 1.056   -8.999  -10.131 1.00 14.40 ? 649  SER A N     1 
ATOM   431  C CA    . SER A 1 56  ? -0.255  -8.813  -10.700 1.00 15.92 ? 649  SER A CA    1 
ATOM   432  C C     . SER A 1 56  ? -1.084  -10.093 -10.557 1.00 14.13 ? 649  SER A C     1 
ATOM   433  O O     . SER A 1 56  ? -0.588  -11.212 -10.736 1.00 15.19 ? 649  SER A O     1 
ATOM   434  C CB    . SER A 1 56  ? -0.153  -8.391  -12.170 1.00 12.05 ? 649  SER A CB    1 
ATOM   435  O OG    . SER A 1 56  ? 0.359   -7.078  -12.274 1.00 13.09 ? 649  SER A OG    1 
ATOM   436  N N     . ALA A 1 57  ? -2.341  -9.908  -10.193 1.00 16.19 ? 650  ALA A N     1 
ATOM   437  C CA    . ALA A 1 57  ? -3.198  -11.020 -9.835  1.00 15.01 ? 650  ALA A CA    1 
ATOM   438  C C     . ALA A 1 57  ? -4.621  -10.728 -10.253 1.00 17.27 ? 650  ALA A C     1 
ATOM   439  O O     . ALA A 1 57  ? -5.028  -9.572  -10.400 1.00 13.73 ? 650  ALA A O     1 
ATOM   440  C CB    . ALA A 1 57  ? -3.122  -11.340 -8.331  1.00 20.32 ? 650  ALA A CB    1 
ATOM   441  N N     . ARG A 1 58  ? -5.371  -11.805 -10.456 1.00 22.43 ? 651  ARG A N     1 
ATOM   442  C CA    . ARG A 1 58  ? -6.801  -11.718 -10.719 1.00 24.59 ? 651  ARG A CA    1 
ATOM   443  C C     . ARG A 1 58  ? -7.522  -11.575 -9.377  1.00 16.01 ? 651  ARG A C     1 
ATOM   444  O O     . ARG A 1 58  ? -7.175  -12.237 -8.407  1.00 19.23 ? 651  ARG A O     1 
ATOM   445  C CB    . ARG A 1 58  ? -7.264  -12.988 -11.479 1.00 31.46 ? 651  ARG A CB    1 
ATOM   446  C CG    . ARG A 1 58  ? -6.493  -13.191 -12.822 1.00 43.82 ? 651  ARG A CG    1 
ATOM   447  C CD    . ARG A 1 58  ? -7.064  -14.329 -13.675 1.00 52.06 ? 651  ARG A CD    1 
ATOM   448  N NE    . ARG A 1 58  ? -8.446  -14.659 -13.302 1.00 44.63 ? 651  ARG A NE    1 
ATOM   449  C CZ    . ARG A 1 58  ? -8.845  -15.878 -12.975 1.00 56.32 ? 651  ARG A CZ    1 
ATOM   450  N NH1   . ARG A 1 58  ? -10.116 -16.118 -12.652 1.00 57.40 ? 651  ARG A NH1   1 
ATOM   451  N NH2   . ARG A 1 58  ? -7.975  -16.884 -12.990 1.00 60.95 ? 651  ARG A NH2   1 
ATOM   452  N N     . PRO A 1 59  ? -8.528  -10.694 -9.329  1.00 20.67 ? 652  PRO A N     1 
ATOM   453  C CA    . PRO A 1 59  ? -9.433  -10.545 -8.190  1.00 21.38 ? 652  PRO A CA    1 
ATOM   454  C C     . PRO A 1 59  ? -9.934  -11.890 -7.596  1.00 23.31 ? 652  PRO A C     1 
ATOM   455  O O     . PRO A 1 59  ? -10.090 -12.044 -6.387  1.00 23.00 ? 652  PRO A O     1 
ATOM   456  C CB    . PRO A 1 59  ? -10.559 -9.689  -8.777  1.00 23.34 ? 652  PRO A CB    1 
ATOM   457  C CG    . PRO A 1 59  ? -9.828  -8.805  -9.761  1.00 25.54 ? 652  PRO A CG    1 
ATOM   458  C CD    . PRO A 1 59  ? -8.914  -9.797  -10.440 1.00 21.99 ? 652  PRO A CD    1 
ATOM   459  N N     . GLU A 1 60  ? -10.131 -12.860 -8.479  1.00 21.84 ? 653  GLU A N     1 
ATOM   460  C CA    . GLU A 1 60  ? -10.534 -14.212 -8.144  1.00 30.71 ? 653  GLU A CA    1 
ATOM   461  C C     . GLU A 1 60  ? -9.542  -14.943 -7.279  1.00 26.69 ? 653  GLU A C     1 
ATOM   462  O O     . GLU A 1 60  ? -9.909  -15.858 -6.584  1.00 29.17 ? 653  GLU A O     1 
ATOM   463  C CB    . GLU A 1 60  ? -10.738 -15.053 -9.429  1.00 41.81 ? 653  GLU A CB    1 
ATOM   464  C CG    . GLU A 1 60  ? -11.953 -14.634 -10.225 1.00 45.42 ? 653  GLU A CG    1 
ATOM   465  C CD    . GLU A 1 60  ? -11.742 -13.370 -11.077 1.00 69.19 ? 653  GLU A CD    1 
ATOM   466  O OE1   . GLU A 1 60  ? -12.713 -12.936 -11.729 1.00 73.93 ? 653  GLU A OE1   1 
ATOM   467  O OE2   . GLU A 1 60  ? -10.635 -12.830 -11.119 1.00 69.93 ? 653  GLU A OE2   1 
ATOM   468  N N     . GLN A 1 61  ? -8.280  -14.542 -7.336  1.00 28.19 ? 654  GLN A N     1 
ATOM   469  C CA    . GLN A 1 61  ? -7.294  -15.198 -6.518  1.00 30.60 ? 654  GLN A CA    1 
ATOM   470  C C     . GLN A 1 61  ? -6.793  -14.313 -5.381  1.00 25.97 ? 654  GLN A C     1 
ATOM   471  O O     . GLN A 1 61  ? -5.681  -14.512 -4.916  1.00 22.13 ? 654  GLN A O     1 
ATOM   472  C CB    . GLN A 1 61  ? -6.145  -15.670 -7.390  1.00 35.88 ? 654  GLN A CB    1 
ATOM   473  C CG    . GLN A 1 61  ? -6.623  -16.505 -8.604  1.00 41.29 ? 654  GLN A CG    1 
ATOM   474  C CD    . GLN A 1 61  ? -5.532  -17.454 -9.112  1.00 55.37 ? 654  GLN A CD    1 
ATOM   475  O OE1   . GLN A 1 61  ? -4.337  -17.170 -8.966  1.00 65.16 ? 654  GLN A OE1   1 
ATOM   476  N NE2   . GLN A 1 61  ? -5.934  -18.575 -9.717  1.00 61.31 ? 654  GLN A NE2   1 
ATOM   477  N N     . VAL A 1 62  ? -7.618  -13.355 -4.945  1.00 21.50 ? 655  VAL A N     1 
ATOM   478  C CA    . VAL A 1 62  ? -7.278  -12.482 -3.823  1.00 21.76 ? 655  VAL A CA    1 
ATOM   479  C C     . VAL A 1 62  ? -6.727  -13.277 -2.638  1.00 17.82 ? 655  VAL A C     1 
ATOM   480  O O     . VAL A 1 62  ? -5.654  -12.938 -2.142  1.00 21.49 ? 655  VAL A O     1 
ATOM   481  C CB    . VAL A 1 62  ? -8.454  -11.554 -3.410  1.00 19.20 ? 655  VAL A CB    1 
ATOM   482  C CG1   . VAL A 1 62  ? -9.621  -12.353 -2.881  1.00 20.74 ? 655  VAL A CG1   1 
ATOM   483  C CG2   . VAL A 1 62  ? -7.997  -10.537 -2.319  1.00 16.89 ? 655  VAL A CG2   1 
ATOM   484  N N     . GLU A 1 63  ? -7.402  -14.358 -2.212  1.00 20.60 ? 656  GLU A N     1 
ATOM   485  C CA    . GLU A 1 63  ? -6.982  -15.117 -1.009  1.00 21.83 ? 656  GLU A CA    1 
ATOM   486  C C     . GLU A 1 63  ? -5.578  -15.715 -1.161  1.00 21.18 ? 656  GLU A C     1 
ATOM   487  O O     . GLU A 1 63  ? -4.714  -15.598 -0.290  1.00 19.89 ? 656  GLU A O     1 
ATOM   488  C CB    . GLU A 1 63  ? -7.963  -16.250 -0.698  1.00 24.83 ? 656  GLU A CB    1 
ATOM   489  C CG    . GLU A 1 63  ? -7.735  -16.813 0.733   1.00 37.39 ? 656  GLU A CG    1 
ATOM   490  C CD    . GLU A 1 63  ? -8.506  -18.082 1.006   1.00 55.66 ? 656  GLU A CD    1 
ATOM   491  O OE1   . GLU A 1 63  ? -9.308  -18.492 0.129   1.00 58.27 ? 656  GLU A OE1   1 
ATOM   492  O OE2   . GLU A 1 63  ? -8.246  -18.681 2.084   1.00 67.05 ? 656  GLU A OE2   1 
ATOM   493  N N     . LYS A 1 64  ? -5.371  -16.354 -2.304  1.00 24.62 ? 657  LYS A N     1 
ATOM   494  C CA    . LYS A 1 64  ? -4.153  -17.054 -2.635  1.00 22.15 ? 657  LYS A CA    1 
ATOM   495  C C     . LYS A 1 64  ? -2.984  -16.091 -2.800  1.00 18.74 ? 657  LYS A C     1 
ATOM   496  O O     . LYS A 1 64  ? -1.915  -16.297 -2.198  1.00 20.43 ? 657  LYS A O     1 
ATOM   497  C CB    . LYS A 1 64  ? -4.365  -17.805 -3.955  1.00 37.01 ? 657  LYS A CB    1 
ATOM   498  C CG    . LYS A 1 64  ? -3.965  -19.232 -3.883  1.00 50.65 ? 657  LYS A CG    1 
ATOM   499  C CD    . LYS A 1 64  ? -2.471  -19.372 -3.704  1.00 43.89 ? 657  LYS A CD    1 
ATOM   500  C CE    . LYS A 1 64  ? -1.857  -20.188 -4.846  1.00 55.18 ? 657  LYS A CE    1 
ATOM   501  N NZ    . LYS A 1 64  ? -2.655  -20.053 -6.072  1.00 68.28 ? 657  LYS A NZ    1 
ATOM   502  N N     . VAL A 1 65  ? -3.179  -15.051 -3.615  1.00 17.96 ? 658  VAL A N     1 
ATOM   503  C CA    . VAL A 1 65  ? -2.130  -14.058 -3.827  1.00 18.80 ? 658  VAL A CA    1 
ATOM   504  C C     . VAL A 1 65  ? -1.708  -13.372 -2.526  1.00 18.28 ? 658  VAL A C     1 
ATOM   505  O O     . VAL A 1 65  ? -0.513  -13.266 -2.265  1.00 18.73 ? 658  VAL A O     1 
ATOM   506  C CB    . VAL A 1 65  ? -2.465  -13.027 -4.950  1.00 20.74 ? 658  VAL A CB    1 
ATOM   507  C CG1   . VAL A 1 65  ? -3.624  -12.191 -4.572  1.00 25.74 ? 658  VAL A CG1   1 
ATOM   508  C CG2   . VAL A 1 65  ? -1.263  -12.125 -5.208  1.00 19.32 ? 658  VAL A CG2   1 
ATOM   509  N N     . LEU A 1 66  ? -2.673  -12.941 -1.714  1.00 15.53 ? 659  LEU A N     1 
ATOM   510  C CA    . LEU A 1 66  ? -2.324  -12.213 -0.505  1.00 17.04 ? 659  LEU A CA    1 
ATOM   511  C C     . LEU A 1 66  ? -1.532  -13.094 0.460   1.00 18.32 ? 659  LEU A C     1 
ATOM   512  O O     . LEU A 1 66  ? -0.499  -12.682 0.986   1.00 16.30 ? 659  LEU A O     1 
ATOM   513  C CB    . LEU A 1 66  ? -3.557  -11.666 0.204   1.00 17.65 ? 659  LEU A CB    1 
ATOM   514  C CG    . LEU A 1 66  ? -3.936  -10.192 0.051   1.00 19.28 ? 659  LEU A CG    1 
ATOM   515  C CD1   . LEU A 1 66  ? -4.084  -9.834  -1.380  1.00 16.15 ? 659  LEU A CD1   1 
ATOM   516  C CD2   . LEU A 1 66  ? -5.274  -9.997  0.776   1.00 19.88 ? 659  LEU A CD2   1 
ATOM   517  N N     . LYS A 1 67  ? -2.040  -14.297 0.714   1.00 13.97 ? 660  LYS A N     1 
ATOM   518  C CA    . LYS A 1 67  ? -1.401  -15.225 1.655   1.00 17.91 ? 660  LYS A CA    1 
ATOM   519  C C     . LYS A 1 67  ? -0.007  -15.637 1.190   1.00 16.65 ? 660  LYS A C     1 
ATOM   520  O O     . LYS A 1 67  ? 0.955   -15.633 1.967   1.00 16.48 ? 660  LYS A O     1 
ATOM   521  C CB    . LYS A 1 67  ? -2.272  -16.462 1.889   1.00 20.18 ? 660  LYS A CB    1 
ATOM   522  C CG    . LYS A 1 67  ? -3.557  -16.096 2.569   1.00 26.78 ? 660  LYS A CG    1 
ATOM   523  C CD    . LYS A 1 67  ? -4.208  -17.309 3.219   1.00 40.39 ? 660  LYS A CD    1 
ATOM   524  C CE    . LYS A 1 67  ? -5.357  -16.857 4.166   1.00 42.67 ? 660  LYS A CE    1 
ATOM   525  N NZ    . LYS A 1 67  ? -6.549  -17.739 4.094   1.00 59.42 ? 660  LYS A NZ    1 
ATOM   526  N N     . THR A 1 68  ? 0.098   -15.997 -0.105  1.00 16.47 ? 661  THR A N     1 
ATOM   527  C CA    . THR A 1 68  ? 1.400   -16.326 -0.680  1.00 16.38 ? 661  THR A CA    1 
ATOM   528  C C     . THR A 1 68  ? 2.392   -15.165 -0.705  1.00 17.63 ? 661  THR A C     1 
ATOM   529  O O     . THR A 1 68  ? 3.573   -15.352 -0.438  1.00 15.96 ? 661  THR A O     1 
ATOM   530  C CB    . THR A 1 68  ? 1.254   -16.876 -2.137  1.00 20.93 ? 661  THR A CB    1 
ATOM   531  O OG1   . THR A 1 68  ? 0.275   -17.932 -2.118  1.00 14.48 ? 661  THR A OG1   1 
ATOM   532  C CG2   . THR A 1 68  ? 2.602   -17.445 -2.595  1.00 25.09 ? 661  THR A CG2   1 
ATOM   533  N N     . ARG A 1 69  ? 1.934   -13.964 -1.006  1.00 16.64 ? 662  ARG A N     1 
ATOM   534  C CA    . ARG A 1 69  ? 2.867   -12.860 -1.167  1.00 15.45 ? 662  ARG A CA    1 
ATOM   535  C C     . ARG A 1 69  ? 3.295   -12.425 0.244   1.00 17.60 ? 662  ARG A C     1 
ATOM   536  O O     . ARG A 1 69  ? 4.470   -12.107 0.481   1.00 14.17 ? 662  ARG A O     1 
ATOM   537  C CB    . ARG A 1 69  ? 2.253   -11.696 -1.942  1.00 16.23 ? 662  ARG A CB    1 
ATOM   538  C CG    . ARG A 1 69  ? 3.247   -10.699 -2.485  1.00 14.42 ? 662  ARG A CG    1 
ATOM   539  C CD    . ARG A 1 69  ? 4.441   -11.366 -3.200  1.00 22.79 ? 662  ARG A CD    1 
ATOM   540  N NE    . ARG A 1 69  ? 5.075   -10.521 -4.230  1.00 19.06 ? 662  ARG A NE    1 
ATOM   541  C CZ    . ARG A 1 69  ? 5.855   -10.993 -5.197  1.00 20.47 ? 662  ARG A CZ    1 
ATOM   542  N NH1   . ARG A 1 69  ? 6.414   -10.186 -6.073  1.00 23.15 ? 662  ARG A NH1   1 
ATOM   543  N NH2   . ARG A 1 69  ? 6.094   -12.302 -5.288  1.00 22.57 ? 662  ARG A NH2   1 
ATOM   544  N N     . TYR A 1 70  ? 2.332   -12.437 1.176   1.00 15.48 ? 663  TYR A N     1 
ATOM   545  C CA    . TYR A 1 70  ? 2.650   -12.215 2.589   1.00 15.03 ? 663  TYR A CA    1 
ATOM   546  C C     . TYR A 1 70  ? 3.762   -13.160 3.024   1.00 16.59 ? 663  TYR A C     1 
ATOM   547  O O     . TYR A 1 70  ? 4.745   -12.742 3.619   1.00 14.64 ? 663  TYR A O     1 
ATOM   548  C CB    . TYR A 1 70  ? 1.403   -12.430 3.451   1.00 16.74 ? 663  TYR A CB    1 
ATOM   549  C CG    . TYR A 1 70  ? 1.608   -12.212 4.924   1.00 16.29 ? 663  TYR A CG    1 
ATOM   550  C CD1   . TYR A 1 70  ? 1.907   -13.281 5.755   1.00 19.67 ? 663  TYR A CD1   1 
ATOM   551  C CD2   . TYR A 1 70  ? 1.509   -10.940 5.490   1.00 17.19 ? 663  TYR A CD2   1 
ATOM   552  C CE1   . TYR A 1 70  ? 2.125   -13.101 7.103   1.00 21.15 ? 663  TYR A CE1   1 
ATOM   553  C CE2   . TYR A 1 70  ? 1.727   -10.753 6.831   1.00 17.73 ? 663  TYR A CE2   1 
ATOM   554  C CZ    . TYR A 1 70  ? 2.026   -11.839 7.635   1.00 19.50 ? 663  TYR A CZ    1 
ATOM   555  O OH    . TYR A 1 70  ? 2.216   -11.692 8.989   1.00 17.27 ? 663  TYR A OH    1 
ATOM   556  N N     . HIS A 1 71  ? 3.573   -14.446 2.761   1.00 16.54 ? 664  HIS A N     1 
ATOM   557  C CA    . HIS A 1 71  ? 4.521   -15.457 3.213   1.00 17.23 ? 664  HIS A CA    1 
ATOM   558  C C     . HIS A 1 71  ? 5.892   -15.250 2.608   1.00 20.66 ? 664  HIS A C     1 
ATOM   559  O O     . HIS A 1 71  ? 6.891   -15.270 3.308   1.00 19.26 ? 664  HIS A O     1 
ATOM   560  C CB    . HIS A 1 71  ? 4.041   -16.877 2.892   1.00 22.22 ? 664  HIS A CB    1 
ATOM   561  C CG    . HIS A 1 71  ? 5.061   -17.923 3.222   1.00 30.62 ? 664  HIS A CG    1 
ATOM   562  N ND1   . HIS A 1 71  ? 5.057   -18.621 4.409   1.00 51.50 ? 664  HIS A ND1   1 
ATOM   563  C CD2   . HIS A 1 71  ? 6.177   -18.329 2.549   1.00 34.99 ? 664  HIS A CD2   1 
ATOM   564  C CE1   . HIS A 1 71  ? 6.105   -19.433 4.436   1.00 63.56 ? 664  HIS A CE1   1 
ATOM   565  N NE2   . HIS A 1 71  ? 6.797   -19.272 3.317   1.00 51.22 ? 664  HIS A NE2   1 
ATOM   566  N N     . ASP A 1 72  ? 5.939   -15.031 1.305   1.00 16.64 ? 665  ASP A N     1 
ATOM   567  C CA    . ASP A 1 72  ? 7.200   -14.916 0.588   1.00 13.37 ? 665  ASP A CA    1 
ATOM   568  C C     . ASP A 1 72  ? 7.990   -13.665 0.962   1.00 17.73 ? 665  ASP A C     1 
ATOM   569  O O     . ASP A 1 72  ? 9.207   -13.715 1.121   1.00 17.44 ? 665  ASP A O     1 
ATOM   570  C CB    . ASP A 1 72  ? 6.958   -14.965 -0.922  1.00 16.42 ? 665  ASP A CB    1 
ATOM   571  C CG    . ASP A 1 72  ? 6.543   -16.349 -1.395  1.00 22.21 ? 665  ASP A CG    1 
ATOM   572  O OD1   . ASP A 1 72  ? 6.177   -16.481 -2.574  1.00 24.28 ? 665  ASP A OD1   1 
ATOM   573  O OD2   . ASP A 1 72  ? 6.572   -17.305 -0.598  1.00 21.45 ? 665  ASP A OD2   1 
ATOM   574  N N     . ALA A 1 73  ? 7.285   -12.544 1.138   1.00 13.05 ? 666  ALA A N     1 
ATOM   575  C CA    . ALA A 1 73  ? 7.913   -11.309 1.582   1.00 12.20 ? 666  ALA A CA    1 
ATOM   576  C C     . ALA A 1 73  ? 8.391   -11.384 3.041   1.00 15.67 ? 666  ALA A C     1 
ATOM   577  O O     . ALA A 1 73  ? 9.531   -10.991 3.354   1.00 15.20 ? 666  ALA A O     1 
ATOM   578  C CB    . ALA A 1 73  ? 6.984   -10.100 1.352   1.00 11.65 ? 666  ALA A CB    1 
ATOM   579  N N     . THR A 1 74  ? 7.563   -11.911 3.933   1.00 13.87 ? 667  THR A N     1 
ATOM   580  C CA    . THR A 1 74  ? 7.945   -11.982 5.344   1.00 14.76 ? 667  THR A CA    1 
ATOM   581  C C     . THR A 1 74  ? 9.190   -12.881 5.517   1.00 19.53 ? 667  THR A C     1 
ATOM   582  O O     . THR A 1 74  ? 10.141  -12.573 6.260   1.00 18.75 ? 667  THR A O     1 
ATOM   583  C CB    . THR A 1 74  ? 6.795   -12.537 6.209   1.00 17.59 ? 667  THR A CB    1 
ATOM   584  O OG1   . THR A 1 74  ? 5.659   -11.666 6.095   1.00 16.65 ? 667  THR A OG1   1 
ATOM   585  C CG2   . THR A 1 74  ? 7.224   -12.647 7.656   1.00 18.70 ? 667  THR A CG2   1 
ATOM   586  N N     . SER A 1 75  ? 9.161   -13.981 4.792   1.00 20.53 ? 668  SER A N     1 
ATOM   587  C CA    . SER A 1 75  ? 10.262  -14.889 4.816   1.00 21.72 ? 668  SER A CA    1 
ATOM   588  C C     . SER A 1 75  ? 11.587  -14.264 4.381   1.00 21.94 ? 668  SER A C     1 
ATOM   589  O O     . SER A 1 75  ? 12.576  -14.666 4.820   1.00 27.17 ? 668  SER A O     1 
ATOM   590  C CB    . SER A 1 75  ? 9.916   -16.138 4.044   1.00 22.42 ? 668  SER A CB    1 
ATOM   591  O OG    . SER A 1 75  ? 10.269  -15.970 2.749   1.00 19.96 ? 668  SER A OG    1 
ATOM   592  N N     . LYS A 1 76  ? 11.574  -13.275 3.528   1.00 21.74 ? 669  LYS A N     1 
ATOM   593  C CA    . LYS A 1 76  ? 12.750  -12.534 3.063   1.00 17.84 ? 669  LYS A CA    1 
ATOM   594  C C     . LYS A 1 76  ? 13.367  -11.599 4.129   1.00 21.78 ? 669  LYS A C     1 
ATOM   595  O O     . LYS A 1 76  ? 14.432  -11.037 3.938   1.00 21.54 ? 669  LYS A O     1 
ATOM   596  C CB    . LYS A 1 76  ? 12.312  -11.693 1.854   1.00 23.45 ? 669  LYS A CB    1 
ATOM   597  C CG    . LYS A 1 76  ? 12.966  -11.994 0.567   1.00 32.85 ? 669  LYS A CG    1 
ATOM   598  C CD    . LYS A 1 76  ? 13.322  -10.599 -0.057  1.00 34.78 ? 669  LYS A CD    1 
ATOM   599  C CE    . LYS A 1 76  ? 14.254  -10.713 -1.206  1.00 35.61 ? 669  LYS A CE    1 
ATOM   600  N NZ    . LYS A 1 76  ? 13.892  -9.708  -2.264  1.00 41.81 ? 669  LYS A NZ    1 
ATOM   601  N N     . LEU A 1 77  ? 12.679  -11.414 5.244   1.00 20.10 ? 670  LEU A N     1 
ATOM   602  C CA    . LEU A 1 77  ? 13.004  -10.330 6.179   1.00 15.77 ? 670  LEU A CA    1 
ATOM   603  C C     . LEU A 1 77  ? 13.922  -10.916 7.241   1.00 16.52 ? 670  LEU A C     1 
ATOM   604  O O     . LEU A 1 77  ? 13.945  -12.126 7.447   1.00 18.44 ? 670  LEU A O     1 
ATOM   605  C CB    . LEU A 1 77  ? 11.723  -9.792  6.854   1.00 14.03 ? 670  LEU A CB    1 
ATOM   606  C CG    . LEU A 1 77  ? 10.679  -9.088  5.975   1.00 14.09 ? 670  LEU A CG    1 
ATOM   607  C CD1   . LEU A 1 77  ? 9.586   -8.445  6.849   1.00 12.68 ? 670  LEU A CD1   1 
ATOM   608  C CD2   . LEU A 1 77  ? 11.369  -8.032  5.132   1.00 16.28 ? 670  LEU A CD2   1 
ATOM   609  N N     . SER A 1 78  ? 14.676  -10.057 7.902   1.00 15.23 ? 671  SER A N     1 
ATOM   610  C CA    . SER A 1 78  ? 15.497  -10.485 9.019   1.00 19.79 ? 671  SER A CA    1 
ATOM   611  C C     . SER A 1 78  ? 14.549  -11.044 10.104  1.00 16.06 ? 671  SER A C     1 
ATOM   612  O O     . SER A 1 78  ? 13.445  -10.513 10.307  1.00 18.21 ? 671  SER A O     1 
ATOM   613  C CB    . SER A 1 78  ? 16.342  -9.307  9.524   1.00 20.52 ? 671  SER A CB    1 
ATOM   614  O OG    . SER A 1 78  ? 17.178  -9.700  10.601  1.00 17.71 ? 671  SER A OG    1 
ATOM   615  N N     . GLN A 1 79  ? 14.964  -12.148 10.742  1.00 19.32 ? 672  GLN A N     1 
ATOM   616  C CA    . GLN A 1 79  ? 14.029  -12.889 11.601  1.00 18.75 ? 672  GLN A CA    1 
ATOM   617  C C     . GLN A 1 79  ? 13.416  -12.014 12.717  1.00 19.22 ? 672  GLN A C     1 
ATOM   618  O O     . GLN A 1 79  ? 14.128  -11.368 13.487  1.00 17.05 ? 672  GLN A O     1 
ATOM   619  C CB    . GLN A 1 79  ? 14.754  -14.110 12.159  1.00 21.81 ? 672  GLN A CB    1 
ATOM   620  C CG    . GLN A 1 79  ? 14.016  -15.076 13.117  1.00 23.90 ? 672  GLN A CG    1 
ATOM   621  C CD    . GLN A 1 79  ? 15.076  -15.952 13.858  1.00 24.56 ? 672  GLN A CD    1 
ATOM   622  O OE1   . GLN A 1 79  ? 15.374  -15.700 15.037  1.00 22.37 ? 672  GLN A OE1   1 
ATOM   623  N NE2   . GLN A 1 79  ? 15.717  -16.906 13.125  1.00 26.04 ? 672  GLN A NE2   1 
ATOM   624  N N     . GLY A 1 80  ? 12.087  -11.960 12.785  1.00 19.96 ? 673  GLY A N     1 
ATOM   625  C CA    . GLY A 1 80  ? 11.459  -11.104 13.774  1.00 16.57 ? 673  GLY A CA    1 
ATOM   626  C C     . GLY A 1 80  ? 10.890  -9.805  13.215  1.00 17.14 ? 673  GLY A C     1 
ATOM   627  O O     . GLY A 1 80  ? 10.035  -9.182  13.836  1.00 16.11 ? 673  GLY A O     1 
ATOM   628  N N     . LYS A 1 81  ? 11.365  -9.398  12.047  1.00 17.52 ? 674  LYS A N     1 
ATOM   629  C CA    . LYS A 1 81  ? 10.811  -8.226  11.372  1.00 16.14 ? 674  LYS A CA    1 
ATOM   630  C C     . LYS A 1 81  ? 9.570   -8.601  10.563  1.00 16.79 ? 674  LYS A C     1 
ATOM   631  O O     . LYS A 1 81  ? 9.394   -9.748  10.160  1.00 19.17 ? 674  LYS A O     1 
ATOM   632  C CB    . LYS A 1 81  ? 11.855  -7.593  10.460  1.00 13.93 ? 674  LYS A CB    1 
ATOM   633  C CG    . LYS A 1 81  ? 13.176  -7.333  11.123  1.00 15.53 ? 674  LYS A CG    1 
ATOM   634  C CD    . LYS A 1 81  ? 13.042  -6.283  12.221  1.00 16.27 ? 674  LYS A CD    1 
ATOM   635  C CE    . LYS A 1 81  ? 14.412  -5.923  12.804  1.00 18.93 ? 674  LYS A CE    1 
ATOM   636  N NZ    . LYS A 1 81  ? 14.220  -4.835  13.802  1.00 20.24 ? 674  LYS A NZ    1 
ATOM   637  N N     . GLU A 1 82  ? 8.689   -7.627  10.353  1.00 17.40 ? 675  GLU A N     1 
ATOM   638  C CA    . GLU A 1 82  ? 7.403   -7.877  9.741   1.00 14.08 ? 675  GLU A CA    1 
ATOM   639  C C     . GLU A 1 82  ? 7.143   -6.839  8.663   1.00 16.86 ? 675  GLU A C     1 
ATOM   640  O O     . GLU A 1 82  ? 7.781   -5.784  8.649   1.00 15.25 ? 675  GLU A O     1 
ATOM   641  C CB    . GLU A 1 82  ? 6.300   -7.816  10.779  1.00 16.86 ? 675  GLU A CB    1 
ATOM   642  C CG    . GLU A 1 82  ? 6.539   -8.755  11.950  1.00 23.91 ? 675  GLU A CG    1 
ATOM   643  C CD    . GLU A 1 82  ? 6.358   -10.223 11.554  1.00 24.28 ? 675  GLU A CD    1 
ATOM   644  O OE1   . GLU A 1 82  ? 5.835   -10.486 10.439  1.00 28.79 ? 675  GLU A OE1   1 
ATOM   645  O OE2   . GLU A 1 82  ? 6.727   -11.111 12.357  1.00 27.06 ? 675  GLU A OE2   1 
ATOM   646  N N     . ILE A 1 83  ? 6.201   -7.145  7.765   1.00 14.06 ? 676  ILE A N     1 
ATOM   647  C CA    . ILE A 1 83  ? 5.812   -6.209  6.698   1.00 13.46 ? 676  ILE A CA    1 
ATOM   648  C C     . ILE A 1 83  ? 4.943   -5.117  7.295   1.00 13.95 ? 676  ILE A C     1 
ATOM   649  O O     . ILE A 1 83  ? 3.916   -5.392  7.920   1.00 14.10 ? 676  ILE A O     1 
ATOM   650  C CB    . ILE A 1 83  ? 5.019   -6.892  5.542   1.00 13.90 ? 676  ILE A CB    1 
ATOM   651  C CG1   . ILE A 1 83  ? 5.799   -8.059  4.937   1.00 14.49 ? 676  ILE A CG1   1 
ATOM   652  C CG2   . ILE A 1 83  ? 4.707   -5.877  4.420   1.00 12.56 ? 676  ILE A CG2   1 
ATOM   653  C CD1   . ILE A 1 83  ? 4.877   -9.008  4.215   1.00 19.50 ? 676  ILE A CD1   1 
ATOM   654  N N     . ASP A 1 84  ? 5.368   -3.872  7.093   1.00 12.23 ? 677  ASP A N     1 
ATOM   655  C CA    . ASP A 1 84  ? 4.676   -2.707  7.652   1.00 13.31 ? 677  ASP A CA    1 
ATOM   656  C C     . ASP A 1 84  ? 3.435   -2.273  6.866   1.00 13.36 ? 677  ASP A C     1 
ATOM   657  O O     . ASP A 1 84  ? 2.535   -1.650  7.418   1.00 11.55 ? 677  ASP A O     1 
ATOM   658  C CB    . ASP A 1 84  ? 5.666   -1.538  7.719   1.00 13.47 ? 677  ASP A CB    1 
ATOM   659  C CG    . ASP A 1 84  ? 6.802   -1.805  8.676   1.00 14.79 ? 677  ASP A CG    1 
ATOM   660  O OD1   . ASP A 1 84  ? 6.515   -2.123  9.844   1.00 15.50 ? 677  ASP A OD1   1 
ATOM   661  O OD2   . ASP A 1 84  ? 7.966   -1.707  8.260   1.00 15.84 ? 677  ASP A OD2   1 
ATOM   662  N N     . LEU A 1 85  ? 3.406   -2.540  5.575   1.00 11.95 ? 678  LEU A N     1 
ATOM   663  C CA    . LEU A 1 85  ? 2.400   -1.967  4.688   1.00 13.02 ? 678  LEU A CA    1 
ATOM   664  C C     . LEU A 1 85  ? 2.243   -2.827  3.433   1.00 13.71 ? 678  LEU A C     1 
ATOM   665  O O     . LEU A 1 85  ? 3.228   -3.188  2.789   1.00 11.47 ? 678  LEU A O     1 
ATOM   666  C CB    . LEU A 1 85  ? 2.760   -0.519  4.313   1.00 12.09 ? 678  LEU A CB    1 
ATOM   667  C CG    . LEU A 1 85  ? 1.834   0.218   3.334   1.00 13.47 ? 678  LEU A CG    1 
ATOM   668  C CD1   . LEU A 1 85  ? 0.434   0.448   3.932   1.00 13.23 ? 678  LEU A CD1   1 
ATOM   669  C CD2   . LEU A 1 85  ? 2.503   1.526   2.923   1.00 11.05 ? 678  LEU A CD2   1 
ATOM   670  N N     . LEU A 1 86  ? 0.998   -3.130  3.081   1.00 10.80 ? 679  LEU A N     1 
ATOM   671  C CA    . LEU A 1 86  ? 0.641   -3.590  1.734   1.00 14.63 ? 679  LEU A CA    1 
ATOM   672  C C     . LEU A 1 86  ? -0.066  -2.469  0.964   1.00 13.14 ? 679  LEU A C     1 
ATOM   673  O O     . LEU A 1 86  ? -1.083  -1.952  1.407   1.00 12.74 ? 679  LEU A O     1 
ATOM   674  C CB    . LEU A 1 86  ? -0.235  -4.835  1.847   1.00 10.27 ? 679  LEU A CB    1 
ATOM   675  C CG    . LEU A 1 86  ? -0.977  -5.338  0.620   1.00 12.10 ? 679  LEU A CG    1 
ATOM   676  C CD1   . LEU A 1 86  ? 0.024   -5.837  -0.419  1.00 9.89  ? 679  LEU A CD1   1 
ATOM   677  C CD2   . LEU A 1 86  ? -1.980  -6.430  1.059   1.00 10.67 ? 679  LEU A CD2   1 
ATOM   678  N N     . ILE A 1 87  ? 0.515   -2.057  -0.159  1.00 11.40 ? 680  ILE A N     1 
ATOM   679  C CA    . ILE A 1 87  ? -0.196  -1.206  -1.114  1.00 13.07 ? 680  ILE A CA    1 
ATOM   680  C C     . ILE A 1 87  ? -0.892  -2.067  -2.175  1.00 13.15 ? 680  ILE A C     1 
ATOM   681  O O     . ILE A 1 87  ? -0.257  -2.914  -2.824  1.00 13.35 ? 680  ILE A O     1 
ATOM   682  C CB    . ILE A 1 87  ? 0.761   -0.187  -1.785  1.00 11.69 ? 680  ILE A CB    1 
ATOM   683  C CG1   . ILE A 1 87  ? 1.461   0.680   -0.711  1.00 13.79 ? 680  ILE A CG1   1 
ATOM   684  C CG2   . ILE A 1 87  ? 0.017   0.666   -2.861  1.00 11.46 ? 680  ILE A CG2   1 
ATOM   685  C CD1   . ILE A 1 87  ? 2.688   1.437   -1.205  1.00 13.45 ? 680  ILE A CD1   1 
ATOM   686  N N     . VAL A 1 88  ? -2.205  -1.882  -2.319  1.00 11.61 ? 681  VAL A N     1 
ATOM   687  C CA    . VAL A 1 88  ? -2.988  -2.677  -3.266  1.00 12.32 ? 681  VAL A CA    1 
ATOM   688  C C     . VAL A 1 88  ? -3.553  -1.738  -4.326  1.00 12.66 ? 681  VAL A C     1 
ATOM   689  O O     . VAL A 1 88  ? -4.163  -0.730  -3.994  1.00 14.32 ? 681  VAL A O     1 
ATOM   690  C CB    . VAL A 1 88  ? -4.157  -3.472  -2.581  1.00 14.65 ? 681  VAL A CB    1 
ATOM   691  C CG1   . VAL A 1 88  ? -4.826  -4.388  -3.589  1.00 12.77 ? 681  VAL A CG1   1 
ATOM   692  C CG2   . VAL A 1 88  ? -3.655  -4.293  -1.426  1.00 11.96 ? 681  VAL A CG2   1 
ATOM   693  N N     . ILE A 1 89  ? -3.301  -2.044  -5.598  1.00 10.69 ? 682  ILE A N     1 
ATOM   694  C CA    . ILE A 1 89  ? -3.933  -1.314  -6.697  1.00 11.70 ? 682  ILE A CA    1 
ATOM   695  C C     . ILE A 1 89  ? -5.159  -2.087  -7.162  1.00 12.71 ? 682  ILE A C     1 
ATOM   696  O O     . ILE A 1 89  ? -5.077  -3.276  -7.447  1.00 12.34 ? 682  ILE A O     1 
ATOM   697  C CB    . ILE A 1 89  ? -2.938  -1.069  -7.846  1.00 12.58 ? 682  ILE A CB    1 
ATOM   698  C CG1   . ILE A 1 89  ? -1.836  -0.127  -7.359  1.00 12.29 ? 682  ILE A CG1   1 
ATOM   699  C CG2   . ILE A 1 89  ? -3.643  -0.523  -9.098  1.00 13.23 ? 682  ILE A CG2   1 
ATOM   700  C CD1   . ILE A 1 89  ? -0.712  -0.030  -8.308  1.00 16.73 ? 682  ILE A CD1   1 
ATOM   701  N N     . LEU A 1 90  ? -6.309  -1.406  -7.168  1.00 12.67 ? 683  LEU A N     1 
ATOM   702  C CA    . LEU A 1 90  ? -7.603  -2.026  -7.470  1.00 16.12 ? 683  LEU A CA    1 
ATOM   703  C C     . LEU A 1 90  ? -8.199  -1.440  -8.747  1.00 14.57 ? 683  LEU A C     1 
ATOM   704  O O     . LEU A 1 90  ? -8.052  -0.249  -9.010  1.00 13.27 ? 683  LEU A O     1 
ATOM   705  C CB    . LEU A 1 90  ? -8.623  -1.811  -6.340  1.00 14.81 ? 683  LEU A CB    1 
ATOM   706  C CG    . LEU A 1 90  ? -8.314  -2.297  -4.935  1.00 17.15 ? 683  LEU A CG    1 
ATOM   707  C CD1   . LEU A 1 90  ? -9.337  -1.827  -3.905  1.00 21.34 ? 683  LEU A CD1   1 
ATOM   708  C CD2   . LEU A 1 90  ? -8.263  -3.768  -4.929  1.00 22.23 ? 683  LEU A CD2   1 
ATOM   709  N N     . PRO A 1 91  ? -8.921  -2.266  -9.516  1.00 15.33 ? 684  PRO A N     1 
ATOM   710  C CA    . PRO A 1 91  ? -9.846  -1.689  -10.520 1.00 14.82 ? 684  PRO A CA    1 
ATOM   711  C C     . PRO A 1 91  ? -10.815 -0.663  -9.897  1.00 16.51 ? 684  PRO A C     1 
ATOM   712  O O     . PRO A 1 91  ? -11.213 -0.806  -8.728  1.00 16.61 ? 684  PRO A O     1 
ATOM   713  C CB    . PRO A 1 91  ? -10.605 -2.909  -11.056 1.00 16.10 ? 684  PRO A CB    1 
ATOM   714  C CG    . PRO A 1 91  ? -9.857  -4.115  -10.578 1.00 16.46 ? 684  PRO A CG    1 
ATOM   715  C CD    . PRO A 1 91  ? -9.009  -3.735  -9.419  1.00 15.24 ? 684  PRO A CD    1 
ATOM   716  N N     . ASP A 1 92  ? -11.175 0.364   -10.660 1.00 20.15 ? 685  ASP A N     1 
ATOM   717  C CA    . ASP A 1 92  ? -12.022 1.442   -10.156 1.00 17.14 ? 685  ASP A CA    1 
ATOM   718  C C     . ASP A 1 92  ? -13.350 0.886   -9.630  1.00 23.48 ? 685  ASP A C     1 
ATOM   719  O O     . ASP A 1 92  ? -13.852 1.285   -8.571  1.00 24.86 ? 685  ASP A O     1 
ATOM   720  C CB    . ASP A 1 92  ? -12.303 2.462   -11.264 1.00 19.56 ? 685  ASP A CB    1 
ATOM   721  C CG    . ASP A 1 92  ? -11.057 3.215   -11.704 1.00 23.72 ? 685  ASP A CG    1 
ATOM   722  O OD1   . ASP A 1 92  ? -10.060 3.294   -10.932 1.00 19.33 ? 685  ASP A OD1   1 
ATOM   723  O OD2   . ASP A 1 92  ? -11.078 3.719   -12.850 1.00 25.82 ? 685  ASP A OD2   1 
ATOM   724  N N     . ASN A 1 93  ? -13.893 -0.069  -10.381 1.00 24.06 ? 686  ASN A N     1 
ATOM   725  C CA    A ASN A 1 93  ? -15.112 -0.771  -10.019 0.50 31.29 ? 686  ASN A CA    1 
ATOM   726  C CA    B ASN A 1 93  ? -15.108 -0.757  -9.966  0.50 31.29 ? 686  ASN A CA    1 
ATOM   727  C C     . ASN A 1 93  ? -14.738 -2.211  -9.690  1.00 23.28 ? 686  ASN A C     1 
ATOM   728  O O     . ASN A 1 93  ? -14.541 -3.023  -10.609 1.00 20.35 ? 686  ASN A O     1 
ATOM   729  C CB    A ASN A 1 93  ? -16.105 -0.660  -11.209 0.50 41.38 ? 686  ASN A CB    1 
ATOM   730  C CB    B ASN A 1 93  ? -16.244 -0.602  -11.020 0.50 41.38 ? 686  ASN A CB    1 
ATOM   731  C CG    A ASN A 1 93  ? -17.311 -1.566  -11.069 0.50 45.25 ? 686  ASN A CG    1 
ATOM   732  C CG    B ASN A 1 93  ? -16.848 0.810   -11.063 0.50 45.25 ? 686  ASN A CG    1 
ATOM   733  O OD1   A ASN A 1 93  ? -17.498 -2.489  -11.863 0.50 59.25 ? 686  ASN A OD1   1 
ATOM   734  O OD1   B ASN A 1 93  ? -17.569 1.238   -10.163 0.50 59.25 ? 686  ASN A OD1   1 
ATOM   735  N ND2   A ASN A 1 93  ? -18.157 -1.288  -10.077 0.50 47.87 ? 686  ASN A ND2   1 
ATOM   736  N ND2   B ASN A 1 93  ? -16.592 1.511   -12.142 0.50 47.87 ? 686  ASN A ND2   1 
ATOM   737  N N     . ASN A 1 94  ? -14.570 -2.529  -8.401  1.00 17.35 ? 687  ASN A N     1 
ATOM   738  C CA    . ASN A 1 94  ? -13.941 -3.803  -8.009  1.00 17.08 ? 687  ASN A CA    1 
ATOM   739  C C     . ASN A 1 94  ? -14.875 -4.742  -7.268  1.00 15.36 ? 687  ASN A C     1 
ATOM   740  O O     . ASN A 1 94  ? -14.478 -5.831  -6.868  1.00 18.66 ? 687  ASN A O     1 
ATOM   741  C CB    . ASN A 1 94  ? -12.639 -3.589  -7.222  1.00 18.88 ? 687  ASN A CB    1 
ATOM   742  C CG    . ASN A 1 94  ? -12.836 -2.733  -5.996  1.00 16.48 ? 687  ASN A CG    1 
ATOM   743  O OD1   . ASN A 1 94  ? -13.288 -3.212  -4.963  1.00 19.59 ? 687  ASN A OD1   1 
ATOM   744  N ND2   . ASN A 1 94  ? -12.488 -1.452  -6.103  1.00 18.78 ? 687  ASN A ND2   1 
ATOM   745  N N     . GLY A 1 95  ? -16.141 -4.352  -7.139  1.00 23.74 ? 688  GLY A N     1 
ATOM   746  C CA    . GLY A 1 95  ? -17.129 -5.235  -6.523  1.00 22.87 ? 688  GLY A CA    1 
ATOM   747  C C     . GLY A 1 95  ? -16.706 -5.621  -5.111  1.00 22.81 ? 688  GLY A C     1 
ATOM   748  O O     . GLY A 1 95  ? -16.435 -4.750  -4.269  1.00 22.78 ? 688  GLY A O     1 
ATOM   749  N N     . SER A 1 96  ? -16.636 -6.925  -4.848  1.00 20.04 ? 689  SER A N     1 
ATOM   750  C CA    . SER A 1 96  ? -16.392 -7.402  -3.488  1.00 21.10 ? 689  SER A CA    1 
ATOM   751  C C     . SER A 1 96  ? -14.906 -7.409  -3.118  1.00 19.28 ? 689  SER A C     1 
ATOM   752  O O     . SER A 1 96  ? -14.546 -7.790  -1.996  1.00 17.10 ? 689  SER A O     1 
ATOM   753  C CB    . SER A 1 96  ? -16.954 -8.798  -3.291  1.00 23.36 ? 689  SER A CB    1 
ATOM   754  O OG    . SER A 1 96  ? -16.417 -9.675  -4.263  1.00 27.94 ? 689  SER A OG    1 
ATOM   755  N N     . LEU A 1 97  ? -14.046 -7.012  -4.055  1.00 17.07 ? 690  LEU A N     1 
ATOM   756  C CA    . LEU A 1 97  ? -12.599 -7.172  -3.850  1.00 16.15 ? 690  LEU A CA    1 
ATOM   757  C C     . LEU A 1 97  ? -12.084 -6.334  -2.680  1.00 14.69 ? 690  LEU A C     1 
ATOM   758  O O     . LEU A 1 97  ? -11.283 -6.816  -1.868  1.00 16.59 ? 690  LEU A O     1 
ATOM   759  C CB    . LEU A 1 97  ? -11.817 -6.876  -5.125  1.00 16.92 ? 690  LEU A CB    1 
ATOM   760  C CG    . LEU A 1 97  ? -10.293 -6.871  -5.091  1.00 19.06 ? 690  LEU A CG    1 
ATOM   761  C CD1   . LEU A 1 97  ? -9.682  -8.203  -4.646  1.00 19.98 ? 690  LEU A CD1   1 
ATOM   762  C CD2   . LEU A 1 97  ? -9.767  -6.444  -6.491  1.00 18.70 ? 690  LEU A CD2   1 
ATOM   763  N N     . TYR A 1 98  ? -12.509 -5.077  -2.595  1.00 17.24 ? 691  TYR A N     1 
ATOM   764  C CA    . TYR A 1 98  ? -12.096 -4.247  -1.470  1.00 16.48 ? 691  TYR A CA    1 
ATOM   765  C C     . TYR A 1 98  ? -12.416 -4.951  -0.130  1.00 19.61 ? 691  TYR A C     1 
ATOM   766  O O     . TYR A 1 98  ? -11.522 -5.140  0.718   1.00 16.69 ? 691  TYR A O     1 
ATOM   767  C CB    . TYR A 1 98  ? -12.740 -2.863  -1.558  1.00 15.52 ? 691  TYR A CB    1 
ATOM   768  C CG    . TYR A 1 98  ? -12.408 -1.932  -0.401  1.00 18.50 ? 691  TYR A CG    1 
ATOM   769  C CD1   . TYR A 1 98  ? -13.135 -1.985  0.787   1.00 15.80 ? 691  TYR A CD1   1 
ATOM   770  C CD2   . TYR A 1 98  ? -11.357 -1.032  -0.492  1.00 13.61 ? 691  TYR A CD2   1 
ATOM   771  C CE1   . TYR A 1 98  ? -12.853 -1.144  1.836   1.00 16.25 ? 691  TYR A CE1   1 
ATOM   772  C CE2   . TYR A 1 98  ? -11.044 -0.202  0.565   1.00 14.49 ? 691  TYR A CE2   1 
ATOM   773  C CZ    . TYR A 1 98  ? -11.805 -0.264  1.739   1.00 18.65 ? 691  TYR A CZ    1 
ATOM   774  O OH    . TYR A 1 98  ? -11.528 0.545   2.817   1.00 14.90 ? 691  TYR A OH    1 
ATOM   775  N N     . GLY A 1 99  ? -13.676 -5.349  0.062   1.00 17.76 ? 692  GLY A N     1 
ATOM   776  C CA    . GLY A 1 99  ? -14.083 -5.893  1.343   1.00 18.02 ? 692  GLY A CA    1 
ATOM   777  C C     . GLY A 1 99  ? -13.364 -7.204  1.643   1.00 18.50 ? 692  GLY A C     1 
ATOM   778  O O     . GLY A 1 99  ? -12.979 -7.470  2.794   1.00 18.72 ? 692  GLY A O     1 
ATOM   779  N N     . ASP A 1 100 ? -13.184 -8.071  0.612   1.00 19.63 ? 693  ASP A N     1 
ATOM   780  C CA    . ASP A 1 100 ? -12.416 -9.314  0.761   1.00 20.31 ? 693  ASP A CA    1 
ATOM   781  C C     . ASP A 1 100 ? -10.955 -9.068  1.144   1.00 20.76 ? 693  ASP A C     1 
ATOM   782  O O     . ASP A 1 100 ? -10.441 -9.722  2.049   1.00 19.68 ? 693  ASP A O     1 
ATOM   783  C CB    . ASP A 1 100 ? -12.460 -10.156 -0.529  1.00 20.07 ? 693  ASP A CB    1 
ATOM   784  C CG    . ASP A 1 100 ? -13.854 -10.693 -0.843  1.00 20.07 ? 693  ASP A CG    1 
ATOM   785  O OD1   . ASP A 1 100 ? -14.758 -10.629 0.014   1.00 20.07 ? 693  ASP A OD1   1 
ATOM   786  O OD2   . ASP A 1 100 ? -14.041 -11.174 -1.983  1.00 20.07 ? 693  ASP A OD2   1 
ATOM   787  N N     . LEU A 1 101 ? -10.296 -8.140  0.451   1.00 20.07 ? 694  LEU A N     1 
ATOM   788  C CA    A LEU A 1 101 ? -8.969  -7.639  0.830   0.50 20.07 ? 694  LEU A CA    1 
ATOM   789  C CA    B LEU A 1 101 ? -8.966  -7.680  0.830   0.50 20.07 ? 694  LEU A CA    1 
ATOM   790  C C     . LEU A 1 101 ? -8.916  -7.280  2.302   1.00 20.07 ? 694  LEU A C     1 
ATOM   791  O O     . LEU A 1 101 ? -8.021  -7.707  3.040   1.00 20.07 ? 694  LEU A O     1 
ATOM   792  C CB    A LEU A 1 101 ? -8.626  -6.380  0.030   0.50 20.07 ? 694  LEU A CB    1 
ATOM   793  C CB    B LEU A 1 101 ? -8.557  -6.504  -0.055  0.50 20.07 ? 694  LEU A CB    1 
ATOM   794  C CG    A LEU A 1 101 ? -7.495  -6.285  -0.978  0.50 20.07 ? 694  LEU A CG    1 
ATOM   795  C CG    B LEU A 1 101 ? -7.110  -6.112  -0.208  0.50 20.07 ? 694  LEU A CG    1 
ATOM   796  C CD1   A LEU A 1 101 ? -6.710  -7.558  -1.197  0.50 20.07 ? 694  LEU A CD1   1 
ATOM   797  C CD1   B LEU A 1 101 ? -6.954  -5.649  -1.693  0.50 20.07 ? 694  LEU A CD1   1 
ATOM   798  C CD2   A LEU A 1 101 ? -8.027  -5.689  -2.289  0.50 20.07 ? 694  LEU A CD2   1 
ATOM   799  C CD2   B LEU A 1 101 ? -6.858  -5.001  0.751   0.50 20.07 ? 694  LEU A CD2   1 
ATOM   800  N N     . LYS A 1 102 ? -9.852  -6.454  2.728   1.00 14.04 ? 695  LYS A N     1 
ATOM   801  C CA    . LYS A 1 102 ? -9.745  -5.916  4.079   1.00 16.48 ? 695  LYS A CA    1 
ATOM   802  C C     . LYS A 1 102 ? -9.985  -6.942  5.155   1.00 15.45 ? 695  LYS A C     1 
ATOM   803  O O     . LYS A 1 102 ? -9.345  -6.902  6.187   1.00 14.89 ? 695  LYS A O     1 
ATOM   804  C CB    . LYS A 1 102 ? -10.641 -4.697  4.252   1.00 19.23 ? 695  LYS A CB    1 
ATOM   805  C CG    . LYS A 1 102 ? -10.169 -3.512  3.421   1.00 18.82 ? 695  LYS A CG    1 
ATOM   806  C CD    . LYS A 1 102 ? -8.843  -2.975  3.925   1.00 19.35 ? 695  LYS A CD    1 
ATOM   807  C CE    . LYS A 1 102 ? -8.435  -1.805  3.037   1.00 23.37 ? 695  LYS A CE    1 
ATOM   808  N NZ    . LYS A 1 102 ? -7.222  -1.082  3.487   1.00 19.87 ? 695  LYS A NZ    1 
ATOM   809  N N     . ARG A 1 103 ? -10.898 -7.870  4.922   1.00 15.12 ? 696  ARG A N     1 
ATOM   810  C CA    . ARG A 1 103 ? -11.113 -8.991  5.854   1.00 16.63 ? 696  ARG A CA    1 
ATOM   811  C C     . ARG A 1 103 ? -9.858  -9.862  5.990   1.00 15.95 ? 696  ARG A C     1 
ATOM   812  O O     . ARG A 1 103 ? -9.450  -10.208 7.096   1.00 14.80 ? 696  ARG A O     1 
ATOM   813  C CB    . ARG A 1 103 ? -12.302 -9.845  5.386   1.00 20.37 ? 696  ARG A CB    1 
ATOM   814  C CG    . ARG A 1 103 ? -12.837 -10.826 6.429   1.00 33.76 ? 696  ARG A CG    1 
ATOM   815  C CD    . ARG A 1 103 ? -14.055 -11.627 5.876   1.00 44.44 ? 696  ARG A CD    1 
ATOM   816  N NE    . ARG A 1 103 ? -14.082 -11.723 4.401   1.00 44.05 ? 696  ARG A NE    1 
ATOM   817  C CZ    . ARG A 1 103 ? -13.337 -12.558 3.670   1.00 52.91 ? 696  ARG A CZ    1 
ATOM   818  N NH1   . ARG A 1 103 ? -13.441 -12.556 2.357   1.00 40.20 ? 696  ARG A NH1   1 
ATOM   819  N NH2   . ARG A 1 103 ? -12.494 -13.402 4.244   1.00 66.33 ? 696  ARG A NH2   1 
ATOM   820  N N     . ILE A 1 104 ? -9.241  -10.210 4.868   1.00 13.20 ? 697  ILE A N     1 
ATOM   821  C CA    . ILE A 1 104 ? -8.027  -11.014 4.893   1.00 14.21 ? 697  ILE A CA    1 
ATOM   822  C C     . ILE A 1 104 ? -6.866  -10.298 5.633   1.00 12.73 ? 697  ILE A C     1 
ATOM   823  O O     . ILE A 1 104 ? -6.247  -10.842 6.542   1.00 18.29 ? 697  ILE A O     1 
ATOM   824  C CB    . ILE A 1 104 ? -7.602  -11.429 3.457   1.00 18.96 ? 697  ILE A CB    1 
ATOM   825  C CG1   . ILE A 1 104 ? -8.613  -12.408 2.861   1.00 18.64 ? 697  ILE A CG1   1 
ATOM   826  C CG2   . ILE A 1 104 ? -6.220  -12.061 3.482   1.00 17.96 ? 697  ILE A CG2   1 
ATOM   827  C CD1   . ILE A 1 104 ? -8.547  -12.481 1.330   1.00 20.59 ? 697  ILE A CD1   1 
ATOM   828  N N     . CYS A 1 105 ? -6.609  -9.059  5.253   1.00 15.52 ? 698  CYS A N     1 
ATOM   829  C CA    . CYS A 1 105 ? -5.573  -8.263  5.884   1.00 15.09 ? 698  CYS A CA    1 
ATOM   830  C C     . CYS A 1 105 ? -5.814  -8.051  7.388   1.00 15.65 ? 698  CYS A C     1 
ATOM   831  O O     . CYS A 1 105 ? -4.884  -8.159  8.189   1.00 15.58 ? 698  CYS A O     1 
ATOM   832  C CB    . CYS A 1 105 ? -5.405  -6.932  5.128   1.00 13.13 ? 698  CYS A CB    1 
ATOM   833  S SG    . CYS A 1 105 ? -4.652  -7.190  3.481   1.00 13.97 ? 698  CYS A SG    1 
ATOM   834  N N     . GLU A 1 106 ? -7.055  -7.757  7.761   1.00 14.87 ? 699  GLU A N     1 
ATOM   835  C CA    . GLU A 1 106 ? -7.365  -7.340  9.126   1.00 15.27 ? 699  GLU A CA    1 
ATOM   836  C C     . GLU A 1 106 ? -7.331  -8.567  10.031  1.00 17.61 ? 699  GLU A C     1 
ATOM   837  O O     . GLU A 1 106 ? -6.771  -8.517  11.122  1.00 16.28 ? 699  GLU A O     1 
ATOM   838  C CB    . GLU A 1 106 ? -8.734  -6.597  9.211   1.00 13.94 ? 699  GLU A CB    1 
ATOM   839  C CG    . GLU A 1 106 ? -8.634  -5.128  8.786   1.00 15.43 ? 699  GLU A CG    1 
ATOM   840  C CD    . GLU A 1 106 ? -9.977  -4.434  8.486   1.00 27.98 ? 699  GLU A CD    1 
ATOM   841  O OE1   . GLU A 1 106 ? -11.036 -4.894  8.988   1.00 26.92 ? 699  GLU A OE1   1 
ATOM   842  O OE2   . GLU A 1 106 ? -9.944  -3.418  7.742   1.00 23.71 ? 699  GLU A OE2   1 
ATOM   843  N N     . THR A 1 107 ? -7.919  -9.665  9.575   1.00 17.72 ? 700  THR A N     1 
ATOM   844  C CA    . THR A 1 107 ? -8.314  -10.733 10.489  1.00 18.12 ? 700  THR A CA    1 
ATOM   845  C C     . THR A 1 107 ? -7.544  -12.013 10.275  1.00 16.60 ? 700  THR A C     1 
ATOM   846  O O     . THR A 1 107 ? -7.616  -12.921 11.095  1.00 14.55 ? 700  THR A O     1 
ATOM   847  C CB    . THR A 1 107 ? -9.849  -11.042 10.449  1.00 17.93 ? 700  THR A CB    1 
ATOM   848  O OG1   . THR A 1 107 ? -10.170 -11.703 9.223   1.00 20.97 ? 700  THR A OG1   1 
ATOM   849  C CG2   . THR A 1 107 ? -10.699 -9.776  10.610  1.00 17.62 ? 700  THR A CG2   1 
ATOM   850  N N     . GLU A 1 108 ? -6.831  -12.104 9.155   1.00 15.32 ? 701  GLU A N     1 
ATOM   851  C CA    . GLU A 1 108 ? -6.006  -13.274 8.883   1.00 16.07 ? 701  GLU A CA    1 
ATOM   852  C C     . GLU A 1 108 ? -4.512  -12.969 8.854   1.00 13.66 ? 701  GLU A C     1 
ATOM   853  O O     . GLU A 1 108 ? -3.712  -13.640 9.510   1.00 15.37 ? 701  GLU A O     1 
ATOM   854  C CB    . GLU A 1 108 ? -6.465  -13.961 7.585   1.00 17.88 ? 701  GLU A CB    1 
ATOM   855  C CG    . GLU A 1 108 ? -7.801  -14.741 7.741   1.00 21.22 ? 701  GLU A CG    1 
ATOM   856  C CD    . GLU A 1 108 ? -8.171  -15.546 6.487   1.00 36.91 ? 701  GLU A CD    1 
ATOM   857  O OE1   . GLU A 1 108 ? -8.186  -14.969 5.400   1.00 26.18 ? 701  GLU A OE1   1 
ATOM   858  O OE2   . GLU A 1 108 ? -8.428  -16.750 6.580   1.00 65.72 ? 701  GLU A OE2   1 
ATOM   859  N N     . LEU A 1 109 ? -4.106  -11.972 8.088   1.00 13.18 ? 702  LEU A N     1 
ATOM   860  C CA    . LEU A 1 109 ? -2.690  -11.632 8.031   1.00 14.14 ? 702  LEU A CA    1 
ATOM   861  C C     . LEU A 1 109 ? -2.278  -10.587 9.086   1.00 14.77 ? 702  LEU A C     1 
ATOM   862  O O     . LEU A 1 109 ? -1.102  -10.502 9.431   1.00 15.04 ? 702  LEU A O     1 
ATOM   863  C CB    . LEU A 1 109 ? -2.309  -11.143 6.619   1.00 12.84 ? 702  LEU A CB    1 
ATOM   864  C CG    . LEU A 1 109 ? -2.697  -12.048 5.449   1.00 16.69 ? 702  LEU A CG    1 
ATOM   865  C CD1   . LEU A 1 109 ? -2.429  -11.342 4.116   1.00 17.22 ? 702  LEU A CD1   1 
ATOM   866  C CD2   . LEU A 1 109 ? -1.962  -13.401 5.565   1.00 16.16 ? 702  LEU A CD2   1 
ATOM   867  N N     . GLY A 1 110 ? -3.237  -9.810  9.602   1.00 12.52 ? 703  GLY A N     1 
ATOM   868  C CA    . GLY A 1 110 ? -2.904  -8.692  10.466  1.00 12.89 ? 703  GLY A CA    1 
ATOM   869  C C     . GLY A 1 110 ? -1.858  -7.785  9.815   1.00 12.96 ? 703  GLY A C     1 
ATOM   870  O O     . GLY A 1 110 ? -0.775  -7.541  10.365  1.00 14.29 ? 703  GLY A O     1 
ATOM   871  N N     . ILE A 1 111 ? -2.167  -7.308  8.612   1.00 17.00 ? 704  ILE A N     1 
ATOM   872  C CA    . ILE A 1 111 ? -1.243  -6.420  7.911   1.00 15.48 ? 704  ILE A CA    1 
ATOM   873  C C     . ILE A 1 111 ? -1.953  -5.130  7.598   1.00 15.82 ? 704  ILE A C     1 
ATOM   874  O O     . ILE A 1 111 ? -3.118  -5.160  7.183   1.00 13.54 ? 704  ILE A O     1 
ATOM   875  C CB    . ILE A 1 111 ? -0.708  -7.071  6.630   1.00 12.46 ? 704  ILE A CB    1 
ATOM   876  C CG1   . ILE A 1 111 ? 0.427   -6.233  6.034   1.00 12.05 ? 704  ILE A CG1   1 
ATOM   877  C CG2   . ILE A 1 111 ? -1.828  -7.331  5.601   1.00 12.54 ? 704  ILE A CG2   1 
ATOM   878  C CD1   . ILE A 1 111 ? 1.166   -6.958  4.863   1.00 19.29 ? 704  ILE A CD1   1 
ATOM   879  N N     . VAL A 1 112 ? -1.268  -3.997  7.792   1.00 12.29 ? 705  VAL A N     1 
ATOM   880  C CA    . VAL A 1 112 ? -1.785  -2.703  7.334   1.00 11.65 ? 705  VAL A CA    1 
ATOM   881  C C     . VAL A 1 112 ? -1.840  -2.658  5.803   1.00 11.90 ? 705  VAL A C     1 
ATOM   882  O O     . VAL A 1 112 ? -0.924  -3.107  5.131   1.00 11.60 ? 705  VAL A O     1 
ATOM   883  C CB    . VAL A 1 112 ? -0.964  -1.527  7.925   1.00 12.66 ? 705  VAL A CB    1 
ATOM   884  C CG1   . VAL A 1 112 ? -1.322  -0.196  7.233   1.00 13.14 ? 705  VAL A CG1   1 
ATOM   885  C CG2   . VAL A 1 112 ? -1.189  -1.439  9.450   1.00 13.96 ? 705  VAL A CG2   1 
ATOM   886  N N     . SER A 1 113 ? -2.961  -2.158  5.270   1.00 12.84 ? 706  SER A N     1 
ATOM   887  C CA    . SER A 1 113 ? -3.100  -2.066  3.813   1.00 13.26 ? 706  SER A CA    1 
ATOM   888  C C     . SER A 1 113 ? -3.658  -0.711  3.374   1.00 11.73 ? 706  SER A C     1 
ATOM   889  O O     . SER A 1 113 ? -4.443  -0.062  4.093   1.00 12.73 ? 706  SER A O     1 
ATOM   890  C CB    . SER A 1 113 ? -3.943  -3.222  3.253   1.00 12.25 ? 706  SER A CB    1 
ATOM   891  O OG    . SER A 1 113 ? -5.292  -3.132  3.703   1.00 14.24 ? 706  SER A OG    1 
ATOM   892  N N     . GLN A 1 114 ? -3.232  -0.302  2.182   1.00 10.00 ? 707  GLN A N     1 
ATOM   893  C CA    . GLN A 1 114 ? -3.737  0.928   1.596   1.00 12.69 ? 707  GLN A CA    1 
ATOM   894  C C     . GLN A 1 114 ? -4.131  0.620   0.182   1.00 11.47 ? 707  GLN A C     1 
ATOM   895  O O     . GLN A 1 114 ? -3.287  0.247   -0.616  1.00 12.23 ? 707  GLN A O     1 
ATOM   896  C CB    . GLN A 1 114 ? -2.663  2.022   1.606   1.00 11.62 ? 707  GLN A CB    1 
ATOM   897  C CG    . GLN A 1 114 ? -3.124  3.361   1.003   1.00 13.53 ? 707  GLN A CG    1 
ATOM   898  C CD    . GLN A 1 114 ? -4.343  3.910   1.730   1.00 13.88 ? 707  GLN A CD    1 
ATOM   899  O OE1   . GLN A 1 114 ? -4.277  4.143   2.913   1.00 17.50 ? 707  GLN A OE1   1 
ATOM   900  N NE2   . GLN A 1 114 ? -5.451  4.092   1.028   1.00 14.82 ? 707  GLN A NE2   1 
ATOM   901  N N     . CYS A 1 115 ? -5.440  0.755   -0.117  1.00 12.53 ? 708  CYS A N     1 
ATOM   902  C CA    . CYS A 1 115 ? -5.942  0.530   -1.471  1.00 10.70 ? 708  CYS A CA    1 
ATOM   903  C C     . CYS A 1 115 ? -5.883  1.813   -2.302  1.00 14.51 ? 708  CYS A C     1 
ATOM   904  O O     . CYS A 1 115 ? -6.143  2.918   -1.806  1.00 11.84 ? 708  CYS A O     1 
ATOM   905  C CB    . CYS A 1 115 ? -7.367  -0.043  -1.434  1.00 12.55 ? 708  CYS A CB    1 
ATOM   906  S SG    . CYS A 1 115 ? -7.489  -1.631  -0.630  1.00 17.59 ? 708  CYS A SG    1 
ATOM   907  N N     . CYS A 1 116 ? -5.530  1.644   -3.579  1.00 12.77 ? 709  CYS A N     1 
ATOM   908  C CA    . CYS A 1 116 ? -5.463  2.731   -4.526  1.00 14.21 ? 709  CYS A CA    1 
ATOM   909  C C     . CYS A 1 116 ? -6.132  2.309   -5.815  1.00 14.04 ? 709  CYS A C     1 
ATOM   910  O O     . CYS A 1 116 ? -5.789  1.304   -6.335  1.00 13.55 ? 709  CYS A O     1 
ATOM   911  C CB    . CYS A 1 116 ? -4.008  3.105   -4.801  1.00 10.51 ? 709  CYS A CB    1 
ATOM   912  S SG    . CYS A 1 116 ? -3.044  3.481   -3.309  1.00 14.63 ? 709  CYS A SG    1 
ATOM   913  N N     . LEU A 1 117 ? -7.003  3.164   -6.272  1.00 11.69 ? 710  LEU A N     1 
ATOM   914  C CA    . LEU A 1 117 ? -7.775  2.861   -7.476  1.00 12.44 ? 710  LEU A CA    1 
ATOM   915  C C     . LEU A 1 117 ? -7.003  3.214   -8.764  1.00 12.92 ? 710  LEU A C     1 
ATOM   916  O O     . LEU A 1 117 ? -6.285  4.211   -8.816  1.00 13.89 ? 710  LEU A O     1 
ATOM   917  C CB    . LEU A 1 117 ? -9.108  3.613   -7.467  1.00 15.94 ? 710  LEU A CB    1 
ATOM   918  C CG    . LEU A 1 117 ? -10.165 3.263   -6.420  1.00 20.48 ? 710  LEU A CG    1 
ATOM   919  C CD1   . LEU A 1 117 ? -11.500 3.918   -6.835  1.00 22.55 ? 710  LEU A CD1   1 
ATOM   920  C CD2   . LEU A 1 117 ? -10.335 1.783   -6.233  1.00 18.58 ? 710  LEU A CD2   1 
ATOM   921  N N     . THR A 1 118 ? -7.161  2.371   -9.779  1.00 11.37 ? 711  THR A N     1 
ATOM   922  C CA    . THR A 1 118 ? -6.540  2.542   -11.096 1.00 14.02 ? 711  THR A CA    1 
ATOM   923  C C     . THR A 1 118 ? -6.587  3.984   -11.601 1.00 15.29 ? 711  THR A C     1 
ATOM   924  O O     . THR A 1 118 ? -5.601  4.501   -12.131 1.00 16.12 ? 711  THR A O     1 
ATOM   925  C CB    . THR A 1 118 ? -7.251  1.647   -12.117 1.00 14.49 ? 711  THR A CB    1 
ATOM   926  O OG1   . THR A 1 118 ? -7.078  0.278   -11.737 1.00 14.97 ? 711  THR A OG1   1 
ATOM   927  C CG2   . THR A 1 118 ? -6.657  1.787   -13.478 1.00 22.85 ? 711  THR A CG2   1 
ATOM   928  N N     . LYS A 1 119 ? -7.737  4.639   -11.437 1.00 15.52 ? 712  LYS A N     1 
ATOM   929  C CA    . LYS A 1 119 ? -7.866  6.017   -11.921 1.00 19.45 ? 712  LYS A CA    1 
ATOM   930  C C     . LYS A 1 119 ? -6.841  6.953   -11.286 1.00 18.26 ? 712  LYS A C     1 
ATOM   931  O O     . LYS A 1 119 ? -6.350  7.871   -11.939 1.00 18.82 ? 712  LYS A O     1 
ATOM   932  C CB    . LYS A 1 119 ? -9.288  6.556   -11.751 1.00 22.19 ? 712  LYS A CB    1 
ATOM   933  C CG    . LYS A 1 119 ? -9.667  6.740   -10.306 1.00 24.74 ? 712  LYS A CG    1 
ATOM   934  C CD    . LYS A 1 119 ? -10.986 7.400   -10.166 1.00 34.85 ? 712  LYS A CD    1 
ATOM   935  C CE    . LYS A 1 119 ? -12.109 6.407   -10.217 1.00 52.25 ? 712  LYS A CE    1 
ATOM   936  N NZ    . LYS A 1 119 ? -13.447 7.112   -9.980  1.00 55.15 ? 712  LYS A NZ    1 
ATOM   937  N N     . HIS A 1 120 ? -6.478  6.725   -10.029 1.00 16.03 ? 713  HIS A N     1 
ATOM   938  C CA    . HIS A 1 120 ? -5.485  7.580   -9.377  1.00 19.74 ? 713  HIS A CA    1 
ATOM   939  C C     . HIS A 1 120 ? -4.065  7.171   -9.693  1.00 19.74 ? 713  HIS A C     1 
ATOM   940  O O     . HIS A 1 120 ? -3.148  7.982   -9.637  1.00 19.52 ? 713  HIS A O     1 
ATOM   941  C CB    . HIS A 1 120 ? -5.646  7.553   -7.862  1.00 16.37 ? 713  HIS A CB    1 
ATOM   942  C CG    . HIS A 1 120 ? -7.006  7.949   -7.403  1.00 21.18 ? 713  HIS A CG    1 
ATOM   943  N ND1   . HIS A 1 120 ? -7.805  7.117   -6.646  1.00 27.92 ? 713  HIS A ND1   1 
ATOM   944  C CD2   . HIS A 1 120 ? -7.727  9.077   -7.613  1.00 23.74 ? 713  HIS A CD2   1 
ATOM   945  C CE1   . HIS A 1 120 ? -8.949  7.721   -6.402  1.00 31.74 ? 713  HIS A CE1   1 
ATOM   946  N NE2   . HIS A 1 120 ? -8.933  8.904   -6.985  1.00 28.49 ? 713  HIS A NE2   1 
ATOM   947  N N     . VAL A 1 121 ? -3.883  5.903   -10.012 1.00 20.12 ? 714  VAL A N     1 
ATOM   948  C CA    . VAL A 1 121 ? -2.570  5.424   -10.398 1.00 19.60 ? 714  VAL A CA    1 
ATOM   949  C C     . VAL A 1 121 ? -2.182  6.069   -11.708 1.00 23.57 ? 714  VAL A C     1 
ATOM   950  O O     . VAL A 1 121 ? -1.040  6.451   -11.947 1.00 22.47 ? 714  VAL A O     1 
ATOM   951  C CB    . VAL A 1 121 ? -2.569  3.914   -10.561 1.00 19.46 ? 714  VAL A CB    1 
ATOM   952  C CG1   . VAL A 1 121 ? -1.294  3.448   -11.299 1.00 21.05 ? 714  VAL A CG1   1 
ATOM   953  C CG2   . VAL A 1 121 ? -2.703  3.256   -9.184  1.00 19.88 ? 714  VAL A CG2   1 
ATOM   954  N N     . PHE A 1 122 ? -3.136  6.179   -12.585 1.00 20.19 ? 715  PHE A N     1 
ATOM   955  C CA    . PHE A 1 122 ? -2.852  6.785   -13.847 1.00 22.76 ? 715  PHE A CA    1 
ATOM   956  C C     . PHE A 1 122 ? -2.526  8.260   -13.720 1.00 26.05 ? 715  PHE A C     1 
ATOM   957  O O     . PHE A 1 122 ? -1.608  8.755   -14.366 1.00 28.51 ? 715  PHE A O     1 
ATOM   958  C CB    . PHE A 1 122 ? -4.019  6.494   -14.794 1.00 23.61 ? 715  PHE A CB    1 
ATOM   959  C CG    . PHE A 1 122 ? -3.848  5.196   -15.529 1.00 25.47 ? 715  PHE A CG    1 
ATOM   960  C CD1   . PHE A 1 122 ? -2.894  5.080   -16.540 1.00 29.24 ? 715  PHE A CD1   1 
ATOM   961  C CD2   . PHE A 1 122 ? -4.558  4.081   -15.163 1.00 33.38 ? 715  PHE A CD2   1 
ATOM   962  C CE1   . PHE A 1 122 ? -2.718  3.869   -17.220 1.00 31.01 ? 715  PHE A CE1   1 
ATOM   963  C CE2   . PHE A 1 122 ? -4.396  2.864   -15.835 1.00 28.56 ? 715  PHE A CE2   1 
ATOM   964  C CZ    . PHE A 1 122 ? -3.484  2.759   -16.844 1.00 25.20 ? 715  PHE A CZ    1 
ATOM   965  N N     . LYS A 1 123 ? -3.241  8.941   -12.822 1.00 25.48 ? 716  LYS A N     1 
ATOM   966  C CA    . LYS A 1 123 ? -3.109  10.384  -12.686 1.00 26.46 ? 716  LYS A CA    1 
ATOM   967  C C     . LYS A 1 123 ? -1.907  10.790  -11.851 1.00 33.25 ? 716  LYS A C     1 
ATOM   968  O O     . LYS A 1 123 ? -1.242  11.775  -12.150 1.00 34.42 ? 716  LYS A O     1 
ATOM   969  C CB    . LYS A 1 123 ? -4.381  10.988  -12.092 1.00 32.18 ? 716  LYS A CB    1 
ATOM   970  C CG    . LYS A 1 123 ? -4.428  12.520  -12.237 1.00 41.63 ? 716  LYS A CG    1 
ATOM   971  C CD    . LYS A 1 123 ? -5.728  13.101  -11.539 1.00 52.00 ? 716  LYS A CD    1 
ATOM   972  C CE    . LYS A 1 123 ? -5.404  14.407  -10.716 1.00 75.10 ? 716  LYS A CE    1 
ATOM   973  N NZ    . LYS A 1 123 ? -6.627  15.202  -10.481 1.00 69.43 ? 716  LYS A NZ    1 
ATOM   974  N N     . MET A 1 124 ? -1.635  9.987   -10.820 1.00 32.26 ? 717  MET A N     1 
ATOM   975  C CA    . MET A 1 124 ? -0.461  10.204  -9.975  1.00 31.87 ? 717  MET A CA    1 
ATOM   976  C C     . MET A 1 124 ? -0.260  11.674  -9.642  1.00 30.24 ? 717  MET A C     1 
ATOM   977  O O     . MET A 1 124 ? 0.841   12.230  -9.768  1.00 33.35 ? 717  MET A O     1 
ATOM   978  C CB    . MET A 1 124 ? 0.802   9.615   -10.615 1.00 19.93 ? 717  MET A CB    1 
ATOM   979  C CG    . MET A 1 124 ? 1.364   8.426   -9.879  1.00 19.93 ? 717  MET A CG    1 
ATOM   980  S SD    . MET A 1 124 ? 2.772   7.763   -10.655 1.00 19.93 ? 717  MET A SD    1 
ATOM   981  C CE    . MET A 1 124 ? 1.967   6.973   -11.994 1.00 19.93 ? 717  MET A CE    1 
ATOM   982  N N     . SER A 1 125 ? -1.316  12.313  -9.170  1.00 27.34 ? 718  SER A N     1 
ATOM   983  C CA    . SER A 1 125 ? -1.200  13.677  -8.727  1.00 26.17 ? 718  SER A CA    1 
ATOM   984  C C     . SER A 1 125 ? -0.557  13.804  -7.345  1.00 24.53 ? 718  SER A C     1 
ATOM   985  O O     . SER A 1 125 ? -0.715  12.937  -6.482  1.00 19.52 ? 718  SER A O     1 
ATOM   986  C CB    . SER A 1 125 ? -2.567  14.363  -8.774  1.00 25.14 ? 718  SER A CB    1 
ATOM   987  O OG    . SER A 1 125 ? -3.218  14.368  -7.542  1.00 28.36 ? 718  SER A OG    1 
ATOM   988  N N     . LYS A 1 126 ? 0.196   14.889  -7.159  1.00 25.22 ? 719  LYS A N     1 
ATOM   989  C CA    . LYS A 1 126 ? 0.854   15.203  -5.891  1.00 23.81 ? 719  LYS A CA    1 
ATOM   990  C C     . LYS A 1 126 ? -0.170  15.389  -4.754  1.00 22.01 ? 719  LYS A C     1 
ATOM   991  O O     . LYS A 1 126 ? 0.063   14.950  -3.632  1.00 18.10 ? 719  LYS A O     1 
ATOM   992  C CB    . LYS A 1 126 ? 1.698   16.484  -6.026  1.00 27.38 ? 719  LYS A CB    1 
ATOM   993  C CG    . LYS A 1 126 ? 3.072   16.299  -6.671  1.00 40.77 ? 719  LYS A CG    1 
ATOM   994  C CD    . LYS A 1 126 ? 4.030   15.559  -5.764  1.00 54.62 ? 719  LYS A CD    1 
ATOM   995  C CE    . LYS A 1 126 ? 5.423   16.201  -5.731  1.00 65.05 ? 719  LYS A CE    1 
ATOM   996  N NZ    . LYS A 1 126 ? 6.151   15.852  -6.990  1.00 55.62 ? 719  LYS A NZ    1 
ATOM   997  N N     . GLN A 1 127 ? -1.282  16.067  -5.042  1.00 16.85 ? 720  GLN A N     1 
ATOM   998  C CA    . GLN A 1 127 ? -2.354  16.175  -4.062  1.00 20.60 ? 720  GLN A CA    1 
ATOM   999  C C     . GLN A 1 127 ? -2.887  14.804  -3.621  1.00 17.73 ? 720  GLN A C     1 
ATOM   1000 O O     . GLN A 1 127 ? -3.085  14.566  -2.443  1.00 18.13 ? 720  GLN A O     1 
ATOM   1001 C CB    . GLN A 1 127 ? -3.530  17.058  -4.559  1.00 26.17 ? 720  GLN A CB    1 
ATOM   1002 C CG    . GLN A 1 127 ? -4.596  17.410  -3.440  1.00 23.63 ? 720  GLN A CG    1 
ATOM   1003 C CD    . GLN A 1 127 ? -3.967  17.969  -2.112  1.00 29.43 ? 720  GLN A CD    1 
ATOM   1004 O OE1   . GLN A 1 127 ? -3.727  19.184  -1.980  1.00 26.63 ? 720  GLN A OE1   1 
ATOM   1005 N NE2   . GLN A 1 127 ? -3.700  17.061  -1.138  1.00 24.62 ? 720  GLN A NE2   1 
ATOM   1006 N N     . TYR A 1 128 ? -3.155  13.925  -4.577  1.00 16.22 ? 721  TYR A N     1 
ATOM   1007 C CA    . TYR A 1 128 ? -3.569  12.573  -4.229  1.00 18.89 ? 721  TYR A CA    1 
ATOM   1008 C C     . TYR A 1 128 ? -2.494  11.911  -3.343  1.00 16.47 ? 721  TYR A C     1 
ATOM   1009 O O     . TYR A 1 128 ? -2.790  11.405  -2.242  1.00 15.25 ? 721  TYR A O     1 
ATOM   1010 C CB    . TYR A 1 128 ? -3.845  11.737  -5.489  1.00 18.49 ? 721  TYR A CB    1 
ATOM   1011 C CG    . TYR A 1 128 ? -4.093  10.253  -5.185  1.00 14.93 ? 721  TYR A CG    1 
ATOM   1012 C CD1   . TYR A 1 128 ? -5.351  9.800   -4.782  1.00 17.33 ? 721  TYR A CD1   1 
ATOM   1013 C CD2   . TYR A 1 128 ? -3.066  9.330   -5.286  1.00 16.86 ? 721  TYR A CD2   1 
ATOM   1014 C CE1   . TYR A 1 128 ? -5.568  8.482   -4.496  1.00 14.87 ? 721  TYR A CE1   1 
ATOM   1015 C CE2   . TYR A 1 128 ? -3.275  7.987   -5.015  1.00 16.69 ? 721  TYR A CE2   1 
ATOM   1016 C CZ    . TYR A 1 128 ? -4.514  7.580   -4.627  1.00 15.68 ? 721  TYR A CZ    1 
ATOM   1017 O OH    . TYR A 1 128 ? -4.707  6.248   -4.357  1.00 16.64 ? 721  TYR A OH    1 
ATOM   1018 N N     . MET A 1 129 ? -1.251  11.929  -3.805  1.00 14.26 ? 722  MET A N     1 
ATOM   1019 C CA    . MET A 1 129 ? -0.161  11.323  -3.053  1.00 15.82 ? 722  MET A CA    1 
ATOM   1020 C C     . MET A 1 129 ? -0.092  11.865  -1.646  1.00 11.57 ? 722  MET A C     1 
ATOM   1021 O O     . MET A 1 129 ? 0.110   11.111  -0.685  1.00 14.31 ? 722  MET A O     1 
ATOM   1022 C CB    . MET A 1 129 ? 1.162   11.586  -3.756  1.00 19.93 ? 722  MET A CB    1 
ATOM   1023 C CG    . MET A 1 129 ? 1.221   10.950  -5.144  1.00 19.93 ? 722  MET A CG    1 
ATOM   1024 S SD    . MET A 1 129 ? 1.315   9.142   -5.052  1.00 19.93 ? 722  MET A SD    1 
ATOM   1025 C CE    . MET A 1 129 ? 0.894   8.638   -6.709  1.00 19.93 ? 722  MET A CE    1 
ATOM   1026 N N     . ALA A 1 130 ? -0.226  13.173  -1.510  1.00 13.16 ? 723  ALA A N     1 
ATOM   1027 C CA    . ALA A 1 130 ? -0.166  13.762  -0.179  1.00 14.19 ? 723  ALA A CA    1 
ATOM   1028 C C     . ALA A 1 130 ? -1.289  13.240  0.711   1.00 15.22 ? 723  ALA A C     1 
ATOM   1029 O O     . ALA A 1 130 ? -1.048  12.905  1.871   1.00 15.18 ? 723  ALA A O     1 
ATOM   1030 C CB    . ALA A 1 130 ? -0.172  15.303  -0.258  1.00 17.16 ? 723  ALA A CB    1 
ATOM   1031 N N     . ASN A 1 131 ? -2.508  13.148  0.178   1.00 10.57 ? 724  ASN A N     1 
ATOM   1032 C CA    . ASN A 1 131 ? -3.611  12.612  0.953   1.00 15.55 ? 724  ASN A CA    1 
ATOM   1033 C C     . ASN A 1 131 ? -3.375  11.154  1.371   1.00 14.35 ? 724  ASN A C     1 
ATOM   1034 O O     . ASN A 1 131 ? -3.684  10.753  2.514   1.00 11.47 ? 724  ASN A O     1 
ATOM   1035 C CB    . ASN A 1 131 ? -4.913  12.689  0.161   1.00 14.93 ? 724  ASN A CB    1 
ATOM   1036 C CG    . ASN A 1 131 ? -5.602  14.029  0.301   1.00 22.24 ? 724  ASN A CG    1 
ATOM   1037 O OD1   . ASN A 1 131 ? -5.206  14.850  1.125   1.00 19.11 ? 724  ASN A OD1   1 
ATOM   1038 N ND2   . ASN A 1 131 ? -6.631  14.269  -0.528  1.00 16.40 ? 724  ASN A ND2   1 
ATOM   1039 N N     . VAL A 1 132 ? -2.878  10.350  0.437   1.00 11.69 ? 725  VAL A N     1 
ATOM   1040 C CA    . VAL A 1 132 ? -2.699  8.941   0.763   1.00 13.85 ? 725  VAL A CA    1 
ATOM   1041 C C     . VAL A 1 132 ? -1.570  8.751   1.789   1.00 12.29 ? 725  VAL A C     1 
ATOM   1042 O O     . VAL A 1 132 ? -1.673  7.890   2.666   1.00 12.79 ? 725  VAL A O     1 
ATOM   1043 C CB    . VAL A 1 132 ? -2.502  8.047   -0.469  1.00 10.52 ? 725  VAL A CB    1 
ATOM   1044 C CG1   . VAL A 1 132 ? -2.285  6.573   -0.014  1.00 12.54 ? 725  VAL A CG1   1 
ATOM   1045 C CG2   . VAL A 1 132 ? -3.726  8.129   -1.383  1.00 17.39 ? 725  VAL A CG2   1 
ATOM   1046 N N     . ALA A 1 133 ? -0.519  9.565   1.687   1.00 10.70 ? 726  ALA A N     1 
ATOM   1047 C CA    . ALA A 1 133 ? 0.513   9.615   2.736   1.00 10.25 ? 726  ALA A CA    1 
ATOM   1048 C C     . ALA A 1 133 ? -0.114  9.827   4.107   1.00 10.44 ? 726  ALA A C     1 
ATOM   1049 O O     . ALA A 1 133 ? 0.219   9.140   5.060   1.00 9.89  ? 726  ALA A O     1 
ATOM   1050 C CB    . ALA A 1 133 ? 1.564   10.696  2.452   1.00 11.13 ? 726  ALA A CB    1 
ATOM   1051 N N     . LEU A 1 134 ? -1.012  10.801  4.204   1.00 10.89 ? 727  LEU A N     1 
ATOM   1052 C CA    . LEU A 1 134 ? -1.683  11.058  5.464   1.00 12.07 ? 727  LEU A CA    1 
ATOM   1053 C C     . LEU A 1 134 ? -2.419  9.833   6.021   1.00 13.73 ? 727  LEU A C     1 
ATOM   1054 O O     . LEU A 1 134 ? -2.289  9.541   7.202   1.00 11.16 ? 727  LEU A O     1 
ATOM   1055 C CB    . LEU A 1 134 ? -2.633  12.241  5.308   1.00 11.51 ? 727  LEU A CB    1 
ATOM   1056 C CG    . LEU A 1 134 ? -2.047  13.655  5.120   1.00 14.83 ? 727  LEU A CG    1 
ATOM   1057 C CD1   . LEU A 1 134 ? -3.190  14.570  4.845   1.00 15.71 ? 727  LEU A CD1   1 
ATOM   1058 C CD2   . LEU A 1 134 ? -1.343  14.152  6.337   1.00 12.84 ? 727  LEU A CD2   1 
ATOM   1059 N N     . LYS A 1 135 ? -3.177  9.121   5.179   1.00 11.89 ? 728  LYS A N     1 
ATOM   1060 C CA    . LYS A 1 135 ? -3.880  7.878   5.564   1.00 15.90 ? 728  LYS A CA    1 
ATOM   1061 C C     . LYS A 1 135 ? -2.913  6.797   6.062   1.00 16.03 ? 728  LYS A C     1 
ATOM   1062 O O     . LYS A 1 135 ? -3.068  6.255   7.153   1.00 14.58 ? 728  LYS A O     1 
ATOM   1063 C CB    . LYS A 1 135 ? -4.688  7.319   4.391   1.00 17.40 ? 728  LYS A CB    1 
ATOM   1064 C CG    . LYS A 1 135 ? -5.938  8.095   4.027   1.00 25.20 ? 728  LYS A CG    1 
ATOM   1065 C CD    . LYS A 1 135 ? -6.943  7.233   3.224   1.00 28.01 ? 728  LYS A CD    1 
ATOM   1066 C CE    . LYS A 1 135 ? -7.671  6.172   4.133   1.00 42.72 ? 728  LYS A CE    1 
ATOM   1067 N NZ    . LYS A 1 135 ? -8.952  5.685   3.437   1.00 36.40 ? 728  LYS A NZ    1 
ATOM   1068 N N     . ILE A 1 136 ? -1.897  6.521   5.250   1.00 10.92 ? 729  ILE A N     1 
ATOM   1069 C CA    . ILE A 1 136 ? -0.832  5.587   5.617   1.00 11.26 ? 729  ILE A CA    1 
ATOM   1070 C C     . ILE A 1 136 ? -0.229  5.919   6.972   1.00 11.28 ? 729  ILE A C     1 
ATOM   1071 O O     . ILE A 1 136 ? -0.071  5.048   7.827   1.00 11.17 ? 729  ILE A O     1 
ATOM   1072 C CB    . ILE A 1 136 ? 0.279   5.555   4.534   1.00 10.89 ? 729  ILE A CB    1 
ATOM   1073 C CG1   . ILE A 1 136 ? -0.229  4.850   3.275   1.00 10.79 ? 729  ILE A CG1   1 
ATOM   1074 C CG2   . ILE A 1 136 ? 1.525   4.862   5.056   1.00 11.42 ? 729  ILE A CG2   1 
ATOM   1075 C CD1   . ILE A 1 136 ? 0.749   4.970   2.063   1.00 12.59 ? 729  ILE A CD1   1 
ATOM   1076 N N     . ASN A 1 137 ? 0.110   7.191   7.173   1.00 9.16  ? 730  ASN A N     1 
ATOM   1077 C CA    . ASN A 1 137 ? 0.771   7.600   8.400   1.00 13.15 ? 730  ASN A CA    1 
ATOM   1078 C C     . ASN A 1 137 ? -0.075  7.205   9.621   1.00 13.85 ? 730  ASN A C     1 
ATOM   1079 O O     . ASN A 1 137 ? 0.414   6.567   10.546  1.00 14.22 ? 730  ASN A O     1 
ATOM   1080 C CB    . ASN A 1 137 ? 1.065   9.099   8.401   1.00 11.50 ? 730  ASN A CB    1 
ATOM   1081 C CG    . ASN A 1 137 ? 1.965   9.506   9.544   1.00 12.25 ? 730  ASN A CG    1 
ATOM   1082 O OD1   . ASN A 1 137 ? 2.987   8.879   9.775   1.00 11.22 ? 730  ASN A OD1   1 
ATOM   1083 N ND2   . ASN A 1 137 ? 1.584   10.554  10.271  1.00 12.09 ? 730  ASN A ND2   1 
ATOM   1084 N N     . VAL A 1 138 ? -1.346  7.585   9.612   1.00 14.42 ? 731  VAL A N     1 
ATOM   1085 C CA    . VAL A 1 138 ? -2.236  7.218   10.697  1.00 16.34 ? 731  VAL A CA    1 
ATOM   1086 C C     . VAL A 1 138 ? -2.199  5.680   10.893  1.00 17.21 ? 731  VAL A C     1 
ATOM   1087 O O     . VAL A 1 138 ? -2.143  5.183   12.031  1.00 14.20 ? 731  VAL A O     1 
ATOM   1088 C CB    . VAL A 1 138 ? -3.695  7.666   10.370  1.00 16.88 ? 731  VAL A CB    1 
ATOM   1089 C CG1   . VAL A 1 138 ? -4.735  6.868   11.227  1.00 23.20 ? 731  VAL A CG1   1 
ATOM   1090 C CG2   . VAL A 1 138 ? -3.846  9.187   10.540  1.00 24.12 ? 731  VAL A CG2   1 
ATOM   1091 N N     . LYS A 1 139 ? -2.276  4.943   9.786   1.00 17.01 ? 732  LYS A N     1 
ATOM   1092 C CA    . LYS A 1 139 ? -2.471  3.501   9.837   1.00 14.67 ? 732  LYS A CA    1 
ATOM   1093 C C     . LYS A 1 139 ? -1.302  2.816   10.486  1.00 16.51 ? 732  LYS A C     1 
ATOM   1094 O O     . LYS A 1 139 ? -1.478  1.822   11.176  1.00 15.77 ? 732  LYS A O     1 
ATOM   1095 C CB    . LYS A 1 139 ? -2.645  2.927   8.436   1.00 14.71 ? 732  LYS A CB    1 
ATOM   1096 C CG    . LYS A 1 139 ? -4.097  2.972   7.952   1.00 12.71 ? 732  LYS A CG    1 
ATOM   1097 C CD    . LYS A 1 139 ? -4.136  2.826   6.451   1.00 16.11 ? 732  LYS A CD    1 
ATOM   1098 C CE    . LYS A 1 139 ? -5.557  2.909   6.002   1.00 16.99 ? 732  LYS A CE    1 
ATOM   1099 N NZ    . LYS A 1 139 ? -5.648  2.705   4.562   1.00 22.10 ? 732  LYS A NZ    1 
ATOM   1100 N N     . VAL A 1 140 ? -0.090  3.322   10.267  1.00 11.43 ? 733  VAL A N     1 
ATOM   1101 C CA    . VAL A 1 140 ? 1.109   2.715   10.829  1.00 15.08 ? 733  VAL A CA    1 
ATOM   1102 C C     . VAL A 1 140 ? 1.515   3.348   12.180  1.00 15.42 ? 733  VAL A C     1 
ATOM   1103 O O     . VAL A 1 140 ? 2.567   3.045   12.725  1.00 21.77 ? 733  VAL A O     1 
ATOM   1104 C CB    . VAL A 1 140 ? 2.294   2.791   9.831   1.00 16.63 ? 733  VAL A CB    1 
ATOM   1105 C CG1   . VAL A 1 140 ? 1.935   2.070   8.508   1.00 14.01 ? 733  VAL A CG1   1 
ATOM   1106 C CG2   . VAL A 1 140 ? 2.754   4.253   9.585   1.00 14.54 ? 733  VAL A CG2   1 
ATOM   1107 N N     . GLY A 1 141 ? 0.639   4.203   12.703  1.00 16.22 ? 734  GLY A N     1 
ATOM   1108 C CA    . GLY A 1 141 ? 0.799   4.680   14.057  1.00 16.67 ? 734  GLY A CA    1 
ATOM   1109 C C     . GLY A 1 141 ? 1.420   6.045   14.208  1.00 17.35 ? 734  GLY A C     1 
ATOM   1110 O O     . GLY A 1 141 ? 1.770   6.470   15.318  1.00 18.11 ? 734  GLY A O     1 
ATOM   1111 N N     . GLY A 1 142 ? 1.548   6.753   13.100  1.00 15.37 ? 735  GLY A N     1 
ATOM   1112 C CA    . GLY A 1 142 ? 1.844   8.165   13.169  1.00 14.17 ? 735  GLY A CA    1 
ATOM   1113 C C     . GLY A 1 142 ? 0.641   8.989   13.598  1.00 15.49 ? 735  GLY A C     1 
ATOM   1114 O O     . GLY A 1 142 ? -0.438  8.465   13.849  1.00 15.17 ? 735  GLY A O     1 
ATOM   1115 N N     . ARG A 1 143 ? 0.851   10.312  13.578  1.00 15.75 ? 736  ARG A N     1 
ATOM   1116 C CA    . ARG A 1 143 ? -0.144  11.263  13.996  1.00 12.19 ? 736  ARG A CA    1 
ATOM   1117 C C     . ARG A 1 143 ? -0.162  12.467  13.051  1.00 14.00 ? 736  ARG A C     1 
ATOM   1118 O O     . ARG A 1 143 ? 0.865   12.953  12.720  1.00 14.19 ? 736  ARG A O     1 
ATOM   1119 C CB    . ARG A 1 143 ? 0.154   11.740  15.410  1.00 13.37 ? 736  ARG A CB    1 
ATOM   1120 C CG    . ARG A 1 143 ? -0.991  12.446  16.065  1.00 17.18 ? 736  ARG A CG    1 
ATOM   1121 C CD    . ARG A 1 143 ? -0.631  13.159  17.336  1.00 20.71 ? 736  ARG A CD    1 
ATOM   1122 N NE    . ARG A 1 143 ? -0.239  12.291  18.408  1.00 26.06 ? 736  ARG A NE    1 
ATOM   1123 C CZ    . ARG A 1 143 ? 0.502   12.629  19.443  1.00 24.49 ? 736  ARG A CZ    1 
ATOM   1124 N NH1   . ARG A 1 143 ? 1.034   13.804  19.567  1.00 25.06 ? 736  ARG A NH1   1 
ATOM   1125 N NH2   . ARG A 1 143 ? 0.747   11.737  20.342  1.00 25.03 ? 736  ARG A NH2   1 
ATOM   1126 N N     . ASN A 1 144 ? -1.406  12.891  12.696  1.00 12.22 ? 737  ASN A N     1 
ATOM   1127 C CA    . ASN A 1 144 ? -1.566  14.064  11.838  1.00 11.46 ? 737  ASN A CA    1 
ATOM   1128 C C     . ASN A 1 144 ? -2.209  15.222  12.541  1.00 14.04 ? 737  ASN A C     1 
ATOM   1129 O O     . ASN A 1 144 ? -2.846  15.036  13.559  1.00 13.41 ? 737  ASN A O     1 
ATOM   1130 C CB    . ASN A 1 144 ? -2.398  13.742  10.577  1.00 14.53 ? 737  ASN A CB    1 
ATOM   1131 C CG    . ASN A 1 144 ? -1.781  12.644  9.739   1.00 14.27 ? 737  ASN A CG    1 
ATOM   1132 O OD1   . ASN A 1 144 ? -0.557  12.506  9.683   1.00 12.63 ? 737  ASN A OD1   1 
ATOM   1133 N ND2   . ASN A 1 144 ? -2.623  11.897  9.039   1.00 13.61 ? 737  ASN A ND2   1 
ATOM   1134 N N     . THR A 1 145 ? -2.073  16.432  12.054  1.00 13.98 ? 738  THR A N     1 
ATOM   1135 C CA    . THR A 1 145 ? -2.711  17.606  12.597  1.00 12.92 ? 738  THR A CA    1 
ATOM   1136 C C     . THR A 1 145 ? -4.192  17.515  12.335  1.00 15.39 ? 738  THR A C     1 
ATOM   1137 O O     . THR A 1 145 ? -4.599  16.741  11.555  1.00 14.08 ? 738  THR A O     1 
ATOM   1138 C CB    . THR A 1 145 ? -2.211  18.913  11.925  1.00 13.32 ? 738  THR A CB    1 
ATOM   1139 O OG1   . THR A 1 145 ? -2.513  18.867  10.547  1.00 12.75 ? 738  THR A OG1   1 
ATOM   1140 C CG2   . THR A 1 145 ? -0.754  19.086  12.149  1.00 12.11 ? 738  THR A CG2   1 
ATOM   1141 N N     . VAL A 1 146 ? -4.968  18.321  13.031  1.00 13.54 ? 739  VAL A N     1 
ATOM   1142 C CA    . VAL A 1 146 ? -6.371  18.506  12.712  1.00 15.76 ? 739  VAL A CA    1 
ATOM   1143 C C     . VAL A 1 146 ? -6.625  19.931  12.208  1.00 17.61 ? 739  VAL A C     1 
ATOM   1144 O O     . VAL A 1 146 ? -5.841  20.848  12.487  1.00 18.51 ? 739  VAL A O     1 
ATOM   1145 C CB    . VAL A 1 146 ? -7.354  18.104  13.886  1.00 19.50 ? 739  VAL A CB    1 
ATOM   1146 C CG1   . VAL A 1 146 ? -7.116  16.649  14.300  1.00 15.76 ? 739  VAL A CG1   1 
ATOM   1147 C CG2   . VAL A 1 146 ? -7.234  19.014  15.082  1.00 17.23 ? 739  VAL A CG2   1 
ATOM   1148 N N     . LEU A 1 147 ? -7.701  20.084  11.442  1.00 15.70 ? 740  LEU A N     1 
ATOM   1149 C CA    . LEU A 1 147 ? -8.007  21.328  10.769  1.00 14.19 ? 740  LEU A CA    1 
ATOM   1150 C C     . LEU A 1 147 ? -8.612  22.336  11.747  1.00 23.50 ? 740  LEU A C     1 
ATOM   1151 O O     . LEU A 1 147 ? -8.680  23.525  11.446  1.00 21.13 ? 740  LEU A O     1 
ATOM   1152 C CB    . LEU A 1 147 ? -8.975  21.054  9.608   1.00 14.71 ? 740  LEU A CB    1 
ATOM   1153 C CG    . LEU A 1 147 ? -8.422  20.313  8.394   1.00 23.56 ? 740  LEU A CG    1 
ATOM   1154 C CD1   . LEU A 1 147 ? -9.455  20.377  7.288   1.00 19.52 ? 740  LEU A CD1   1 
ATOM   1155 C CD2   . LEU A 1 147 ? -7.129  21.001  7.981   1.00 19.45 ? 740  LEU A CD2   1 
ATOM   1156 O OXT   . LEU A 1 147 ? -9.026  22.013  12.862  1.00 19.02 ? 740  LEU A OXT   1 
HETATM 1157 N N1    . U5P B 2 .   ? -12.818 1.865   -2.032  1.00 20.59 ? 801  U5P A N1    1 
HETATM 1158 C C2    . U5P B 2 .   ? -13.331 0.764   -2.855  1.00 22.54 ? 801  U5P A C2    1 
HETATM 1159 N N3    . U5P B 2 .   ? -14.402 -0.112  -2.322  1.00 19.46 ? 801  U5P A N3    1 
HETATM 1160 C C4    . U5P B 2 .   ? -15.059 0.210   -1.072  1.00 21.58 ? 801  U5P A C4    1 
HETATM 1161 C C5    . U5P B 2 .   ? -14.483 1.275   -0.169  1.00 21.99 ? 801  U5P A C5    1 
HETATM 1162 C C6    . U5P B 2 .   ? -13.330 2.107   -0.675  1.00 19.78 ? 801  U5P A C6    1 
HETATM 1163 O O2    . U5P B 2 .   ? -12.822 0.531   -3.942  1.00 19.20 ? 801  U5P A O2    1 
HETATM 1164 O O4    . U5P B 2 .   ? -16.035 -0.437  -0.728  1.00 23.58 ? 801  U5P A O4    1 
HETATM 1165 C "C1'" . U5P B 2 .   ? -11.691 2.678   -2.355  1.00 20.38 ? 801  U5P A "C1'" 1 
HETATM 1166 C "C2'" . U5P B 2 .   ? -11.909 4.123   -2.220  1.00 26.00 ? 801  U5P A "C2'" 1 
HETATM 1167 O "O2'" . U5P B 2 .   ? -12.608 4.751   -3.254  1.00 31.17 ? 801  U5P A "O2'" 1 
HETATM 1168 C "C3'" . U5P B 2 .   ? -10.559 4.655   -1.920  1.00 27.13 ? 801  U5P A "C3'" 1 
HETATM 1169 C "C4'" . U5P B 2 .   ? -9.826  3.520   -1.274  1.00 19.11 ? 801  U5P A "C4'" 1 
HETATM 1170 O "O3'" . U5P B 2 .   ? -9.933  5.791   -2.591  1.00 40.14 ? 801  U5P A "O3'" 1 
HETATM 1171 O "O4'" . U5P B 2 .   ? -10.513 2.323   -1.605  1.00 17.05 ? 801  U5P A "O4'" 1 
HETATM 1172 C "C5'" . U5P B 2 .   ? -9.133  3.632   0.048   1.00 24.11 ? 801  U5P A "C5'" 1 
HETATM 1173 O "O5'" . U5P B 2 .   ? -8.625  2.441   0.516   1.00 19.12 ? 801  U5P A "O5'" 1 
HETATM 1174 P P     . U5P B 2 .   ? -8.245  2.274   2.019   1.00 23.79 ? 801  U5P A P     1 
HETATM 1175 O O1P   . U5P B 2 .   ? -7.721  3.566   2.590   1.00 18.05 ? 801  U5P A O1P   1 
HETATM 1176 O O2P   . U5P B 2 .   ? -9.531  1.872   2.789   1.00 20.89 ? 801  U5P A O2P   1 
HETATM 1177 O O3P   . U5P B 2 .   ? -7.168  1.152   2.122   1.00 13.51 ? 801  U5P A O3P   1 
HETATM 1178 O O     . HOH C 3 .   ? 0.566   -6.284  -14.721 1.00 15.53 ? 901  HOH A O     1 
HETATM 1179 O O     . HOH C 3 .   ? 4.736   -7.647  -3.970  1.00 14.56 ? 902  HOH A O     1 
HETATM 1180 O O     . HOH C 3 .   ? 10.721  6.769   0.368   1.00 18.18 ? 903  HOH A O     1 
HETATM 1181 O O     . HOH C 3 .   ? 5.928   -4.413  -4.417  1.00 12.39 ? 904  HOH A O     1 
HETATM 1182 O O     . HOH C 3 .   ? 16.069  -9.397  13.150  1.00 15.23 ? 905  HOH A O     1 
HETATM 1183 O O     . HOH C 3 .   ? 10.365  -2.539  1.819   1.00 14.05 ? 906  HOH A O     1 
HETATM 1184 O O     . HOH C 3 .   ? 9.636   17.034  5.992   1.00 14.11 ? 907  HOH A O     1 
HETATM 1185 O O     . HOH C 3 .   ? -5.886  11.481  -8.659  1.00 29.54 ? 908  HOH A O     1 
HETATM 1186 O O     . HOH C 3 .   ? 5.941   -1.732  -5.790  1.00 18.27 ? 909  HOH A O     1 
HETATM 1187 O O     . HOH C 3 .   ? -4.641  22.772  10.881  1.00 23.10 ? 910  HOH A O     1 
HETATM 1188 O O     . HOH C 3 .   ? 1.410   -9.343  10.296  1.00 18.24 ? 911  HOH A O     1 
HETATM 1189 O O     . HOH C 3 .   ? -13.092 -0.783  -13.206 1.00 25.41 ? 912  HOH A O     1 
HETATM 1190 O O     . HOH C 3 .   ? 3.648   16.549  6.749   1.00 13.17 ? 913  HOH A O     1 
HETATM 1191 O O     . HOH C 3 .   ? -1.179  17.648  3.231   1.00 20.08 ? 914  HOH A O     1 
HETATM 1192 O O     . HOH C 3 .   ? 2.667   -6.324  -11.411 1.00 24.10 ? 915  HOH A O     1 
HETATM 1193 O O     . HOH C 3 .   ? 5.119   3.726   12.668  1.00 17.45 ? 916  HOH A O     1 
HETATM 1194 O O     . HOH C 3 .   ? 10.337  -12.213 10.444  1.00 20.39 ? 917  HOH A O     1 
HETATM 1195 O O     . HOH C 3 .   ? -3.750  11.585  13.470  1.00 14.73 ? 918  HOH A O     1 
HETATM 1196 O O     . HOH C 3 .   ? -10.403 0.237   -13.416 1.00 24.08 ? 919  HOH A O     1 
HETATM 1197 O O     . HOH C 3 .   ? 11.501  -13.487 8.277   1.00 18.86 ? 920  HOH A O     1 
HETATM 1198 O O     . HOH C 3 .   ? -3.435  16.902  1.564   1.00 18.88 ? 921  HOH A O     1 
HETATM 1199 O O     . HOH C 3 .   ? 10.748  6.544   -3.565  1.00 26.23 ? 922  HOH A O     1 
HETATM 1200 O O     . HOH C 3 .   ? -15.987 -4.677  -1.529  1.00 18.23 ? 923  HOH A O     1 
HETATM 1201 O O     . HOH C 3 .   ? 8.996   -5.264  11.973  1.00 14.26 ? 924  HOH A O     1 
HETATM 1202 O O     . HOH C 3 .   ? -4.708  -16.379 10.017  1.00 26.85 ? 925  HOH A O     1 
HETATM 1203 O O     . HOH C 3 .   ? 2.324   -1.210  10.053  1.00 20.36 ? 926  HOH A O     1 
HETATM 1204 O O     . HOH C 3 .   ? 5.002   17.905  9.234   1.00 28.60 ? 927  HOH A O     1 
HETATM 1205 O O     . HOH C 3 .   ? -7.732  -17.633 -4.010  1.00 26.75 ? 928  HOH A O     1 
HETATM 1206 O O     . HOH C 3 .   ? -6.441  1.853   -20.204 1.00 36.00 ? 929  HOH A O     1 
HETATM 1207 O O     . HOH C 3 .   ? -6.107  14.042  11.586  1.00 28.48 ? 930  HOH A O     1 
HETATM 1208 O O     . HOH C 3 .   ? -14.113 -6.134  5.048   1.00 23.73 ? 931  HOH A O     1 
HETATM 1209 O O     . HOH C 3 .   ? 16.389  0.391   0.267   1.00 28.25 ? 932  HOH A O     1 
HETATM 1210 O O     . HOH C 3 .   ? -9.821  -15.755 -3.657  1.00 22.51 ? 933  HOH A O     1 
HETATM 1211 O O     . HOH C 3 .   ? -5.139  13.533  14.515  1.00 22.33 ? 934  HOH A O     1 
HETATM 1212 O O     . HOH C 3 .   ? 10.627  -3.243  -7.206  1.00 27.89 ? 935  HOH A O     1 
HETATM 1213 O O     . HOH C 3 .   ? 5.471   12.111  -4.659  1.00 22.16 ? 936  HOH A O     1 
HETATM 1214 O O     . HOH C 3 .   ? -15.415 -1.862  -3.873  1.00 22.83 ? 937  HOH A O     1 
HETATM 1215 O O     . HOH C 3 .   ? -7.392  8.651   -14.357 1.00 27.69 ? 938  HOH A O     1 
HETATM 1216 O O     . HOH C 3 .   ? 9.330   -6.628  14.500  1.00 21.13 ? 939  HOH A O     1 
HETATM 1217 O O     . HOH C 3 .   ? 6.480   -3.941  11.765  1.00 28.22 ? 940  HOH A O     1 
HETATM 1218 O O     . HOH C 3 .   ? 14.309  -5.794  4.886   1.00 32.11 ? 941  HOH A O     1 
HETATM 1219 O O     . HOH C 3 .   ? -0.334  23.028  10.311  1.00 30.46 ? 942  HOH A O     1 
HETATM 1220 O O     . HOH C 3 .   ? -13.239 -3.384  -13.506 1.00 40.95 ? 943  HOH A O     1 
HETATM 1221 O O     . HOH C 3 .   ? -5.661  -3.847  6.454   1.00 14.78 ? 944  HOH A O     1 
HETATM 1222 O O     . HOH C 3 .   ? -15.868 -0.831  -6.614  1.00 30.83 ? 945  HOH A O     1 
HETATM 1223 O O     . HOH C 3 .   ? -5.950  6.474   7.524   1.00 26.71 ? 946  HOH A O     1 
HETATM 1224 O O     . HOH C 3 .   ? -9.716  15.230  11.967  1.00 30.48 ? 947  HOH A O     1 
HETATM 1225 O O     . HOH C 3 .   ? -0.794  20.034  1.394   1.00 27.95 ? 948  HOH A O     1 
HETATM 1226 O O     . HOH C 3 .   ? -6.506  24.517  10.081  1.00 29.39 ? 949  HOH A O     1 
HETATM 1227 O O     . HOH C 3 .   ? -2.403  21.535  9.653   1.00 16.12 ? 950  HOH A O     1 
HETATM 1228 O O     . HOH C 3 .   ? 14.790  -7.450  7.240   1.00 24.27 ? 951  HOH A O     1 
HETATM 1229 O O     . HOH C 3 .   ? 14.035  -17.441 10.633  1.00 30.51 ? 952  HOH A O     1 
HETATM 1230 O O     . HOH C 3 .   ? -10.821 -11.237 -13.569 1.00 36.56 ? 953  HOH A O     1 
HETATM 1231 O O     . HOH C 3 .   ? 7.149   -16.416 6.719   1.00 35.68 ? 954  HOH A O     1 
HETATM 1232 O O     . HOH C 3 .   ? 8.027   6.355   13.461  1.00 28.94 ? 955  HOH A O     1 
HETATM 1233 O O     . HOH C 3 .   ? 15.820  -5.448  8.887   1.00 26.65 ? 956  HOH A O     1 
HETATM 1234 O O     . HOH C 3 .   ? -3.837  0.308   -19.369 1.00 21.60 ? 957  HOH A O     1 
HETATM 1235 O O     . HOH C 3 .   ? -9.312  17.823  11.021  1.00 15.83 ? 958  HOH A O     1 
HETATM 1236 O O     . HOH C 3 .   ? -1.571  17.878  -7.509  1.00 29.95 ? 959  HOH A O     1 
HETATM 1237 O O     . HOH C 3 .   ? 1.343   14.085  3.253   1.00 21.78 ? 960  HOH A O     1 
HETATM 1238 O O     . HOH C 3 .   ? 1.390   -4.329  9.242   1.00 18.03 ? 961  HOH A O     1 
HETATM 1239 O O     . HOH C 3 .   ? -0.192  -13.635 -9.633  1.00 28.69 ? 962  HOH A O     1 
HETATM 1240 O O     . HOH C 3 .   ? 11.561  4.548   -4.918  1.00 26.33 ? 963  HOH A O     1 
HETATM 1241 O O     . HOH C 3 .   ? 4.383   7.977   15.940  1.00 32.29 ? 964  HOH A O     1 
HETATM 1242 O O     . HOH C 3 .   ? 11.792  -4.738  15.239  1.00 29.93 ? 965  HOH A O     1 
HETATM 1243 O O     . HOH C 3 .   ? 5.935   1.330   -18.424 1.00 34.96 ? 966  HOH A O     1 
HETATM 1244 O O     . HOH C 3 .   ? -3.368  24.772  12.638  1.00 24.12 ? 967  HOH A O     1 
HETATM 1245 O O     . HOH C 3 .   ? 3.500   19.109  11.836  1.00 32.76 ? 968  HOH A O     1 
HETATM 1246 O O     . HOH C 3 .   ? -7.427  1.793   9.050   1.00 27.46 ? 969  HOH A O     1 
HETATM 1247 O O     . HOH C 3 .   ? -5.328  2.831   12.846  1.00 36.96 ? 970  HOH A O     1 
HETATM 1248 O O     . HOH C 3 .   ? -3.834  0.613   11.718  1.00 18.58 ? 971  HOH A O     1 
HETATM 1249 O O     . HOH C 3 .   ? 4.008   -5.371  12.306  1.00 35.56 ? 972  HOH A O     1 
HETATM 1250 O O     . HOH C 3 .   ? 14.867  -2.728  1.239   1.00 31.89 ? 973  HOH A O     1 
HETATM 1251 O O     . HOH C 3 .   ? 12.576  -4.130  2.399   1.00 25.38 ? 974  HOH A O     1 
HETATM 1252 O O     . HOH C 3 .   ? 5.148   15.158  18.710  1.00 31.05 ? 975  HOH A O     1 
HETATM 1253 O O     . HOH C 3 .   ? 9.542   -3.634  9.279   1.00 19.47 ? 976  HOH A O     1 
HETATM 1254 O O     . HOH C 3 .   ? -8.392  -3.086  -20.113 1.00 27.28 ? 977  HOH A O     1 
HETATM 1255 O O     . HOH C 3 .   ? -13.185 -5.937  -11.359 1.00 42.53 ? 978  HOH A O     1 
HETATM 1256 O O     . HOH C 3 .   ? -13.145 -7.378  -8.605  1.00 27.28 ? 979  HOH A O     1 
HETATM 1257 O O     . HOH C 3 .   ? -17.974 -2.305  -7.910  1.00 38.54 ? 980  HOH A O     1 
HETATM 1258 O O     . HOH C 3 .   ? -7.719  7.257   -0.546  1.00 23.89 ? 981  HOH A O     1 
HETATM 1259 O O     . HOH C 3 .   ? 4.719   -14.466 -4.148  1.00 27.46 ? 982  HOH A O     1 
HETATM 1260 O O     . HOH C 3 .   ? 2.813   -7.902  8.447   1.00 17.45 ? 983  HOH A O     1 
HETATM 1261 O O     . HOH C 3 .   ? 0.201   17.029  -9.283  1.00 32.73 ? 984  HOH A O     1 
HETATM 1262 O O     . HOH C 3 .   ? -6.949  9.992   -0.220  1.00 30.12 ? 985  HOH A O     1 
HETATM 1263 O O     . HOH C 3 .   ? 4.526   -6.741  14.582  1.00 31.68 ? 986  HOH A O     1 
HETATM 1264 O O     . HOH C 3 .   ? 14.329  -6.985  -0.308  1.00 33.12 ? 987  HOH A O     1 
HETATM 1265 O O     . HOH C 3 .   ? 5.195   19.258  6.892   1.00 31.16 ? 988  HOH A O     1 
HETATM 1266 O O     . HOH C 3 .   ? -7.297  4.487   8.813   1.00 27.89 ? 989  HOH A O     1 
HETATM 1267 O O     . HOH C 3 .   ? 6.576   -1.298  -19.143 1.00 25.19 ? 990  HOH A O     1 
HETATM 1268 O O     . HOH C 3 .   ? 8.037   0.343   -6.455  1.00 19.67 ? 991  HOH A O     1 
HETATM 1269 O O     . HOH C 3 .   ? 4.199   -12.744 10.199  1.00 22.84 ? 992  HOH A O     1 
HETATM 1270 O O     . HOH C 3 .   ? 6.679   -8.263  -13.639 1.00 26.16 ? 993  HOH A O     1 
HETATM 1271 O O     . HOH C 3 .   ? 16.212  -13.079 2.759   1.00 29.68 ? 994  HOH A O     1 
HETATM 1272 O O     . HOH C 3 .   ? 7.320   -6.479  -10.977 1.00 26.07 ? 995  HOH A O     1 
HETATM 1273 O O     . HOH C 3 .   ? 9.736   15.825  8.529   1.00 29.64 ? 996  HOH A O     1 
HETATM 1274 O O     . HOH C 3 .   ? -2.258  6.527   14.236  1.00 27.05 ? 997  HOH A O     1 
HETATM 1275 O O     . HOH C 3 .   ? -6.301  5.609   -2.291  1.00 21.93 ? 998  HOH A O     1 
HETATM 1276 O O     . HOH C 3 .   ? 5.671   17.706  14.633  1.00 33.52 ? 999  HOH A O     1 
HETATM 1277 O O     . HOH C 3 .   ? 12.578  -15.791 9.295   1.00 33.27 ? 1000 HOH A O     1 
HETATM 1278 O O     . HOH C 3 .   ? -5.531  11.945  9.026   1.00 28.33 ? 1001 HOH A O     1 
HETATM 1279 O O     . HOH C 3 .   ? -10.133 -5.868  -16.336 1.00 37.71 ? 1002 HOH A O     1 
HETATM 1280 O O     . HOH C 3 .   ? -8.774  -6.560  -12.991 1.00 29.17 ? 1003 HOH A O     1 
HETATM 1281 O O     . HOH C 3 .   ? 1.247   13.869  22.814  1.00 28.43 ? 1004 HOH A O     1 
HETATM 1282 O O     . HOH C 3 .   ? 15.123  -15.883 5.438   1.00 33.70 ? 1005 HOH A O     1 
HETATM 1283 O O     . HOH C 3 .   ? -7.412  -16.428 11.244  1.00 37.36 ? 1006 HOH A O     1 
HETATM 1284 O O     . HOH C 3 .   ? 0.631   -14.476 -7.304  1.00 27.74 ? 1007 HOH A O     1 
HETATM 1285 O O     . HOH C 3 .   ? -9.152  9.624   6.363   1.00 33.92 ? 1008 HOH A O     1 
HETATM 1286 O O     . HOH C 3 .   ? 14.049  -3.837  8.371   1.00 32.53 ? 1009 HOH A O     1 
HETATM 1287 O O     . HOH C 3 .   ? -8.501  5.940   11.240  1.00 43.49 ? 1010 HOH A O     1 
HETATM 1288 O O     . HOH C 3 .   ? 10.873  -18.080 7.750   1.00 35.50 ? 1011 HOH A O     1 
HETATM 1289 O O     . HOH C 3 .   ? -12.067 6.607   0.638   1.00 34.86 ? 1012 HOH A O     1 
HETATM 1290 O O     . HOH C 3 .   ? 2.170   -3.813  11.459  1.00 35.48 ? 1013 HOH A O     1 
HETATM 1291 O O     . HOH C 3 .   ? 8.600   -11.327 -7.567  1.00 34.82 ? 1014 HOH A O     1 
HETATM 1292 O O     . HOH C 3 .   ? 11.991  -18.878 10.968  1.00 44.33 ? 1015 HOH A O     1 
HETATM 1293 O O     . HOH C 3 .   ? 5.067   -9.772  8.005   1.00 14.90 ? 1016 HOH A O     1 
HETATM 1294 O O     . HOH C 3 .   ? -10.582 16.823  8.633   1.00 27.73 ? 1017 HOH A O     1 
HETATM 1295 O O     . HOH C 3 .   ? 13.271  -7.749  -4.244  1.00 28.11 ? 1018 HOH A O     1 
HETATM 1296 O O     . HOH C 3 .   ? 14.224  -4.109  -1.112  1.00 34.46 ? 1019 HOH A O     1 
HETATM 1297 O O     . HOH C 3 .   ? 5.347   5.043   14.807  1.00 29.59 ? 1020 HOH A O     1 
HETATM 1298 O O     . HOH C 3 .   ? -4.969  25.510  2.730   1.00 39.58 ? 1021 HOH A O     1 
HETATM 1299 O O     . HOH C 3 .   ? 12.085  -5.558  -4.570  1.00 31.35 ? 1022 HOH A O     1 
HETATM 1300 O O     . HOH C 3 .   ? -13.228 -6.631  7.403   1.00 31.46 ? 1023 HOH A O     1 
HETATM 1301 O O     . HOH C 3 .   ? 3.401   -13.175 12.629  1.00 33.14 ? 1024 HOH A O     1 
HETATM 1302 O O     . HOH C 3 .   ? 8.386   -13.279 11.405  1.00 33.53 ? 1025 HOH A O     1 
HETATM 1303 O O     . HOH C 3 .   ? -4.471  18.959  -7.272  1.00 36.20 ? 1026 HOH A O     1 
HETATM 1304 O O     . HOH C 3 .   ? 5.680   -18.776 -4.133  1.00 39.54 ? 1027 HOH A O     1 
HETATM 1305 O O     . HOH C 3 .   ? -13.153 4.871   -13.934 1.00 34.98 ? 1028 HOH A O     1 
HETATM 1306 O O     . HOH C 3 .   ? -17.525 -8.496  -7.022  1.00 34.23 ? 1029 HOH A O     1 
HETATM 1307 O O     . HOH C 3 .   ? 2.035   -14.186 -11.049 1.00 39.70 ? 1030 HOH A O     1 
HETATM 1308 O O     . HOH C 3 .   ? 3.050   20.011  14.212  1.00 34.33 ? 1031 HOH A O     1 
HETATM 1309 O O     . HOH C 3 .   ? -7.954  5.264   -4.378  1.00 22.17 ? 1032 HOH A O     1 
HETATM 1310 O O     . HOH C 3 .   ? -11.811 7.558   -4.308  1.00 25.91 ? 1033 HOH A O     1 
HETATM 1311 O O     . HOH C 3 .   ? -16.426 -8.845  4.453   1.00 42.06 ? 1034 HOH A O     1 
HETATM 1312 O O     . HOH C 3 .   ? -9.009  2.171   5.459   1.00 26.44 ? 1035 HOH A O     1 
HETATM 1313 O O     . HOH C 3 .   ? -5.668  -0.223  9.645   1.00 24.55 ? 1036 HOH A O     1 
HETATM 1314 O O     . HOH C 3 .   ? 13.294  3.357   5.647   1.00 21.95 ? 1037 HOH A O     1 
HETATM 1315 O O     . HOH C 3 .   ? -7.754  -2.174  7.796   1.00 23.93 ? 1038 HOH A O     1 
HETATM 1316 O O     . HOH C 3 .   ? -7.565  -0.244  6.100   1.00 16.80 ? 1039 HOH A O     1 
HETATM 1317 O O     . HOH C 3 .   ? -4.859  -0.726  7.121   1.00 17.37 ? 1040 HOH A O     1 
HETATM 1318 O O     . HOH C 3 .   ? 2.335   -19.727 1.288   1.00 29.93 ? 1041 HOH A O     1 
HETATM 1319 O O     . HOH C 3 .   ? 10.192  -18.709 1.861   1.00 29.93 ? 1042 HOH A O     1 
HETATM 1320 O O     . HOH C 3 .   ? -4.403  20.786  -3.632  1.00 29.93 ? 1043 HOH A O     1 
HETATM 1321 O O     . HOH C 3 .   ? 0.552   24.423  7.305   1.00 29.93 ? 1044 HOH A O     1 
HETATM 1322 O O     . HOH C 3 .   ? -12.938 4.210   1.723   1.00 29.93 ? 1045 HOH A O     1 
HETATM 1323 O O     . HOH C 3 .   ? 4.980   0.075   11.131  1.00 29.93 ? 1046 HOH A O     1 
HETATM 1324 O O     . HOH C 3 .   ? 0.653   -16.460 4.735   1.00 30.07 ? 1047 HOH A O     1 
HETATM 1325 O O     . HOH C 3 .   ? 6.925   13.593  -3.255  1.00 30.07 ? 1048 HOH A O     1 
HETATM 1326 O O     . HOH C 3 .   ? 6.363   16.472  -2.897  1.00 30.07 ? 1049 HOH A O     1 
HETATM 1327 O O     . HOH C 3 .   ? 2.786   17.746  -0.010  1.00 30.07 ? 1050 HOH A O     1 
HETATM 1328 O O     . HOH C 3 .   ? 0.748   23.383  2.173   1.00 30.07 ? 1051 HOH A O     1 
HETATM 1329 O O     . HOH C 3 .   ? -10.968 -14.159 5.765   1.00 30.07 ? 1052 HOH A O     1 
HETATM 1330 O O     . HOH C 3 .   ? -5.775  -17.771 7.976   1.00 30.07 ? 1053 HOH A O     1 
HETATM 1331 O O     . HOH C 3 .   ? -3.541  10.562  -8.658  1.00 30.07 ? 1054 HOH A O     1 
HETATM 1332 O O     . HOH C 3 .   ? -15.274 2.794   -4.440  1.00 30.07 ? 1055 HOH A O     1 
HETATM 1333 O O     . HOH C 3 .   ? 12.381  4.819   12.113  1.00 30.07 ? 1056 HOH A O     1 
HETATM 1334 O O     . HOH C 3 .   ? -13.337 -14.078 -3.529  1.00 30.02 ? 1057 HOH A O     1 
HETATM 1335 O O     . HOH C 3 .   ? -16.454 -7.610  -9.572  1.00 30.02 ? 1058 HOH A O     1 
HETATM 1336 O O     . HOH C 3 .   ? -14.005 -3.490  5.035   1.00 30.02 ? 1059 HOH A O     1 
HETATM 1337 O O     . HOH C 3 .   ? -15.745 -3.395  3.045   1.00 30.02 ? 1060 HOH A O     1 
HETATM 1338 O O     . HOH C 3 .   ? -16.761 -8.045  0.273   1.00 30.02 ? 1061 HOH A O     1 
# 
